data_2Z9C
# 
_entry.id   2Z9C 
# 
_audit_conform.dict_name       mmcif_pdbx.dic 
_audit_conform.dict_version    5.380 
_audit_conform.dict_location   http://mmcif.pdb.org/dictionaries/ascii/mmcif_pdbx.dic 
# 
loop_
_database_2.database_id 
_database_2.database_code 
_database_2.pdbx_database_accession 
_database_2.pdbx_DOI 
PDB   2Z9C         pdb_00002z9c 10.2210/pdb2z9c/pdb 
RCSB  RCSB027684   ?            ?                   
WWPDB D_1000027684 ?            ?                   
# 
loop_
_pdbx_database_related.db_name 
_pdbx_database_related.db_id 
_pdbx_database_related.details 
_pdbx_database_related.content_type 
PDB 2Z98 . unspecified 
PDB 2Z9B . unspecified 
PDB 2Z9D . unspecified 
# 
_pdbx_database_status.status_code                     REL 
_pdbx_database_status.entry_id                        2Z9C 
_pdbx_database_status.recvd_initial_deposition_date   2007-09-18 
_pdbx_database_status.deposit_site                    PDBJ 
_pdbx_database_status.process_site                    PDBJ 
_pdbx_database_status.status_code_sf                  REL 
_pdbx_database_status.status_code_mr                  ? 
_pdbx_database_status.SG_entry                        ? 
_pdbx_database_status.pdb_format_compatible           Y 
_pdbx_database_status.status_code_cs                  ? 
_pdbx_database_status.status_code_nmr_data            ? 
_pdbx_database_status.methods_development_category    ? 
# 
_audit_author.name           'Ito, K.' 
_audit_author.pdbx_ordinal   1 
# 
_citation.id                        primary 
_citation.title                     
'Expansion of Substrate Specificity and Catalytic Mechanism of Azoreductase by X-ray Crystallography and Site-directed Mutagenesis' 
_citation.journal_abbrev            J.Biol.Chem. 
_citation.journal_volume            283 
_citation.page_first                13889 
_citation.page_last                 13896 
_citation.year                      2008 
_citation.journal_id_ASTM           JBCHA3 
_citation.country                   US 
_citation.journal_id_ISSN           0021-9258 
_citation.journal_id_CSD            0071 
_citation.book_publisher            ? 
_citation.pdbx_database_id_PubMed   18337254 
_citation.pdbx_database_id_DOI      10.1074/jbc.M710070200 
# 
loop_
_citation_author.citation_id 
_citation_author.name 
_citation_author.ordinal 
_citation_author.identifier_ORCID 
primary 'Ito, K.'       1 ? 
primary 'Nakanishi, M.' 2 ? 
primary 'Lee, W.C.'     3 ? 
primary 'Zhi, Y.'       4 ? 
primary 'Sasaki, H.'    5 ? 
primary 'Zenno, S.'     6 ? 
primary 'Saigo, K.'     7 ? 
primary 'Kitade, Y.'    8 ? 
primary 'Tanokura, M.'  9 ? 
# 
_cell.entry_id           2Z9C 
_cell.length_a           95.500 
_cell.length_b           95.500 
_cell.length_c           54.497 
_cell.angle_alpha        90.00 
_cell.angle_beta         90.00 
_cell.angle_gamma        90.00 
_cell.Z_PDB              8 
_cell.pdbx_unique_axis   ? 
_cell.length_a_esd       ? 
_cell.length_b_esd       ? 
_cell.length_c_esd       ? 
_cell.angle_alpha_esd    ? 
_cell.angle_beta_esd     ? 
_cell.angle_gamma_esd    ? 
# 
_symmetry.entry_id                         2Z9C 
_symmetry.space_group_name_H-M             'P 4 21 2' 
_symmetry.pdbx_full_space_group_name_H-M   ? 
_symmetry.cell_setting                     ? 
_symmetry.Int_Tables_number                90 
_symmetry.space_group_name_Hall            ? 
# 
loop_
_entity.id 
_entity.type 
_entity.src_method 
_entity.pdbx_description 
_entity.formula_weight 
_entity.pdbx_number_of_molecules 
_entity.pdbx_ec 
_entity.pdbx_mutation 
_entity.pdbx_fragment 
_entity.details 
1 polymer     man 'FMN-dependent NADH-azoreductase'                   21547.443 1  1.7.1.6 ? ? ? 
2 non-polymer syn 'FLAVIN MONONUCLEOTIDE'                             456.344   1  ?       ? ? ? 
3 non-polymer syn 'BISHYDROXY[2H-1-BENZOPYRAN-2-ONE,1,2-BENZOPYRONE]' 336.295   1  ?       ? ? ? 
4 non-polymer syn GLYCEROL                                            92.094    1  ?       ? ? ? 
5 water       nat water                                               18.015    68 ?       ? ? ? 
# 
_entity_name_com.entity_id   1 
_entity_name_com.name        'FMN-dependent NADH-azo compound oxidoreductase, Azo-dye reductase' 
# 
_entity_poly.entity_id                      1 
_entity_poly.type                           'polypeptide(L)' 
_entity_poly.nstd_linkage                   no 
_entity_poly.nstd_monomer                   no 
_entity_poly.pdbx_seq_one_letter_code       
;SKVLVLKSSILAGYSQSNQLSDYFVEQWREKHSADEITVRDLAANPIPVLDGELVGALRPSDAPLTPRQQEALALSDELI
AELKAHDVIVIAAPMYNFNISTQLKNYFDLVARAGVTFRYTENGPEGLVTGKKAIVITSRGGIHKDGPTDLVTPYLSTFL
GFIGITDVKFVFAEGIAYGPEMAAKAQSDAKAAIDSIVSA
;
_entity_poly.pdbx_seq_one_letter_code_can   
;SKVLVLKSSILAGYSQSNQLSDYFVEQWREKHSADEITVRDLAANPIPVLDGELVGALRPSDAPLTPRQQEALALSDELI
AELKAHDVIVIAAPMYNFNISTQLKNYFDLVARAGVTFRYTENGPEGLVTGKKAIVITSRGGIHKDGPTDLVTPYLSTFL
GFIGITDVKFVFAEGIAYGPEMAAKAQSDAKAAIDSIVSA
;
_entity_poly.pdbx_strand_id                 A 
_entity_poly.pdbx_target_identifier         ? 
# 
loop_
_entity_poly_seq.entity_id 
_entity_poly_seq.num 
_entity_poly_seq.mon_id 
_entity_poly_seq.hetero 
1 1   SER n 
1 2   LYS n 
1 3   VAL n 
1 4   LEU n 
1 5   VAL n 
1 6   LEU n 
1 7   LYS n 
1 8   SER n 
1 9   SER n 
1 10  ILE n 
1 11  LEU n 
1 12  ALA n 
1 13  GLY n 
1 14  TYR n 
1 15  SER n 
1 16  GLN n 
1 17  SER n 
1 18  ASN n 
1 19  GLN n 
1 20  LEU n 
1 21  SER n 
1 22  ASP n 
1 23  TYR n 
1 24  PHE n 
1 25  VAL n 
1 26  GLU n 
1 27  GLN n 
1 28  TRP n 
1 29  ARG n 
1 30  GLU n 
1 31  LYS n 
1 32  HIS n 
1 33  SER n 
1 34  ALA n 
1 35  ASP n 
1 36  GLU n 
1 37  ILE n 
1 38  THR n 
1 39  VAL n 
1 40  ARG n 
1 41  ASP n 
1 42  LEU n 
1 43  ALA n 
1 44  ALA n 
1 45  ASN n 
1 46  PRO n 
1 47  ILE n 
1 48  PRO n 
1 49  VAL n 
1 50  LEU n 
1 51  ASP n 
1 52  GLY n 
1 53  GLU n 
1 54  LEU n 
1 55  VAL n 
1 56  GLY n 
1 57  ALA n 
1 58  LEU n 
1 59  ARG n 
1 60  PRO n 
1 61  SER n 
1 62  ASP n 
1 63  ALA n 
1 64  PRO n 
1 65  LEU n 
1 66  THR n 
1 67  PRO n 
1 68  ARG n 
1 69  GLN n 
1 70  GLN n 
1 71  GLU n 
1 72  ALA n 
1 73  LEU n 
1 74  ALA n 
1 75  LEU n 
1 76  SER n 
1 77  ASP n 
1 78  GLU n 
1 79  LEU n 
1 80  ILE n 
1 81  ALA n 
1 82  GLU n 
1 83  LEU n 
1 84  LYS n 
1 85  ALA n 
1 86  HIS n 
1 87  ASP n 
1 88  VAL n 
1 89  ILE n 
1 90  VAL n 
1 91  ILE n 
1 92  ALA n 
1 93  ALA n 
1 94  PRO n 
1 95  MET n 
1 96  TYR n 
1 97  ASN n 
1 98  PHE n 
1 99  ASN n 
1 100 ILE n 
1 101 SER n 
1 102 THR n 
1 103 GLN n 
1 104 LEU n 
1 105 LYS n 
1 106 ASN n 
1 107 TYR n 
1 108 PHE n 
1 109 ASP n 
1 110 LEU n 
1 111 VAL n 
1 112 ALA n 
1 113 ARG n 
1 114 ALA n 
1 115 GLY n 
1 116 VAL n 
1 117 THR n 
1 118 PHE n 
1 119 ARG n 
1 120 TYR n 
1 121 THR n 
1 122 GLU n 
1 123 ASN n 
1 124 GLY n 
1 125 PRO n 
1 126 GLU n 
1 127 GLY n 
1 128 LEU n 
1 129 VAL n 
1 130 THR n 
1 131 GLY n 
1 132 LYS n 
1 133 LYS n 
1 134 ALA n 
1 135 ILE n 
1 136 VAL n 
1 137 ILE n 
1 138 THR n 
1 139 SER n 
1 140 ARG n 
1 141 GLY n 
1 142 GLY n 
1 143 ILE n 
1 144 HIS n 
1 145 LYS n 
1 146 ASP n 
1 147 GLY n 
1 148 PRO n 
1 149 THR n 
1 150 ASP n 
1 151 LEU n 
1 152 VAL n 
1 153 THR n 
1 154 PRO n 
1 155 TYR n 
1 156 LEU n 
1 157 SER n 
1 158 THR n 
1 159 PHE n 
1 160 LEU n 
1 161 GLY n 
1 162 PHE n 
1 163 ILE n 
1 164 GLY n 
1 165 ILE n 
1 166 THR n 
1 167 ASP n 
1 168 VAL n 
1 169 LYS n 
1 170 PHE n 
1 171 VAL n 
1 172 PHE n 
1 173 ALA n 
1 174 GLU n 
1 175 GLY n 
1 176 ILE n 
1 177 ALA n 
1 178 TYR n 
1 179 GLY n 
1 180 PRO n 
1 181 GLU n 
1 182 MET n 
1 183 ALA n 
1 184 ALA n 
1 185 LYS n 
1 186 ALA n 
1 187 GLN n 
1 188 SER n 
1 189 ASP n 
1 190 ALA n 
1 191 LYS n 
1 192 ALA n 
1 193 ALA n 
1 194 ILE n 
1 195 ASP n 
1 196 SER n 
1 197 ILE n 
1 198 VAL n 
1 199 SER n 
1 200 ALA n 
# 
_entity_src_gen.entity_id                          1 
_entity_src_gen.pdbx_src_id                        1 
_entity_src_gen.pdbx_alt_source_flag               sample 
_entity_src_gen.pdbx_seq_type                      ? 
_entity_src_gen.pdbx_beg_seq_num                   ? 
_entity_src_gen.pdbx_end_seq_num                   ? 
_entity_src_gen.gene_src_common_name               ? 
_entity_src_gen.gene_src_genus                     Escherichia 
_entity_src_gen.pdbx_gene_src_gene                 azoR 
_entity_src_gen.gene_src_species                   ? 
_entity_src_gen.gene_src_strain                    ? 
_entity_src_gen.gene_src_tissue                    ? 
_entity_src_gen.gene_src_tissue_fraction           ? 
_entity_src_gen.gene_src_details                   ? 
_entity_src_gen.pdbx_gene_src_fragment             ? 
_entity_src_gen.pdbx_gene_src_scientific_name      'Escherichia coli' 
_entity_src_gen.pdbx_gene_src_ncbi_taxonomy_id     562 
_entity_src_gen.pdbx_gene_src_variant              ? 
_entity_src_gen.pdbx_gene_src_cell_line            ? 
_entity_src_gen.pdbx_gene_src_atcc                 ? 
_entity_src_gen.pdbx_gene_src_organ                ? 
_entity_src_gen.pdbx_gene_src_organelle            ? 
_entity_src_gen.pdbx_gene_src_cell                 ? 
_entity_src_gen.pdbx_gene_src_cellular_location    ? 
_entity_src_gen.host_org_common_name               ? 
_entity_src_gen.pdbx_host_org_scientific_name      'Escherichia coli' 
_entity_src_gen.pdbx_host_org_ncbi_taxonomy_id     562 
_entity_src_gen.host_org_genus                     Escherichia 
_entity_src_gen.pdbx_host_org_gene                 ? 
_entity_src_gen.pdbx_host_org_organ                ? 
_entity_src_gen.host_org_species                   ? 
_entity_src_gen.pdbx_host_org_tissue               ? 
_entity_src_gen.pdbx_host_org_tissue_fraction      ? 
_entity_src_gen.pdbx_host_org_strain               ? 
_entity_src_gen.pdbx_host_org_variant              ? 
_entity_src_gen.pdbx_host_org_cell_line            ? 
_entity_src_gen.pdbx_host_org_atcc                 ? 
_entity_src_gen.pdbx_host_org_culture_collection   ? 
_entity_src_gen.pdbx_host_org_cell                 ? 
_entity_src_gen.pdbx_host_org_organelle            ? 
_entity_src_gen.pdbx_host_org_cellular_location    ? 
_entity_src_gen.pdbx_host_org_vector_type          plasmid 
_entity_src_gen.pdbx_host_org_vector               ? 
_entity_src_gen.host_org_details                   ? 
_entity_src_gen.expression_system_id               ? 
_entity_src_gen.plasmid_name                       pET22b 
_entity_src_gen.plasmid_details                    ? 
_entity_src_gen.pdbx_description                   ? 
# 
_struct_ref.id                         1 
_struct_ref.db_name                    UNP 
_struct_ref.db_code                    AZOR_ECOLI 
_struct_ref.pdbx_db_accession          P41407 
_struct_ref.entity_id                  1 
_struct_ref.pdbx_seq_one_letter_code   
;SKVLVLKSSILAGYSQSNQLSDYFVEQWREKHSADEITVRDLAANPIPVLDGELVGALRPSDAPLTPRQQEALALSDELI
AELKAHDVIVIAAPMYNFNISTQLKNYFDLVARAGVTFRYTENGPEGLVTGKKAIVITSRGGIHKDGPTDLVTPYLSTFL
GFIGITDVKFVFAEGIAYGPEMAAKAQSDAKAAIDSIVSA
;
_struct_ref.pdbx_align_begin           2 
_struct_ref.pdbx_db_isoform            ? 
# 
_struct_ref_seq.align_id                      1 
_struct_ref_seq.ref_id                        1 
_struct_ref_seq.pdbx_PDB_id_code              2Z9C 
_struct_ref_seq.pdbx_strand_id                A 
_struct_ref_seq.seq_align_beg                 1 
_struct_ref_seq.pdbx_seq_align_beg_ins_code   ? 
_struct_ref_seq.seq_align_end                 200 
_struct_ref_seq.pdbx_seq_align_end_ins_code   ? 
_struct_ref_seq.pdbx_db_accession             P41407 
_struct_ref_seq.db_align_beg                  2 
_struct_ref_seq.pdbx_db_align_beg_ins_code    ? 
_struct_ref_seq.db_align_end                  201 
_struct_ref_seq.pdbx_db_align_end_ins_code    ? 
_struct_ref_seq.pdbx_auth_seq_align_beg       1 
_struct_ref_seq.pdbx_auth_seq_align_end       200 
# 
loop_
_chem_comp.id 
_chem_comp.type 
_chem_comp.mon_nstd_flag 
_chem_comp.name 
_chem_comp.pdbx_synonyms 
_chem_comp.formula 
_chem_comp.formula_weight 
ALA 'L-peptide linking' y ALANINE                                             ?                               'C3 H7 N O2'      
89.093  
ARG 'L-peptide linking' y ARGININE                                            ?                               'C6 H15 N4 O2 1'  
175.209 
ASN 'L-peptide linking' y ASPARAGINE                                          ?                               'C4 H8 N2 O3'     
132.118 
ASP 'L-peptide linking' y 'ASPARTIC ACID'                                     ?                               'C4 H7 N O4'      
133.103 
DTC non-polymer         . 'BISHYDROXY[2H-1-BENZOPYRAN-2-ONE,1,2-BENZOPYRONE]' DICOUMAROL                      'C19 H12 O6'      
336.295 
FMN non-polymer         . 'FLAVIN MONONUCLEOTIDE'                             'RIBOFLAVIN MONOPHOSPHATE'      'C17 H21 N4 O9 P' 
456.344 
GLN 'L-peptide linking' y GLUTAMINE                                           ?                               'C5 H10 N2 O3'    
146.144 
GLU 'L-peptide linking' y 'GLUTAMIC ACID'                                     ?                               'C5 H9 N O4'      
147.129 
GLY 'peptide linking'   y GLYCINE                                             ?                               'C2 H5 N O2'      
75.067  
GOL non-polymer         . GLYCEROL                                            'GLYCERIN; PROPANE-1,2,3-TRIOL' 'C3 H8 O3'        
92.094  
HIS 'L-peptide linking' y HISTIDINE                                           ?                               'C6 H10 N3 O2 1'  
156.162 
HOH non-polymer         . WATER                                               ?                               'H2 O'            
18.015  
ILE 'L-peptide linking' y ISOLEUCINE                                          ?                               'C6 H13 N O2'     
131.173 
LEU 'L-peptide linking' y LEUCINE                                             ?                               'C6 H13 N O2'     
131.173 
LYS 'L-peptide linking' y LYSINE                                              ?                               'C6 H15 N2 O2 1'  
147.195 
MET 'L-peptide linking' y METHIONINE                                          ?                               'C5 H11 N O2 S'   
149.211 
PHE 'L-peptide linking' y PHENYLALANINE                                       ?                               'C9 H11 N O2'     
165.189 
PRO 'L-peptide linking' y PROLINE                                             ?                               'C5 H9 N O2'      
115.130 
SER 'L-peptide linking' y SERINE                                              ?                               'C3 H7 N O3'      
105.093 
THR 'L-peptide linking' y THREONINE                                           ?                               'C4 H9 N O3'      
119.119 
TRP 'L-peptide linking' y TRYPTOPHAN                                          ?                               'C11 H12 N2 O2'   
204.225 
TYR 'L-peptide linking' y TYROSINE                                            ?                               'C9 H11 N O3'     
181.189 
VAL 'L-peptide linking' y VALINE                                              ?                               'C5 H11 N O2'     
117.146 
# 
_exptl.entry_id          2Z9C 
_exptl.method            'X-RAY DIFFRACTION' 
_exptl.crystals_number   ? 
# 
_exptl_crystal.id                    1 
_exptl_crystal.density_meas          ? 
_exptl_crystal.density_Matthews      2.88 
_exptl_crystal.density_percent_sol   57.34 
_exptl_crystal.description           ? 
_exptl_crystal.F_000                 ? 
_exptl_crystal.preparation           ? 
# 
_diffrn.id                     1 
_diffrn.ambient_temp           ? 
_diffrn.ambient_temp_details   ? 
_diffrn.crystal_id             1 
# 
_diffrn_detector.diffrn_id              1 
_diffrn_detector.detector               CCD 
_diffrn_detector.type                   'ADSC QUANTUM 4' 
_diffrn_detector.pdbx_collection_date   2003-12-18 
_diffrn_detector.details                ? 
# 
_diffrn_radiation.diffrn_id                        1 
_diffrn_radiation.wavelength_id                    1 
_diffrn_radiation.pdbx_monochromatic_or_laue_m_l   M 
_diffrn_radiation.monochromator                    ? 
_diffrn_radiation.pdbx_diffrn_protocol             'SINGLE WAVELENGTH' 
_diffrn_radiation.pdbx_scattering_type             x-ray 
# 
_diffrn_radiation_wavelength.id           1 
_diffrn_radiation_wavelength.wavelength   0.9780 
_diffrn_radiation_wavelength.wt           1.0 
# 
_diffrn_source.diffrn_id                   1 
_diffrn_source.source                      SYNCHROTRON 
_diffrn_source.type                        'PHOTON FACTORY BEAMLINE BL-6A' 
_diffrn_source.pdbx_synchrotron_site       'Photon Factory' 
_diffrn_source.pdbx_synchrotron_beamline   BL-6A 
_diffrn_source.pdbx_wavelength             ? 
_diffrn_source.pdbx_wavelength_list        0.9780 
# 
_reflns.entry_id                     2Z9C 
_reflns.observed_criterion_sigma_F   ? 
_reflns.observed_criterion_sigma_I   ? 
_reflns.d_resolution_high            2.30 
_reflns.d_resolution_low             19.89 
_reflns.number_all                   ? 
_reflns.number_obs                   9493 
_reflns.percent_possible_obs         ? 
_reflns.pdbx_Rmerge_I_obs            ? 
_reflns.pdbx_Rsym_value              ? 
_reflns.pdbx_netI_over_sigmaI        ? 
_reflns.B_iso_Wilson_estimate        ? 
_reflns.pdbx_redundancy              ? 
_reflns.R_free_details               ? 
_reflns.limit_h_max                  ? 
_reflns.limit_h_min                  ? 
_reflns.limit_k_max                  ? 
_reflns.limit_k_min                  ? 
_reflns.limit_l_max                  ? 
_reflns.limit_l_min                  ? 
_reflns.observed_criterion_F_max     ? 
_reflns.observed_criterion_F_min     ? 
_reflns.pdbx_chi_squared             ? 
_reflns.pdbx_scaling_rejects         ? 
_reflns.pdbx_ordinal                 1 
_reflns.pdbx_diffrn_id               1 
# 
_refine.entry_id                                 2Z9C 
_refine.ls_number_reflns_obs                     9021 
_refine.ls_number_reflns_all                     ? 
_refine.pdbx_ls_sigma_I                          ? 
_refine.pdbx_ls_sigma_F                          ? 
_refine.pdbx_data_cutoff_high_absF               ? 
_refine.pdbx_data_cutoff_low_absF                ? 
_refine.pdbx_data_cutoff_high_rms_absF           ? 
_refine.ls_d_res_low                             19.88 
_refine.ls_d_res_high                            2.30 
_refine.ls_percent_reflns_obs                    81.14 
_refine.ls_R_factor_obs                          0.1784 
_refine.ls_R_factor_all                          ? 
_refine.ls_R_factor_R_work                       0.17634 
_refine.ls_R_factor_R_free                       0.21955 
_refine.ls_R_factor_R_free_error                 ? 
_refine.ls_R_factor_R_free_error_details         ? 
_refine.ls_percent_reflns_R_free                 4.7 
_refine.ls_number_reflns_R_free                  447 
_refine.ls_number_parameters                     ? 
_refine.ls_number_restraints                     ? 
_refine.occupancy_min                            ? 
_refine.occupancy_max                            ? 
_refine.correlation_coeff_Fo_to_Fc               0.952 
_refine.correlation_coeff_Fo_to_Fc_free          0.924 
_refine.B_iso_mean                               31.175 
_refine.aniso_B[1][1]                            -1.47 
_refine.aniso_B[2][2]                            -1.47 
_refine.aniso_B[3][3]                            2.94 
_refine.aniso_B[1][2]                            0.00 
_refine.aniso_B[1][3]                            0.00 
_refine.aniso_B[2][3]                            0.00 
_refine.solvent_model_details                    'BABINET MODEL WITH MASK' 
_refine.solvent_model_param_ksol                 ? 
_refine.solvent_model_param_bsol                 ? 
_refine.pdbx_solvent_vdw_probe_radii             1.40 
_refine.pdbx_solvent_ion_probe_radii             0.80 
_refine.pdbx_solvent_shrinkage_radii             0.80 
_refine.pdbx_ls_cross_valid_method               THROUGHOUT 
_refine.details                                  'HYDROGENS HAVE BEEN ADDED IN THE RIDING POSITIONS' 
_refine.pdbx_starting_model                      'PDB ID 1V4B' 
_refine.pdbx_method_to_determine_struct          'MOLECULAR REPLACEMENT' 
_refine.pdbx_isotropic_thermal_model             ? 
_refine.pdbx_stereochemistry_target_values       'MAXIMUM LIKELIHOOD' 
_refine.pdbx_stereochem_target_val_spec_case     ? 
_refine.pdbx_R_Free_selection_details            RANDOM 
_refine.pdbx_overall_ESU_R                       0.356 
_refine.pdbx_overall_ESU_R_Free                  0.234 
_refine.overall_SU_ML                            0.128 
_refine.overall_SU_B                             5.093 
_refine.ls_redundancy_reflns_obs                 ? 
_refine.B_iso_min                                ? 
_refine.B_iso_max                                ? 
_refine.overall_SU_R_Cruickshank_DPI             ? 
_refine.overall_SU_R_free                        ? 
_refine.ls_wR_factor_R_free                      ? 
_refine.ls_wR_factor_R_work                      ? 
_refine.overall_FOM_free_R_set                   ? 
_refine.overall_FOM_work_R_set                   ? 
_refine.pdbx_overall_phase_error                 ? 
_refine.pdbx_refine_id                           'X-RAY DIFFRACTION' 
_refine.pdbx_diffrn_id                           1 
_refine.pdbx_TLS_residual_ADP_flag               ? 
_refine.pdbx_overall_SU_R_free_Cruickshank_DPI   ? 
_refine.pdbx_overall_SU_R_Blow_DPI               ? 
_refine.pdbx_overall_SU_R_free_Blow_DPI          ? 
# 
_refine_hist.pdbx_refine_id                   'X-RAY DIFFRACTION' 
_refine_hist.cycle_id                         LAST 
_refine_hist.pdbx_number_atoms_protein        1499 
_refine_hist.pdbx_number_atoms_nucleic_acid   0 
_refine_hist.pdbx_number_atoms_ligand         62 
_refine_hist.number_atoms_solvent             68 
_refine_hist.number_atoms_total               1629 
_refine_hist.d_res_high                       2.30 
_refine_hist.d_res_low                        19.88 
# 
loop_
_refine_ls_restr.type 
_refine_ls_restr.dev_ideal 
_refine_ls_restr.dev_ideal_target 
_refine_ls_restr.weight 
_refine_ls_restr.number 
_refine_ls_restr.pdbx_refine_id 
_refine_ls_restr.pdbx_restraint_function 
r_bond_refined_d             0.012  0.022  ? 1592 'X-RAY DIFFRACTION' ? 
r_bond_other_d               0.001  0.020  ? 1034 'X-RAY DIFFRACTION' ? 
r_angle_refined_deg          1.205  2.019  ? 2169 'X-RAY DIFFRACTION' ? 
r_angle_other_deg            0.906  3.000  ? 2536 'X-RAY DIFFRACTION' ? 
r_dihedral_angle_1_deg       5.569  5.000  ? 195  'X-RAY DIFFRACTION' ? 
r_dihedral_angle_2_deg       33.542 24.677 ? 62   'X-RAY DIFFRACTION' ? 
r_dihedral_angle_3_deg       13.197 15.000 ? 253  'X-RAY DIFFRACTION' ? 
r_dihedral_angle_4_deg       17.896 15.000 ? 7    'X-RAY DIFFRACTION' ? 
r_chiral_restr               0.074  0.200  ? 247  'X-RAY DIFFRACTION' ? 
r_gen_planes_refined         0.004  0.020  ? 1738 'X-RAY DIFFRACTION' ? 
r_gen_planes_other           0.001  0.020  ? 301  'X-RAY DIFFRACTION' ? 
r_nbd_refined                0.189  0.200  ? 281  'X-RAY DIFFRACTION' ? 
r_nbd_other                  0.185  0.200  ? 979  'X-RAY DIFFRACTION' ? 
r_nbtor_refined              0.177  0.200  ? 757  'X-RAY DIFFRACTION' ? 
r_nbtor_other                0.080  0.200  ? 746  'X-RAY DIFFRACTION' ? 
r_xyhbond_nbd_refined        0.119  0.200  ? 65   'X-RAY DIFFRACTION' ? 
r_xyhbond_nbd_other          ?      ?      ? ?    'X-RAY DIFFRACTION' ? 
r_metal_ion_refined          ?      ?      ? ?    'X-RAY DIFFRACTION' ? 
r_metal_ion_other            ?      ?      ? ?    'X-RAY DIFFRACTION' ? 
r_symmetry_vdw_refined       0.083  0.200  ? 4    'X-RAY DIFFRACTION' ? 
r_symmetry_vdw_other         0.164  0.200  ? 27   'X-RAY DIFFRACTION' ? 
r_symmetry_hbond_refined     0.098  0.200  ? 6    'X-RAY DIFFRACTION' ? 
r_symmetry_hbond_other       ?      ?      ? ?    'X-RAY DIFFRACTION' ? 
r_symmetry_metal_ion_refined ?      ?      ? ?    'X-RAY DIFFRACTION' ? 
r_symmetry_metal_ion_other   ?      ?      ? ?    'X-RAY DIFFRACTION' ? 
r_mcbond_it                  0.899  1.500  ? 1268 'X-RAY DIFFRACTION' ? 
r_mcbond_other               0.102  1.500  ? 398  'X-RAY DIFFRACTION' ? 
r_mcangle_it                 0.989  2.000  ? 1575 'X-RAY DIFFRACTION' ? 
r_scbond_it                  1.281  3.000  ? 796  'X-RAY DIFFRACTION' ? 
r_scangle_it                 1.763  4.500  ? 594  'X-RAY DIFFRACTION' ? 
r_rigid_bond_restr           ?      ?      ? ?    'X-RAY DIFFRACTION' ? 
r_sphericity_free            ?      ?      ? ?    'X-RAY DIFFRACTION' ? 
r_sphericity_bonded          ?      ?      ? ?    'X-RAY DIFFRACTION' ? 
# 
_refine_ls_shell.pdbx_total_number_of_bins_used   20 
_refine_ls_shell.d_res_high                       2.300 
_refine_ls_shell.d_res_low                        2.359 
_refine_ls_shell.number_reflns_R_work             666 
_refine_ls_shell.R_factor_R_work                  0.18 
_refine_ls_shell.percent_reflns_obs               83.77 
_refine_ls_shell.R_factor_R_free                  0.238 
_refine_ls_shell.R_factor_R_free_error            ? 
_refine_ls_shell.percent_reflns_R_free            ? 
_refine_ls_shell.number_reflns_R_free             31 
_refine_ls_shell.number_reflns_all                ? 
_refine_ls_shell.R_factor_all                     ? 
_refine_ls_shell.number_reflns_obs                ? 
_refine_ls_shell.redundancy_reflns_obs            ? 
_refine_ls_shell.pdbx_refine_id                   'X-RAY DIFFRACTION' 
# 
_struct.entry_id                  2Z9C 
_struct.title                     
'The crystal structure of AzoR (azoreductase) from Escherichia coli: AzoR in complex with dicoumarol' 
_struct.pdbx_model_details        ? 
_struct.pdbx_CASP_flag            ? 
_struct.pdbx_model_type_details   ? 
# 
_struct_keywords.entry_id        2Z9C 
_struct_keywords.pdbx_keywords   OXIDOREDUCTASE 
_struct_keywords.text            'azoreductase, Flavoprotein, FMN, NAD, Oxidoreductase' 
# 
loop_
_struct_asym.id 
_struct_asym.pdbx_blank_PDB_chainid_flag 
_struct_asym.pdbx_modified 
_struct_asym.entity_id 
_struct_asym.details 
A N N 1 ? 
B N N 2 ? 
C N N 3 ? 
D N N 4 ? 
E N N 5 ? 
# 
_struct_biol.id        1 
_struct_biol.details   ? 
# 
loop_
_struct_conf.conf_type_id 
_struct_conf.id 
_struct_conf.pdbx_PDB_helix_id 
_struct_conf.beg_label_comp_id 
_struct_conf.beg_label_asym_id 
_struct_conf.beg_label_seq_id 
_struct_conf.pdbx_beg_PDB_ins_code 
_struct_conf.end_label_comp_id 
_struct_conf.end_label_asym_id 
_struct_conf.end_label_seq_id 
_struct_conf.pdbx_end_PDB_ins_code 
_struct_conf.beg_auth_comp_id 
_struct_conf.beg_auth_asym_id 
_struct_conf.beg_auth_seq_id 
_struct_conf.end_auth_comp_id 
_struct_conf.end_auth_asym_id 
_struct_conf.end_auth_seq_id 
_struct_conf.pdbx_PDB_helix_class 
_struct_conf.details 
_struct_conf.pdbx_PDB_helix_length 
HELX_P HELX_P1 1 LEU A 11  ? TYR A 14  ? LEU A 11  TYR A 14  5 ? 4  
HELX_P HELX_P2 2 SER A 15  ? HIS A 32  ? SER A 15  HIS A 32  1 ? 18 
HELX_P HELX_P3 3 GLU A 53  ? LEU A 58  ? GLU A 53  LEU A 58  1 ? 6  
HELX_P HELX_P4 4 THR A 66  ? HIS A 86  ? THR A 66  HIS A 86  1 ? 21 
HELX_P HELX_P5 5 SER A 101 ? ALA A 112 ? SER A 101 ALA A 112 1 ? 12 
HELX_P HELX_P6 6 LEU A 151 ? GLY A 164 ? LEU A 151 GLY A 164 1 ? 14 
HELX_P HELX_P7 7 GLY A 175 ? TYR A 178 ? GLY A 175 TYR A 178 5 ? 4  
HELX_P HELX_P8 8 GLY A 179 ? ALA A 200 ? GLY A 179 ALA A 200 1 ? 22 
# 
_struct_conf_type.id          HELX_P 
_struct_conf_type.criteria    ? 
_struct_conf_type.reference   ? 
# 
loop_
_struct_sheet.id 
_struct_sheet.type 
_struct_sheet.number_strands 
_struct_sheet.details 
A ? 5 ? 
B ? 2 ? 
# 
loop_
_struct_sheet_order.sheet_id 
_struct_sheet_order.range_id_1 
_struct_sheet_order.range_id_2 
_struct_sheet_order.offset 
_struct_sheet_order.sense 
A 1 2 ? parallel      
A 2 3 ? parallel      
A 3 4 ? parallel      
A 4 5 ? parallel      
B 1 2 ? anti-parallel 
# 
loop_
_struct_sheet_range.sheet_id 
_struct_sheet_range.id 
_struct_sheet_range.beg_label_comp_id 
_struct_sheet_range.beg_label_asym_id 
_struct_sheet_range.beg_label_seq_id 
_struct_sheet_range.pdbx_beg_PDB_ins_code 
_struct_sheet_range.end_label_comp_id 
_struct_sheet_range.end_label_asym_id 
_struct_sheet_range.end_label_seq_id 
_struct_sheet_range.pdbx_end_PDB_ins_code 
_struct_sheet_range.beg_auth_comp_id 
_struct_sheet_range.beg_auth_asym_id 
_struct_sheet_range.beg_auth_seq_id 
_struct_sheet_range.end_auth_comp_id 
_struct_sheet_range.end_auth_asym_id 
_struct_sheet_range.end_auth_seq_id 
A 1 GLU A 36  ? ASP A 41  ? GLU A 36  ASP A 41  
A 2 LYS A 2   ? LYS A 7   ? LYS A 2   LYS A 7   
A 3 VAL A 88  ? ALA A 92  ? VAL A 88  ALA A 92  
A 4 LYS A 133 ? SER A 139 ? LYS A 133 SER A 139 
A 5 VAL A 168 ? ALA A 173 ? VAL A 168 ALA A 173 
B 1 PHE A 118 ? THR A 121 ? PHE A 118 THR A 121 
B 2 GLY A 124 ? GLY A 127 ? GLY A 124 GLY A 127 
# 
loop_
_pdbx_struct_sheet_hbond.sheet_id 
_pdbx_struct_sheet_hbond.range_id_1 
_pdbx_struct_sheet_hbond.range_id_2 
_pdbx_struct_sheet_hbond.range_1_label_atom_id 
_pdbx_struct_sheet_hbond.range_1_label_comp_id 
_pdbx_struct_sheet_hbond.range_1_label_asym_id 
_pdbx_struct_sheet_hbond.range_1_label_seq_id 
_pdbx_struct_sheet_hbond.range_1_PDB_ins_code 
_pdbx_struct_sheet_hbond.range_1_auth_atom_id 
_pdbx_struct_sheet_hbond.range_1_auth_comp_id 
_pdbx_struct_sheet_hbond.range_1_auth_asym_id 
_pdbx_struct_sheet_hbond.range_1_auth_seq_id 
_pdbx_struct_sheet_hbond.range_2_label_atom_id 
_pdbx_struct_sheet_hbond.range_2_label_comp_id 
_pdbx_struct_sheet_hbond.range_2_label_asym_id 
_pdbx_struct_sheet_hbond.range_2_label_seq_id 
_pdbx_struct_sheet_hbond.range_2_PDB_ins_code 
_pdbx_struct_sheet_hbond.range_2_auth_atom_id 
_pdbx_struct_sheet_hbond.range_2_auth_comp_id 
_pdbx_struct_sheet_hbond.range_2_auth_asym_id 
_pdbx_struct_sheet_hbond.range_2_auth_seq_id 
A 1 2 O THR A 38  ? O THR A 38  N VAL A 5   ? N VAL A 5   
A 2 3 N LEU A 4   ? N LEU A 4   O VAL A 90  ? O VAL A 90  
A 3 4 N ILE A 89  ? N ILE A 89  O LYS A 133 ? O LYS A 133 
A 4 5 N THR A 138 ? N THR A 138 O VAL A 171 ? O VAL A 171 
B 1 2 N ARG A 119 ? N ARG A 119 O GLU A 126 ? O GLU A 126 
# 
loop_
_struct_site.id 
_struct_site.pdbx_evidence_code 
_struct_site.pdbx_auth_asym_id 
_struct_site.pdbx_auth_comp_id 
_struct_site.pdbx_auth_seq_id 
_struct_site.pdbx_auth_ins_code 
_struct_site.pdbx_num_residues 
_struct_site.details 
AC1 Software A FMN 201 ? 16 'BINDING SITE FOR RESIDUE FMN A 201' 
AC2 Software A DTC 202 ? 8  'BINDING SITE FOR RESIDUE DTC A 202' 
AC3 Software A GOL 203 ? 4  'BINDING SITE FOR RESIDUE GOL A 203' 
# 
loop_
_struct_site_gen.id 
_struct_site_gen.site_id 
_struct_site_gen.pdbx_num_res 
_struct_site_gen.label_comp_id 
_struct_site_gen.label_asym_id 
_struct_site_gen.label_seq_id 
_struct_site_gen.pdbx_auth_ins_code 
_struct_site_gen.auth_comp_id 
_struct_site_gen.auth_asym_id 
_struct_site_gen.auth_seq_id 
_struct_site_gen.label_atom_id 
_struct_site_gen.label_alt_id 
_struct_site_gen.symmetry 
_struct_site_gen.details 
1  AC1 16 SER A 9   ? SER A 9   . ? 1_555 ? 
2  AC1 16 LEU A 11  ? LEU A 11  . ? 1_555 ? 
3  AC1 16 SER A 15  ? SER A 15  . ? 1_555 ? 
4  AC1 16 GLN A 16  ? GLN A 16  . ? 1_555 ? 
5  AC1 16 SER A 17  ? SER A 17  . ? 1_555 ? 
6  AC1 16 PRO A 94  ? PRO A 94  . ? 1_555 ? 
7  AC1 16 MET A 95  ? MET A 95  . ? 1_555 ? 
8  AC1 16 TYR A 96  ? TYR A 96  . ? 1_555 ? 
9  AC1 16 ASN A 97  ? ASN A 97  . ? 1_555 ? 
10 AC1 16 PHE A 98  ? PHE A 98  . ? 1_555 ? 
11 AC1 16 SER A 139 ? SER A 139 . ? 1_555 ? 
12 AC1 16 ARG A 140 ? ARG A 140 . ? 1_555 ? 
13 AC1 16 GLY A 141 ? GLY A 141 . ? 1_555 ? 
14 AC1 16 GLY A 142 ? GLY A 142 . ? 1_555 ? 
15 AC1 16 HIS A 144 ? HIS A 144 . ? 1_555 ? 
16 AC1 16 HOH E .   ? HOH A 230 . ? 1_555 ? 
17 AC2 8  PRO A 64  ? PRO A 64  . ? 5_645 ? 
18 AC2 8  ASN A 97  ? ASN A 97  . ? 1_555 ? 
19 AC2 8  TYR A 120 ? TYR A 120 . ? 8_665 ? 
20 AC2 8  GLY A 142 ? GLY A 142 . ? 1_555 ? 
21 AC2 8  HIS A 144 ? HIS A 144 . ? 1_555 ? 
22 AC2 8  PHE A 162 ? PHE A 162 . ? 8_665 ? 
23 AC2 8  ALA A 177 ? ALA A 177 . ? 1_555 ? 
24 AC2 8  TYR A 178 ? TYR A 178 . ? 1_555 ? 
25 AC3 4  PHE A 98  ? PHE A 98  . ? 1_555 ? 
26 AC3 4  ASN A 99  ? ASN A 99  . ? 1_555 ? 
27 AC3 4  LEU A 151 ? LEU A 151 . ? 1_555 ? 
28 AC3 4  TYR A 155 ? TYR A 155 . ? 1_555 ? 
# 
_atom_sites.entry_id                    2Z9C 
_atom_sites.fract_transf_matrix[1][1]   0.00435628 
_atom_sites.fract_transf_matrix[1][2]   -0.00456682 
_atom_sites.fract_transf_matrix[1][3]   -0.00835517 
_atom_sites.fract_transf_matrix[2][1]   0.00131228 
_atom_sites.fract_transf_matrix[2][2]   -0.00881244 
_atom_sites.fract_transf_matrix[2][3]   0.00550096 
_atom_sites.fract_transf_matrix[3][1]   -0.01652733 
_atom_sites.fract_transf_matrix[3][2]   -0.00584567 
_atom_sites.fract_transf_matrix[3][3]   -0.00542199 
_atom_sites.fract_transf_vector[1]      0.750548 
_atom_sites.fract_transf_vector[2]      0.133003 
_atom_sites.fract_transf_vector[3]      0.188082 
# 
loop_
_atom_type.symbol 
C 
N 
O 
P 
S 
# 
loop_
_atom_site.group_PDB 
_atom_site.id 
_atom_site.type_symbol 
_atom_site.label_atom_id 
_atom_site.label_alt_id 
_atom_site.label_comp_id 
_atom_site.label_asym_id 
_atom_site.label_entity_id 
_atom_site.label_seq_id 
_atom_site.pdbx_PDB_ins_code 
_atom_site.Cartn_x 
_atom_site.Cartn_y 
_atom_site.Cartn_z 
_atom_site.occupancy 
_atom_site.B_iso_or_equiv 
_atom_site.pdbx_formal_charge 
_atom_site.auth_seq_id 
_atom_site.auth_comp_id 
_atom_site.auth_asym_id 
_atom_site.auth_atom_id 
_atom_site.pdbx_PDB_model_num 
ATOM   1    N N     . SER A 1 1   ? -18.885 2.125   -4.457  1.00 43.97 ? 1   SER A N     1 
ATOM   2    C CA    . SER A 1 1   ? -17.723 1.202   -4.344  1.00 43.72 ? 1   SER A CA    1 
ATOM   3    C C     . SER A 1 1   ? -17.189 1.186   -2.929  1.00 43.46 ? 1   SER A C     1 
ATOM   4    O O     . SER A 1 1   ? -17.652 1.943   -2.080  1.00 43.79 ? 1   SER A O     1 
ATOM   5    C CB    . SER A 1 1   ? -16.615 1.663   -5.268  1.00 44.07 ? 1   SER A CB    1 
ATOM   6    O OG    . SER A 1 1   ? -17.125 1.994   -6.541  1.00 46.21 ? 1   SER A OG    1 
ATOM   7    N N     . LYS A 1 2   ? -16.201 0.328   -2.683  1.00 42.99 ? 2   LYS A N     1 
ATOM   8    C CA    . LYS A 1 2   ? -15.505 0.285   -1.391  1.00 42.20 ? 2   LYS A CA    1 
ATOM   9    C C     . LYS A 1 2   ? -14.005 0.623   -1.549  1.00 41.14 ? 2   LYS A C     1 
ATOM   10   O O     . LYS A 1 2   ? -13.310 0.083   -2.421  1.00 40.85 ? 2   LYS A O     1 
ATOM   11   C CB    . LYS A 1 2   ? -15.671 -1.075  -0.749  1.00 42.71 ? 2   LYS A CB    1 
ATOM   12   C CG    . LYS A 1 2   ? -17.117 -1.518  -0.542  1.00 43.63 ? 2   LYS A CG    1 
ATOM   13   C CD    . LYS A 1 2   ? -17.141 -2.972  -0.089  1.00 43.72 ? 2   LYS A CD    1 
ATOM   14   C CE    . LYS A 1 2   ? -18.507 -3.412  0.389   1.00 45.77 ? 2   LYS A CE    1 
ATOM   15   N NZ    . LYS A 1 2   ? -18.386 -4.604  1.314   1.00 46.45 ? 2   LYS A NZ    1 
ATOM   16   N N     . VAL A 1 3   ? -13.529 1.532   -0.699  1.00 39.97 ? 3   VAL A N     1 
ATOM   17   C CA    . VAL A 1 3   ? -12.153 2.010   -0.731  1.00 39.07 ? 3   VAL A CA    1 
ATOM   18   C C     . VAL A 1 3   ? -11.373 1.433   0.450   1.00 38.22 ? 3   VAL A C     1 
ATOM   19   O O     . VAL A 1 3   ? -11.823 1.514   1.599   1.00 38.38 ? 3   VAL A O     1 
ATOM   20   C CB    . VAL A 1 3   ? -12.112 3.565   -0.667  1.00 39.29 ? 3   VAL A CB    1 
ATOM   21   C CG1   . VAL A 1 3   ? -10.663 4.101   -0.696  1.00 37.91 ? 3   VAL A CG1   1 
ATOM   22   C CG2   . VAL A 1 3   ? -12.944 4.175   -1.809  1.00 39.17 ? 3   VAL A CG2   1 
ATOM   23   N N     . LEU A 1 4   ? -10.205 0.861   0.164   1.00 37.14 ? 4   LEU A N     1 
ATOM   24   C CA    . LEU A 1 4   ? -9.265  0.414   1.199   1.00 36.46 ? 4   LEU A CA    1 
ATOM   25   C C     . LEU A 1 4   ? -8.054  1.353   1.235   1.00 35.60 ? 4   LEU A C     1 
ATOM   26   O O     . LEU A 1 4   ? -7.421  1.585   0.211   1.00 35.47 ? 4   LEU A O     1 
ATOM   27   C CB    . LEU A 1 4   ? -8.794  -1.032  0.924   1.00 36.43 ? 4   LEU A CB    1 
ATOM   28   C CG    . LEU A 1 4   ? -7.798  -1.641  1.934   1.00 37.17 ? 4   LEU A CG    1 
ATOM   29   C CD1   . LEU A 1 4   ? -8.373  -1.618  3.360   1.00 36.25 ? 4   LEU A CD1   1 
ATOM   30   C CD2   . LEU A 1 4   ? -7.375  -3.059  1.555   1.00 36.20 ? 4   LEU A CD2   1 
ATOM   31   N N     . VAL A 1 5   ? -7.734  1.867   2.423   1.00 35.08 ? 5   VAL A N     1 
ATOM   32   C CA    . VAL A 1 5   ? -6.579  2.755   2.637   1.00 34.29 ? 5   VAL A CA    1 
ATOM   33   C C     . VAL A 1 5   ? -5.549  2.132   3.603   1.00 33.39 ? 5   VAL A C     1 
ATOM   34   O O     . VAL A 1 5   ? -5.854  1.896   4.774   1.00 33.78 ? 5   VAL A O     1 
ATOM   35   C CB    . VAL A 1 5   ? -7.039  4.122   3.190   1.00 34.59 ? 5   VAL A CB    1 
ATOM   36   C CG1   . VAL A 1 5   ? -5.832  5.027   3.534   1.00 34.11 ? 5   VAL A CG1   1 
ATOM   37   C CG2   . VAL A 1 5   ? -7.965  4.811   2.172   1.00 35.58 ? 5   VAL A CG2   1 
ATOM   38   N N     . LEU A 1 6   ? -4.345  1.874   3.099   1.00 31.82 ? 6   LEU A N     1 
ATOM   39   C CA    . LEU A 1 6   ? -3.247  1.310   3.888   1.00 31.59 ? 6   LEU A CA    1 
ATOM   40   C C     . LEU A 1 6   ? -2.178  2.373   4.252   1.00 30.87 ? 6   LEU A C     1 
ATOM   41   O O     . LEU A 1 6   ? -1.521  2.953   3.388   1.00 31.27 ? 6   LEU A O     1 
ATOM   42   C CB    . LEU A 1 6   ? -2.595  0.151   3.129   1.00 30.83 ? 6   LEU A CB    1 
ATOM   43   C CG    . LEU A 1 6   ? -3.527  -0.997  2.708   1.00 31.15 ? 6   LEU A CG    1 
ATOM   44   C CD1   . LEU A 1 6   ? -2.895  -1.861  1.610   1.00 29.86 ? 6   LEU A CD1   1 
ATOM   45   C CD2   . LEU A 1 6   ? -3.883  -1.839  3.927   1.00 32.01 ? 6   LEU A CD2   1 
ATOM   46   N N     . LYS A 1 7   ? -2.015  2.601   5.542   1.00 30.53 ? 7   LYS A N     1 
ATOM   47   C CA    . LYS A 1 7   ? -1.049  3.562   6.080   1.00 30.56 ? 7   LYS A CA    1 
ATOM   48   C C     . LYS A 1 7   ? 0.178   2.776   6.545   1.00 29.89 ? 7   LYS A C     1 
ATOM   49   O O     . LYS A 1 7   ? 0.023   1.717   7.157   1.00 30.78 ? 7   LYS A O     1 
ATOM   50   C CB    . LYS A 1 7   ? -1.674  4.317   7.276   1.00 30.52 ? 7   LYS A CB    1 
ATOM   51   C CG    . LYS A 1 7   ? -2.735  5.418   6.937   1.00 31.18 ? 7   LYS A CG    1 
ATOM   52   C CD    . LYS A 1 7   ? -3.208  6.133   8.249   1.00 31.24 ? 7   LYS A CD    1 
ATOM   53   C CE    . LYS A 1 7   ? -4.210  7.281   8.009   1.00 32.81 ? 7   LYS A CE    1 
ATOM   54   N NZ    . LYS A 1 7   ? -4.572  8.050   9.294   1.00 31.14 ? 7   LYS A NZ    1 
ATOM   55   N N     . SER A 1 8   ? 1.382   3.276   6.275   1.00 29.08 ? 8   SER A N     1 
ATOM   56   C CA    . SER A 1 8   ? 2.620   2.520   6.607   1.00 28.86 ? 8   SER A CA    1 
ATOM   57   C C     . SER A 1 8   ? 3.772   3.323   7.203   1.00 28.85 ? 8   SER A C     1 
ATOM   58   O O     . SER A 1 8   ? 4.827   2.751   7.481   1.00 28.60 ? 8   SER A O     1 
ATOM   59   C CB    . SER A 1 8   ? 3.145   1.749   5.379   1.00 29.02 ? 8   SER A CB    1 
ATOM   60   O OG    . SER A 1 8   ? 3.734   2.585   4.395   1.00 27.81 ? 8   SER A OG    1 
ATOM   61   N N     . SER A 1 9   ? 3.577   4.632   7.393   1.00 28.56 ? 9   SER A N     1 
ATOM   62   C CA    . SER A 1 9   ? 4.551   5.500   8.058   1.00 28.95 ? 9   SER A CA    1 
ATOM   63   C C     . SER A 1 9   ? 4.769   5.190   9.564   1.00 29.15 ? 9   SER A C     1 
ATOM   64   O O     . SER A 1 9   ? 3.857   4.761   10.270  1.00 29.11 ? 9   SER A O     1 
ATOM   65   C CB    . SER A 1 9   ? 4.107   6.970   7.911   1.00 29.30 ? 9   SER A CB    1 
ATOM   66   O OG    . SER A 1 9   ? 4.821   7.802   8.796   1.00 28.91 ? 9   SER A OG    1 
ATOM   67   N N     . ILE A 1 10  ? 5.981   5.439   10.048  1.00 29.06 ? 10  ILE A N     1 
ATOM   68   C CA    . ILE A 1 10  ? 6.295   5.266   11.467  1.00 29.20 ? 10  ILE A CA    1 
ATOM   69   C C     . ILE A 1 10  ? 6.255   6.579   12.261  1.00 29.82 ? 10  ILE A C     1 
ATOM   70   O O     . ILE A 1 10  ? 6.620   6.601   13.433  1.00 29.46 ? 10  ILE A O     1 
ATOM   71   C CB    . ILE A 1 10  ? 7.655   4.611   11.676  1.00 28.47 ? 10  ILE A CB    1 
ATOM   72   C CG1   . ILE A 1 10  ? 8.805   5.527   11.220  1.00 28.59 ? 10  ILE A CG1   1 
ATOM   73   C CG2   . ILE A 1 10  ? 7.688   3.254   10.968  1.00 27.50 ? 10  ILE A CG2   1 
ATOM   74   C CD1   . ILE A 1 10  ? 10.216  4.862   11.317  1.00 27.80 ? 10  ILE A CD1   1 
ATOM   75   N N     . LEU A 1 11  ? 5.817   7.661   11.622  1.00 30.61 ? 11  LEU A N     1 
ATOM   76   C CA    . LEU A 1 11  ? 5.877   8.981   12.236  1.00 31.41 ? 11  LEU A CA    1 
ATOM   77   C C     . LEU A 1 11  ? 4.506   9.463   12.742  1.00 32.19 ? 11  LEU A C     1 
ATOM   78   O O     . LEU A 1 11  ? 4.369   10.603  13.165  1.00 33.69 ? 11  LEU A O     1 
ATOM   79   C CB    . LEU A 1 11  ? 6.512   9.978   11.274  1.00 31.38 ? 11  LEU A CB    1 
ATOM   80   C CG    . LEU A 1 11  ? 7.959   9.678   10.857  1.00 32.29 ? 11  LEU A CG    1 
ATOM   81   C CD1   . LEU A 1 11  ? 8.402   10.649  9.767   1.00 31.59 ? 11  LEU A CD1   1 
ATOM   82   C CD2   . LEU A 1 11  ? 8.951   9.710   12.052  1.00 32.05 ? 11  LEU A CD2   1 
ATOM   83   N N     . ALA A 1 12  ? 3.510   8.580   12.721  1.00 32.97 ? 12  ALA A N     1 
ATOM   84   C CA    . ALA A 1 12  ? 2.191   8.821   13.321  1.00 33.19 ? 12  ALA A CA    1 
ATOM   85   C C     . ALA A 1 12  ? 1.499   10.097  12.816  1.00 33.62 ? 12  ALA A C     1 
ATOM   86   O O     . ALA A 1 12  ? 1.229   10.221  11.623  1.00 34.00 ? 12  ALA A O     1 
ATOM   87   C CB    . ALA A 1 12  ? 2.281   8.791   14.887  1.00 32.69 ? 12  ALA A CB    1 
ATOM   88   N N     . GLY A 1 13  ? 1.174   11.014  13.732  1.00 34.47 ? 13  GLY A N     1 
ATOM   89   C CA    . GLY A 1 13  ? 0.482   12.268  13.400  1.00 34.60 ? 13  GLY A CA    1 
ATOM   90   C C     . GLY A 1 13  ? 1.335   13.265  12.630  1.00 35.09 ? 13  GLY A C     1 
ATOM   91   O O     . GLY A 1 13  ? 0.794   14.146  11.988  1.00 35.65 ? 13  GLY A O     1 
ATOM   92   N N     . TYR A 1 14  ? 2.665   13.127  12.698  1.00 35.46 ? 14  TYR A N     1 
ATOM   93   C CA    . TYR A 1 14  ? 3.594   13.978  11.945  1.00 35.35 ? 14  TYR A CA    1 
ATOM   94   C C     . TYR A 1 14  ? 3.892   13.432  10.533  1.00 35.35 ? 14  TYR A C     1 
ATOM   95   O O     . TYR A 1 14  ? 4.637   14.049  9.777   1.00 35.69 ? 14  TYR A O     1 
ATOM   96   C CB    . TYR A 1 14  ? 4.904   14.175  12.731  1.00 36.52 ? 14  TYR A CB    1 
ATOM   97   C CG    . TYR A 1 14  ? 4.673   14.856  14.060  1.00 37.50 ? 14  TYR A CG    1 
ATOM   98   C CD1   . TYR A 1 14  ? 4.242   16.190  14.122  1.00 37.86 ? 14  TYR A CD1   1 
ATOM   99   C CD2   . TYR A 1 14  ? 4.852   14.166  15.258  1.00 38.22 ? 14  TYR A CD2   1 
ATOM   100  C CE1   . TYR A 1 14  ? 4.005   16.811  15.350  1.00 38.49 ? 14  TYR A CE1   1 
ATOM   101  C CE2   . TYR A 1 14  ? 4.612   14.773  16.478  1.00 38.06 ? 14  TYR A CE2   1 
ATOM   102  C CZ    . TYR A 1 14  ? 4.196   16.087  16.523  1.00 38.89 ? 14  TYR A CZ    1 
ATOM   103  O OH    . TYR A 1 14  ? 3.959   16.672  17.759  1.00 40.37 ? 14  TYR A OH    1 
ATOM   104  N N     . SER A 1 15  ? 3.301   12.295  10.171  1.00 34.35 ? 15  SER A N     1 
ATOM   105  C CA    . SER A 1 15  ? 3.493   11.726  8.833   1.00 33.83 ? 15  SER A CA    1 
ATOM   106  C C     . SER A 1 15  ? 2.863   12.564  7.702   1.00 33.55 ? 15  SER A C     1 
ATOM   107  O O     . SER A 1 15  ? 1.711   12.976  7.777   1.00 32.82 ? 15  SER A O     1 
ATOM   108  C CB    . SER A 1 15  ? 2.933   10.308  8.780   1.00 33.55 ? 15  SER A CB    1 
ATOM   109  O OG    . SER A 1 15  ? 2.777   9.886   7.437   1.00 32.33 ? 15  SER A OG    1 
ATOM   110  N N     . GLN A 1 16  ? 3.628   12.763  6.634   1.00 33.41 ? 16  GLN A N     1 
ATOM   111  C CA    . GLN A 1 16  ? 3.189   13.528  5.475   1.00 33.31 ? 16  GLN A CA    1 
ATOM   112  C C     . GLN A 1 16  ? 2.241   12.683  4.622   1.00 33.32 ? 16  GLN A C     1 
ATOM   113  O O     . GLN A 1 16  ? 1.241   13.199  4.106   1.00 32.95 ? 16  GLN A O     1 
ATOM   114  C CB    . GLN A 1 16  ? 4.405   13.965  4.637   1.00 33.49 ? 16  GLN A CB    1 
ATOM   115  C CG    . GLN A 1 16  ? 5.455   14.798  5.386   1.00 34.52 ? 16  GLN A CG    1 
ATOM   116  C CD    . GLN A 1 16  ? 5.008   16.264  5.650   1.00 37.95 ? 16  GLN A CD    1 
ATOM   117  O OE1   . GLN A 1 16  ? 4.349   16.898  4.814   1.00 36.40 ? 16  GLN A OE1   1 
ATOM   118  N NE2   . GLN A 1 16  ? 5.385   16.792  6.807   1.00 37.61 ? 16  GLN A NE2   1 
ATOM   119  N N     . SER A 1 17  ? 2.554   11.388  4.492   1.00 33.19 ? 17  SER A N     1 
ATOM   120  C CA    . SER A 1 17  ? 1.725   10.433  3.740   1.00 33.22 ? 17  SER A CA    1 
ATOM   121  C C     . SER A 1 17  ? 0.406   10.108  4.445   1.00 33.58 ? 17  SER A C     1 
ATOM   122  O O     . SER A 1 17  ? -0.606  9.852   3.786   1.00 33.38 ? 17  SER A O     1 
ATOM   123  C CB    . SER A 1 17  ? 2.516   9.140   3.399   1.00 33.32 ? 17  SER A CB    1 
ATOM   124  O OG    . SER A 1 17  ? 2.862   8.360   4.537   1.00 30.80 ? 17  SER A OG    1 
ATOM   125  N N     . ASN A 1 18  ? 0.405   10.132  5.778   1.00 34.24 ? 18  ASN A N     1 
ATOM   126  C CA    . ASN A 1 18  ? -0.842  9.940   6.552   1.00 34.15 ? 18  ASN A CA    1 
ATOM   127  C C     . ASN A 1 18  ? -1.771  11.157  6.419   1.00 34.45 ? 18  ASN A C     1 
ATOM   128  O O     . ASN A 1 18  ? -2.984  11.009  6.259   1.00 34.39 ? 18  ASN A O     1 
ATOM   129  C CB    . ASN A 1 18  ? -0.551  9.654   8.040   1.00 33.82 ? 18  ASN A CB    1 
ATOM   130  C CG    . ASN A 1 18  ? -0.141  8.188   8.313   1.00 34.86 ? 18  ASN A CG    1 
ATOM   131  O OD1   . ASN A 1 18  ? -0.321  7.288   7.470   1.00 36.19 ? 18  ASN A OD1   1 
ATOM   132  N ND2   . ASN A 1 18  ? 0.421   7.953   9.491   1.00 32.59 ? 18  ASN A ND2   1 
ATOM   133  N N     . GLN A 1 19  ? -1.205  12.356  6.480   1.00 35.05 ? 19  GLN A N     1 
ATOM   134  C CA    . GLN A 1 19  ? -1.977  13.588  6.222   1.00 35.85 ? 19  GLN A CA    1 
ATOM   135  C C     . GLN A 1 19  ? -2.614  13.599  4.822   1.00 35.52 ? 19  GLN A C     1 
ATOM   136  O O     . GLN A 1 19  ? -3.766  14.026  4.661   1.00 35.26 ? 19  GLN A O     1 
ATOM   137  C CB    . GLN A 1 19  ? -1.096  14.828  6.408   1.00 36.05 ? 19  GLN A CB    1 
ATOM   138  C CG    . GLN A 1 19  ? -0.711  15.110  7.860   1.00 38.42 ? 19  GLN A CG    1 
ATOM   139  C CD    . GLN A 1 19  ? 0.308   16.258  7.999   1.00 39.75 ? 19  GLN A CD    1 
ATOM   140  O OE1   . GLN A 1 19  ? 0.094   17.366  7.483   1.00 46.71 ? 19  GLN A OE1   1 
ATOM   141  N NE2   . GLN A 1 19  ? 1.409   16.000  8.708   1.00 44.26 ? 19  GLN A NE2   1 
ATOM   142  N N     . LEU A 1 20  ? -1.876  13.122  3.816   1.00 35.49 ? 20  LEU A N     1 
ATOM   143  C CA    . LEU A 1 20  ? -2.409  13.032  2.460   1.00 35.87 ? 20  LEU A CA    1 
ATOM   144  C C     . LEU A 1 20  ? -3.478  11.937  2.308   1.00 36.15 ? 20  LEU A C     1 
ATOM   145  O O     . LEU A 1 20  ? -4.437  12.103  1.548   1.00 35.86 ? 20  LEU A O     1 
ATOM   146  C CB    . LEU A 1 20  ? -1.283  12.818  1.446   1.00 36.11 ? 20  LEU A CB    1 
ATOM   147  C CG    . LEU A 1 20  ? -0.369  14.023  1.154   1.00 35.70 ? 20  LEU A CG    1 
ATOM   148  C CD1   . LEU A 1 20  ? 0.923   13.553  0.491   1.00 34.54 ? 20  LEU A CD1   1 
ATOM   149  C CD2   . LEU A 1 20  ? -1.068  15.079  0.281   1.00 35.50 ? 20  LEU A CD2   1 
ATOM   150  N N     . SER A 1 21  ? -3.306  10.819  3.014   1.00 36.47 ? 21  SER A N     1 
ATOM   151  C CA    . SER A 1 21  ? -4.298  9.742   3.010   1.00 36.82 ? 21  SER A CA    1 
ATOM   152  C C     . SER A 1 21  ? -5.622  10.192  3.655   1.00 37.07 ? 21  SER A C     1 
ATOM   153  O O     . SER A 1 21  ? -6.707  9.818   3.202   1.00 36.35 ? 21  SER A O     1 
ATOM   154  C CB    . SER A 1 21  ? -3.753  8.512   3.756   1.00 37.11 ? 21  SER A CB    1 
ATOM   155  O OG    . SER A 1 21  ? -2.561  8.015   3.158   1.00 37.92 ? 21  SER A OG    1 
ATOM   156  N N     . ASP A 1 22  ? -5.522  10.971  4.731   1.00 37.46 ? 22  ASP A N     1 
ATOM   157  C CA    . ASP A 1 22  ? -6.701  11.533  5.386   1.00 38.12 ? 22  ASP A CA    1 
ATOM   158  C C     . ASP A 1 22  ? -7.407  12.529  4.452   1.00 38.37 ? 22  ASP A C     1 
ATOM   159  O O     . ASP A 1 22  ? -8.637  12.560  4.377   1.00 38.45 ? 22  ASP A O     1 
ATOM   160  C CB    . ASP A 1 22  ? -6.337  12.194  6.728   1.00 38.14 ? 22  ASP A CB    1 
ATOM   161  C CG    . ASP A 1 22  ? -6.072  11.174  7.850   1.00 39.80 ? 22  ASP A CG    1 
ATOM   162  O OD1   . ASP A 1 22  ? -6.253  9.936   7.660   1.00 41.59 ? 22  ASP A OD1   1 
ATOM   163  O OD2   . ASP A 1 22  ? -5.681  11.623  8.947   1.00 40.39 ? 22  ASP A OD2   1 
ATOM   164  N N     . TYR A 1 23  ? -6.631  13.326  3.729   1.00 38.85 ? 23  TYR A N     1 
ATOM   165  C CA    . TYR A 1 23  ? -7.197  14.210  2.706   1.00 39.08 ? 23  TYR A CA    1 
ATOM   166  C C     . TYR A 1 23  ? -7.943  13.405  1.638   1.00 39.22 ? 23  TYR A C     1 
ATOM   167  O O     . TYR A 1 23  ? -9.055  13.774  1.250   1.00 38.73 ? 23  TYR A O     1 
ATOM   168  C CB    . TYR A 1 23  ? -6.111  15.079  2.039   1.00 39.15 ? 23  TYR A CB    1 
ATOM   169  C CG    . TYR A 1 23  ? -6.673  16.030  1.000   1.00 39.44 ? 23  TYR A CG    1 
ATOM   170  C CD1   . TYR A 1 23  ? -7.370  17.186  1.377   1.00 40.44 ? 23  TYR A CD1   1 
ATOM   171  C CD2   . TYR A 1 23  ? -6.542  15.762  -0.349  1.00 39.45 ? 23  TYR A CD2   1 
ATOM   172  C CE1   . TYR A 1 23  ? -7.903  18.054  0.417   1.00 39.84 ? 23  TYR A CE1   1 
ATOM   173  C CE2   . TYR A 1 23  ? -7.058  16.613  -1.301  1.00 39.51 ? 23  TYR A CE2   1 
ATOM   174  C CZ    . TYR A 1 23  ? -7.741  17.754  -0.916  1.00 40.07 ? 23  TYR A CZ    1 
ATOM   175  O OH    . TYR A 1 23  ? -8.252  18.579  -1.888  1.00 40.39 ? 23  TYR A OH    1 
ATOM   176  N N     . PHE A 1 24  ? -7.331  12.312  1.164   1.00 39.48 ? 24  PHE A N     1 
ATOM   177  C CA    . PHE A 1 24  ? -7.967  11.454  0.155   1.00 39.73 ? 24  PHE A CA    1 
ATOM   178  C C     . PHE A 1 24  ? -9.321  10.942  0.674   1.00 40.11 ? 24  PHE A C     1 
ATOM   179  O O     . PHE A 1 24  ? -10.322 10.941  -0.054  1.00 38.70 ? 24  PHE A O     1 
ATOM   180  C CB    . PHE A 1 24  ? -7.056  10.284  -0.243  1.00 39.55 ? 24  PHE A CB    1 
ATOM   181  C CG    . PHE A 1 24  ? -7.656  9.383   -1.296  1.00 39.33 ? 24  PHE A CG    1 
ATOM   182  C CD1   . PHE A 1 24  ? -7.187  9.405   -2.600  1.00 40.07 ? 24  PHE A CD1   1 
ATOM   183  C CD2   . PHE A 1 24  ? -8.697  8.512   -0.983  1.00 39.89 ? 24  PHE A CD2   1 
ATOM   184  C CE1   . PHE A 1 24  ? -7.741  8.582   -3.573  1.00 39.83 ? 24  PHE A CE1   1 
ATOM   185  C CE2   . PHE A 1 24  ? -9.261  7.693   -1.949  1.00 39.83 ? 24  PHE A CE2   1 
ATOM   186  C CZ    . PHE A 1 24  ? -8.784  7.730   -3.247  1.00 39.99 ? 24  PHE A CZ    1 
ATOM   187  N N     . VAL A 1 25  ? -9.330  10.507  1.936   1.00 41.05 ? 25  VAL A N     1 
ATOM   188  C CA    . VAL A 1 25  ? -10.541 9.988   2.572   1.00 42.30 ? 25  VAL A CA    1 
ATOM   189  C C     . VAL A 1 25  ? -11.619 11.072  2.706   1.00 43.17 ? 25  VAL A C     1 
ATOM   190  O O     . VAL A 1 25  ? -12.778 10.838  2.366   1.00 43.12 ? 25  VAL A O     1 
ATOM   191  C CB    . VAL A 1 25  ? -10.231 9.351   3.948   1.00 42.12 ? 25  VAL A CB    1 
ATOM   192  C CG1   . VAL A 1 25  ? -11.513 9.108   4.747   1.00 40.87 ? 25  VAL A CG1   1 
ATOM   193  C CG2   . VAL A 1 25  ? -9.465  8.056   3.741   1.00 41.86 ? 25  VAL A CG2   1 
ATOM   194  N N     . GLU A 1 26  ? -11.221 12.252  3.178   1.00 44.49 ? 26  GLU A N     1 
ATOM   195  C CA    . GLU A 1 26  ? -12.133 13.402  3.304   1.00 45.54 ? 26  GLU A CA    1 
ATOM   196  C C     . GLU A 1 26  ? -12.802 13.731  1.970   1.00 45.72 ? 26  GLU A C     1 
ATOM   197  O O     . GLU A 1 26  ? -14.017 13.910  1.919   1.00 45.79 ? 26  GLU A O     1 
ATOM   198  C CB    . GLU A 1 26  ? -11.390 14.633  3.860   1.00 46.17 ? 26  GLU A CB    1 
ATOM   199  C CG    . GLU A 1 26  ? -11.072 14.532  5.379   1.00 47.46 ? 26  GLU A CG    1 
ATOM   200  C CD    . GLU A 1 26  ? -9.982  15.514  5.879   1.00 48.62 ? 26  GLU A CD    1 
ATOM   201  O OE1   . GLU A 1 26  ? -9.453  16.333  5.078   1.00 53.18 ? 26  GLU A OE1   1 
ATOM   202  O OE2   . GLU A 1 26  ? -9.656  15.461  7.095   1.00 50.70 ? 26  GLU A OE2   1 
ATOM   203  N N     . GLN A 1 27  ? -12.016 13.774  0.895   1.00 45.90 ? 27  GLN A N     1 
ATOM   204  C CA    . GLN A 1 27  ? -12.544 14.082  -0.432  1.00 46.04 ? 27  GLN A CA    1 
ATOM   205  C C     . GLN A 1 27  ? -13.387 12.964  -1.049  1.00 46.52 ? 27  GLN A C     1 
ATOM   206  O O     . GLN A 1 27  ? -14.275 13.251  -1.836  1.00 47.04 ? 27  GLN A O     1 
ATOM   207  C CB    . GLN A 1 27  ? -11.414 14.432  -1.402  1.00 45.74 ? 27  GLN A CB    1 
ATOM   208  C CG    . GLN A 1 27  ? -10.644 15.676  -1.038  1.00 45.08 ? 27  GLN A CG    1 
ATOM   209  C CD    . GLN A 1 27  ? -11.491 16.923  -1.131  1.00 44.84 ? 27  GLN A CD    1 
ATOM   210  O OE1   . GLN A 1 27  ? -11.778 17.573  -0.121  1.00 42.90 ? 27  GLN A OE1   1 
ATOM   211  N NE2   . GLN A 1 27  ? -11.906 17.262  -2.348  1.00 46.12 ? 27  GLN A NE2   1 
ATOM   212  N N     . TRP A 1 28  ? -13.127 11.700  -0.725  1.00 46.52 ? 28  TRP A N     1 
ATOM   213  C CA    . TRP A 1 28  ? -13.952 10.620  -1.289  1.00 47.17 ? 28  TRP A CA    1 
ATOM   214  C C     . TRP A 1 28  ? -15.317 10.592  -0.594  1.00 47.77 ? 28  TRP A C     1 
ATOM   215  O O     . TRP A 1 28  ? -16.327 10.394  -1.247  1.00 47.60 ? 28  TRP A O     1 
ATOM   216  C CB    . TRP A 1 28  ? -13.244 9.260   -1.203  1.00 45.96 ? 28  TRP A CB    1 
ATOM   217  C CG    . TRP A 1 28  ? -13.771 8.205   -2.158  1.00 45.65 ? 28  TRP A CG    1 
ATOM   218  C CD1   . TRP A 1 28  ? -14.817 7.340   -1.939  1.00 44.53 ? 28  TRP A CD1   1 
ATOM   219  C CD2   . TRP A 1 28  ? -13.259 7.883   -3.462  1.00 44.27 ? 28  TRP A CD2   1 
ATOM   220  N NE1   . TRP A 1 28  ? -14.984 6.521   -3.020  1.00 44.03 ? 28  TRP A NE1   1 
ATOM   221  C CE2   . TRP A 1 28  ? -14.043 6.827   -3.969  1.00 43.65 ? 28  TRP A CE2   1 
ATOM   222  C CE3   . TRP A 1 28  ? -12.200 8.374   -4.238  1.00 44.11 ? 28  TRP A CE3   1 
ATOM   223  C CZ2   . TRP A 1 28  ? -13.819 6.262   -5.229  1.00 44.22 ? 28  TRP A CZ2   1 
ATOM   224  C CZ3   . TRP A 1 28  ? -11.978 7.818   -5.493  1.00 44.57 ? 28  TRP A CZ3   1 
ATOM   225  C CH2   . TRP A 1 28  ? -12.783 6.766   -5.976  1.00 44.44 ? 28  TRP A CH2   1 
ATOM   226  N N     . ARG A 1 29  ? -15.336 10.797  0.724   1.00 49.14 ? 29  ARG A N     1 
ATOM   227  C CA    . ARG A 1 29  ? -16.584 11.017  1.461   1.00 50.68 ? 29  ARG A CA    1 
ATOM   228  C C     . ARG A 1 29  ? -17.398 12.177  0.868   1.00 51.66 ? 29  ARG A C     1 
ATOM   229  O O     . ARG A 1 29  ? -18.626 12.105  0.776   1.00 52.03 ? 29  ARG A O     1 
ATOM   230  C CB    . ARG A 1 29  ? -16.301 11.368  2.914   1.00 50.59 ? 29  ARG A CB    1 
ATOM   231  C CG    . ARG A 1 29  ? -15.618 10.293  3.708   1.00 51.85 ? 29  ARG A CG    1 
ATOM   232  C CD    . ARG A 1 29  ? -15.556 10.687  5.168   1.00 52.63 ? 29  ARG A CD    1 
ATOM   233  N NE    . ARG A 1 29  ? -15.281 9.534   6.016   1.00 53.94 ? 29  ARG A NE    1 
ATOM   234  C CZ    . ARG A 1 29  ? -15.576 9.456   7.311   1.00 55.07 ? 29  ARG A CZ    1 
ATOM   235  N NH1   . ARG A 1 29  ? -16.179 10.467  7.945   1.00 55.28 ? 29  ARG A NH1   1 
ATOM   236  N NH2   . ARG A 1 29  ? -15.271 8.345   7.973   1.00 55.31 ? 29  ARG A NH2   1 
ATOM   237  N N     . GLU A 1 30  ? -16.695 13.243  0.494   1.00 52.77 ? 30  GLU A N     1 
ATOM   238  C CA    . GLU A 1 30  ? -17.308 14.444  -0.061  1.00 53.21 ? 30  GLU A CA    1 
ATOM   239  C C     . GLU A 1 30  ? -17.969 14.110  -1.400  1.00 53.71 ? 30  GLU A C     1 
ATOM   240  O O     . GLU A 1 30  ? -19.190 14.247  -1.554  1.00 53.65 ? 30  GLU A O     1 
ATOM   241  C CB    . GLU A 1 30  ? -16.244 15.556  -0.209  1.00 53.24 ? 30  GLU A CB    1 
ATOM   242  C CG    . GLU A 1 30  ? -16.782 16.997  -0.209  1.00 53.94 ? 30  GLU A CG    1 
ATOM   243  C CD    . GLU A 1 30  ? -16.015 17.941  0.750   1.00 54.39 ? 30  GLU A CD    1 
ATOM   244  O OE1   . GLU A 1 30  ? -16.131 17.760  1.990   1.00 56.83 ? 30  GLU A OE1   1 
ATOM   245  O OE2   . GLU A 1 30  ? -15.314 18.862  0.271   1.00 53.43 ? 30  GLU A OE2   1 
ATOM   246  N N     . LYS A 1 31  ? -17.166 13.620  -2.343  1.00 54.19 ? 31  LYS A N     1 
ATOM   247  C CA    . LYS A 1 31  ? -17.614 13.407  -3.718  1.00 54.43 ? 31  LYS A CA    1 
ATOM   248  C C     . LYS A 1 31  ? -18.421 12.116  -3.926  1.00 54.78 ? 31  LYS A C     1 
ATOM   249  O O     . LYS A 1 31  ? -19.342 12.090  -4.750  1.00 54.73 ? 31  LYS A O     1 
ATOM   250  C CB    . LYS A 1 31  ? -16.413 13.420  -4.669  1.00 55.05 ? 31  LYS A CB    1 
ATOM   251  C CG    . LYS A 1 31  ? -15.459 14.622  -4.499  1.00 55.83 ? 31  LYS A CG    1 
ATOM   252  C CD    . LYS A 1 31  ? -16.179 15.954  -4.363  1.00 56.85 ? 31  LYS A CD    1 
ATOM   253  C CE    . LYS A 1 31  ? -15.190 17.132  -4.371  1.00 57.64 ? 31  LYS A CE    1 
ATOM   254  N NZ    . LYS A 1 31  ? -15.876 18.475  -4.385  1.00 57.76 ? 31  LYS A NZ    1 
ATOM   255  N N     . HIS A 1 32  ? -18.071 11.052  -3.199  1.00 54.66 ? 32  HIS A N     1 
ATOM   256  C CA    . HIS A 1 32  ? -18.715 9.744   -3.365  1.00 54.41 ? 32  HIS A CA    1 
ATOM   257  C C     . HIS A 1 32  ? -19.264 9.264   -2.023  1.00 54.26 ? 32  HIS A C     1 
ATOM   258  O O     . HIS A 1 32  ? -18.729 8.333   -1.417  1.00 54.25 ? 32  HIS A O     1 
ATOM   259  C CB    . HIS A 1 32  ? -17.714 8.725   -3.925  1.00 54.80 ? 32  HIS A CB    1 
ATOM   260  C CG    . HIS A 1 32  ? -17.014 9.177   -5.171  1.00 55.90 ? 32  HIS A CG    1 
ATOM   261  N ND1   . HIS A 1 32  ? -17.571 9.059   -6.427  1.00 57.70 ? 32  HIS A ND1   1 
ATOM   262  C CD2   . HIS A 1 32  ? -15.794 9.737   -5.352  1.00 57.26 ? 32  HIS A CD2   1 
ATOM   263  C CE1   . HIS A 1 32  ? -16.729 9.536   -7.328  1.00 58.07 ? 32  HIS A CE1   1 
ATOM   264  N NE2   . HIS A 1 32  ? -15.640 9.953   -6.701  1.00 58.02 ? 32  HIS A NE2   1 
ATOM   265  N N     . SER A 1 33  ? -20.349 9.890   -1.568  1.00 53.81 ? 33  SER A N     1 
ATOM   266  C CA    . SER A 1 33  ? -20.799 9.732   -0.185  1.00 53.39 ? 33  SER A CA    1 
ATOM   267  C C     . SER A 1 33  ? -21.542 8.431   0.119   1.00 53.01 ? 33  SER A C     1 
ATOM   268  O O     . SER A 1 33  ? -21.786 8.135   1.294   1.00 52.74 ? 33  SER A O     1 
ATOM   269  C CB    . SER A 1 33  ? -21.675 10.917  0.222   1.00 53.71 ? 33  SER A CB    1 
ATOM   270  O OG    . SER A 1 33  ? -22.896 10.925  -0.499  1.00 54.38 ? 33  SER A OG    1 
ATOM   271  N N     . ALA A 1 34  ? -21.917 7.664   -0.910  1.00 52.50 ? 34  ALA A N     1 
ATOM   272  C CA    . ALA A 1 34  ? -22.567 6.357   -0.680  1.00 52.07 ? 34  ALA A CA    1 
ATOM   273  C C     . ALA A 1 34  ? -21.543 5.231   -0.426  1.00 51.57 ? 34  ALA A C     1 
ATOM   274  O O     . ALA A 1 34  ? -21.906 4.170   0.073   1.00 51.60 ? 34  ALA A O     1 
ATOM   275  C CB    . ALA A 1 34  ? -23.481 5.993   -1.840  1.00 51.90 ? 34  ALA A CB    1 
ATOM   276  N N     . ASP A 1 35  ? -20.274 5.486   -0.753  1.00 50.93 ? 35  ASP A N     1 
ATOM   277  C CA    . ASP A 1 35  ? -19.188 4.497   -0.632  1.00 50.46 ? 35  ASP A CA    1 
ATOM   278  C C     . ASP A 1 35  ? -18.729 4.203   0.802   1.00 49.79 ? 35  ASP A C     1 
ATOM   279  O O     . ASP A 1 35  ? -18.815 5.055   1.680   1.00 49.67 ? 35  ASP A O     1 
ATOM   280  C CB    . ASP A 1 35  ? -17.983 4.957   -1.461  1.00 50.62 ? 35  ASP A CB    1 
ATOM   281  C CG    . ASP A 1 35  ? -18.248 4.893   -2.955  1.00 51.16 ? 35  ASP A CG    1 
ATOM   282  O OD1   . ASP A 1 35  ? -19.347 4.445   -3.337  1.00 53.08 ? 35  ASP A OD1   1 
ATOM   283  O OD2   . ASP A 1 35  ? -17.365 5.268   -3.754  1.00 51.25 ? 35  ASP A OD2   1 
ATOM   284  N N     . GLU A 1 36  ? -18.251 2.977   1.018   1.00 48.95 ? 36  GLU A N     1 
ATOM   285  C CA    . GLU A 1 36  ? -17.617 2.586   2.279   1.00 48.39 ? 36  GLU A CA    1 
ATOM   286  C C     . GLU A 1 36  ? -16.110 2.743   2.215   1.00 46.64 ? 36  GLU A C     1 
ATOM   287  O O     . GLU A 1 36  ? -15.497 2.470   1.196   1.00 46.17 ? 36  GLU A O     1 
ATOM   288  C CB    . GLU A 1 36  ? -17.896 1.122   2.597   1.00 48.58 ? 36  GLU A CB    1 
ATOM   289  C CG    . GLU A 1 36  ? -19.324 0.821   2.953   1.00 50.97 ? 36  GLU A CG    1 
ATOM   290  C CD    . GLU A 1 36  ? -19.605 -0.657  2.848   1.00 51.81 ? 36  GLU A CD    1 
ATOM   291  O OE1   . GLU A 1 36  ? -18.937 -1.449  3.571   1.00 54.19 ? 36  GLU A OE1   1 
ATOM   292  O OE2   . GLU A 1 36  ? -20.470 -1.018  2.010   1.00 57.15 ? 36  GLU A OE2   1 
ATOM   293  N N     . ILE A 1 37  ? -15.514 3.127   3.335   1.00 45.27 ? 37  ILE A N     1 
ATOM   294  C CA    . ILE A 1 37  ? -14.084 3.333   3.415   1.00 44.56 ? 37  ILE A CA    1 
ATOM   295  C C     . ILE A 1 37  ? -13.552 2.596   4.630   1.00 43.50 ? 37  ILE A C     1 
ATOM   296  O O     . ILE A 1 37  ? -14.078 2.751   5.737   1.00 42.84 ? 37  ILE A O     1 
ATOM   297  C CB    . ILE A 1 37  ? -13.725 4.847   3.450   1.00 44.88 ? 37  ILE A CB    1 
ATOM   298  C CG1   . ILE A 1 37  ? -14.424 5.563   2.268   1.00 44.89 ? 37  ILE A CG1   1 
ATOM   299  C CG2   . ILE A 1 37  ? -12.208 5.039   3.408   1.00 44.49 ? 37  ILE A CG2   1 
ATOM   300  C CD1   . ILE A 1 37  ? -14.030 6.995   2.039   1.00 45.26 ? 37  ILE A CD1   1 
ATOM   301  N N     . THR A 1 38  ? -12.532 1.759   4.393   1.00 42.12 ? 38  THR A N     1 
ATOM   302  C CA    . THR A 1 38  ? -11.826 1.033   5.448   1.00 41.15 ? 38  THR A CA    1 
ATOM   303  C C     . THR A 1 38  ? -10.378 1.524   5.530   1.00 40.08 ? 38  THR A C     1 
ATOM   304  O O     . THR A 1 38  ? -9.678  1.536   4.512   1.00 39.59 ? 38  THR A O     1 
ATOM   305  C CB    . THR A 1 38  ? -11.799 -0.490  5.156   1.00 41.39 ? 38  THR A CB    1 
ATOM   306  O OG1   . THR A 1 38  ? -13.129 -0.964  4.933   1.00 40.79 ? 38  THR A OG1   1 
ATOM   307  C CG2   . THR A 1 38  ? -11.167 -1.257  6.320   1.00 41.47 ? 38  THR A CG2   1 
ATOM   308  N N     . VAL A 1 39  ? -9.942  1.929   6.726   1.00 38.63 ? 39  VAL A N     1 
ATOM   309  C CA    . VAL A 1 39  ? -8.550  2.304   6.959   1.00 37.94 ? 39  VAL A CA    1 
ATOM   310  C C     . VAL A 1 39  ? -7.835  1.300   7.876   1.00 37.25 ? 39  VAL A C     1 
ATOM   311  O O     . VAL A 1 39  ? -8.286  1.044   8.995   1.00 36.97 ? 39  VAL A O     1 
ATOM   312  C CB    . VAL A 1 39  ? -8.414  3.701   7.606   1.00 38.37 ? 39  VAL A CB    1 
ATOM   313  C CG1   . VAL A 1 39  ? -6.920  4.079   7.722   1.00 37.63 ? 39  VAL A CG1   1 
ATOM   314  C CG2   . VAL A 1 39  ? -9.205  4.756   6.823   1.00 36.61 ? 39  VAL A CG2   1 
ATOM   315  N N     . ARG A 1 40  ? -6.722  0.740   7.387   1.00 35.97 ? 40  ARG A N     1 
ATOM   316  C CA    . ARG A 1 40  ? -5.805  -0.075  8.196   1.00 35.04 ? 40  ARG A CA    1 
ATOM   317  C C     . ARG A 1 40  ? -4.457  0.646   8.360   1.00 33.98 ? 40  ARG A C     1 
ATOM   318  O O     . ARG A 1 40  ? -3.792  0.967   7.367   1.00 33.72 ? 40  ARG A O     1 
ATOM   319  C CB    . ARG A 1 40  ? -5.575  -1.439  7.533   1.00 34.90 ? 40  ARG A CB    1 
ATOM   320  C CG    . ARG A 1 40  ? -4.703  -2.412  8.350   1.00 35.25 ? 40  ARG A CG    1 
ATOM   321  C CD    . ARG A 1 40  ? -4.578  -3.769  7.646   1.00 35.62 ? 40  ARG A CD    1 
ATOM   322  N NE    . ARG A 1 40  ? -5.818  -4.548  7.734   1.00 36.09 ? 40  ARG A NE    1 
ATOM   323  C CZ    . ARG A 1 40  ? -6.165  -5.304  8.774   1.00 36.71 ? 40  ARG A CZ    1 
ATOM   324  N NH1   . ARG A 1 40  ? -5.388  -5.389  9.846   1.00 36.65 ? 40  ARG A NH1   1 
ATOM   325  N NH2   . ARG A 1 40  ? -7.317  -5.967  8.762   1.00 36.78 ? 40  ARG A NH2   1 
ATOM   326  N N     . ASP A 1 41  ? -4.063  0.894   9.608   1.00 32.79 ? 41  ASP A N     1 
ATOM   327  C CA    . ASP A 1 41  ? -2.767  1.489   9.925   1.00 32.30 ? 41  ASP A CA    1 
ATOM   328  C C     . ASP A 1 41  ? -1.768  0.391   10.334  1.00 31.59 ? 41  ASP A C     1 
ATOM   329  O O     . ASP A 1 41  ? -1.822  -0.139  11.444  1.00 31.26 ? 41  ASP A O     1 
ATOM   330  C CB    . ASP A 1 41  ? -2.916  2.558   11.017  1.00 31.77 ? 41  ASP A CB    1 
ATOM   331  C CG    . ASP A 1 41  ? -1.632  3.352   11.253  1.00 32.41 ? 41  ASP A CG    1 
ATOM   332  O OD1   . ASP A 1 41  ? -0.520  2.786   11.070  1.00 28.60 ? 41  ASP A OD1   1 
ATOM   333  O OD2   . ASP A 1 41  ? -1.737  4.553   11.624  1.00 32.67 ? 41  ASP A OD2   1 
ATOM   334  N N     . LEU A 1 42  ? -0.861  0.080   9.409   1.00 31.23 ? 42  LEU A N     1 
ATOM   335  C CA    . LEU A 1 42  ? 0.077   -1.024  9.534   1.00 30.80 ? 42  LEU A CA    1 
ATOM   336  C C     . LEU A 1 42  ? 1.220   -0.748  10.510  1.00 30.60 ? 42  LEU A C     1 
ATOM   337  O O     . LEU A 1 42  ? 1.958   -1.672  10.832  1.00 29.87 ? 42  LEU A O     1 
ATOM   338  C CB    . LEU A 1 42  ? 0.666   -1.379  8.163   1.00 30.57 ? 42  LEU A CB    1 
ATOM   339  C CG    . LEU A 1 42  ? -0.317  -1.736  7.044   1.00 30.26 ? 42  LEU A CG    1 
ATOM   340  C CD1   . LEU A 1 42  ? 0.345   -1.619  5.658   1.00 28.82 ? 42  LEU A CD1   1 
ATOM   341  C CD2   . LEU A 1 42  ? -0.959  -3.124  7.278   1.00 29.38 ? 42  LEU A CD2   1 
ATOM   342  N N     . ALA A 1 43  ? 1.363   0.507   10.953  1.00 30.40 ? 43  ALA A N     1 
ATOM   343  C CA    . ALA A 1 43  ? 2.254   0.894   12.073  1.00 30.55 ? 43  ALA A CA    1 
ATOM   344  C C     . ALA A 1 43  ? 1.564   0.794   13.439  1.00 30.77 ? 43  ALA A C     1 
ATOM   345  O O     . ALA A 1 43  ? 2.118   0.213   14.392  1.00 31.17 ? 43  ALA A O     1 
ATOM   346  C CB    . ALA A 1 43  ? 2.763   2.301   11.875  1.00 30.22 ? 43  ALA A CB    1 
ATOM   347  N N     . ALA A 1 44  ? 0.367   1.365   13.554  1.00 30.89 ? 44  ALA A N     1 
ATOM   348  C CA    . ALA A 1 44  ? -0.428  1.227   14.791  1.00 31.45 ? 44  ALA A CA    1 
ATOM   349  C C     . ALA A 1 44  ? -0.978  -0.189  15.014  1.00 31.60 ? 44  ALA A C     1 
ATOM   350  O O     . ALA A 1 44  ? -1.286  -0.541  16.128  1.00 31.76 ? 44  ALA A O     1 
ATOM   351  C CB    . ALA A 1 44  ? -1.557  2.250   14.828  1.00 31.65 ? 44  ALA A CB    1 
ATOM   352  N N     . ASN A 1 45  ? -1.082  -0.997  13.963  1.00 32.29 ? 45  ASN A N     1 
ATOM   353  C CA    . ASN A 1 45  ? -1.533  -2.403  14.066  1.00 32.79 ? 45  ASN A CA    1 
ATOM   354  C C     . ASN A 1 45  ? -0.526  -3.299  13.316  1.00 32.97 ? 45  ASN A C     1 
ATOM   355  O O     . ASN A 1 45  ? -0.792  -3.719  12.190  1.00 31.82 ? 45  ASN A O     1 
ATOM   356  C CB    . ASN A 1 45  ? -2.931  -2.567  13.428  1.00 33.29 ? 45  ASN A CB    1 
ATOM   357  C CG    . ASN A 1 45  ? -3.997  -1.676  14.068  1.00 35.17 ? 45  ASN A CG    1 
ATOM   358  O OD1   . ASN A 1 45  ? -4.325  -0.568  13.562  1.00 38.41 ? 45  ASN A OD1   1 
ATOM   359  N ND2   . ASN A 1 45  ? -4.554  -2.149  15.172  1.00 35.06 ? 45  ASN A ND2   1 
ATOM   360  N N     . PRO A 1 46  ? 0.656   -3.552  13.915  1.00 33.25 ? 46  PRO A N     1 
ATOM   361  C CA    . PRO A 1 46  ? 1.786   -4.157  13.179  1.00 33.15 ? 46  PRO A CA    1 
ATOM   362  C C     . PRO A 1 46  ? 1.574   -5.586  12.663  1.00 32.88 ? 46  PRO A C     1 
ATOM   363  O O     . PRO A 1 46  ? 0.989   -6.414  13.353  1.00 33.06 ? 46  PRO A O     1 
ATOM   364  C CB    . PRO A 1 46  ? 2.934   -4.146  14.209  1.00 33.41 ? 46  PRO A CB    1 
ATOM   365  C CG    . PRO A 1 46  ? 2.518   -3.203  15.262  1.00 34.06 ? 46  PRO A CG    1 
ATOM   366  C CD    . PRO A 1 46  ? 1.014   -3.270  15.313  1.00 33.61 ? 46  PRO A CD    1 
ATOM   367  N N     . ILE A 1 47  ? 2.056   -5.861  11.453  1.00 32.68 ? 47  ILE A N     1 
ATOM   368  C CA    . ILE A 1 47  ? 2.091   -7.231  10.911  1.00 32.28 ? 47  ILE A CA    1 
ATOM   369  C C     . ILE A 1 47  ? 3.454   -7.801  11.324  1.00 32.19 ? 47  ILE A C     1 
ATOM   370  O O     . ILE A 1 47  ? 4.454   -7.071  11.288  1.00 32.46 ? 47  ILE A O     1 
ATOM   371  C CB    . ILE A 1 47  ? 1.986   -7.229  9.369   1.00 32.60 ? 47  ILE A CB    1 
ATOM   372  C CG1   . ILE A 1 47  ? 0.788   -6.379  8.887   1.00 32.69 ? 47  ILE A CG1   1 
ATOM   373  C CG2   . ILE A 1 47  ? 1.938   -8.655  8.801   1.00 32.04 ? 47  ILE A CG2   1 
ATOM   374  C CD1   . ILE A 1 47  ? -0.505  -6.608  9.604   1.00 30.53 ? 47  ILE A CD1   1 
ATOM   375  N N     . PRO A 1 48  ? 3.510   -9.076  11.745  1.00 31.56 ? 48  PRO A N     1 
ATOM   376  C CA    . PRO A 1 48  ? 4.814   -9.612  12.117  1.00 31.36 ? 48  PRO A CA    1 
ATOM   377  C C     . PRO A 1 48  ? 5.749   -9.847  10.919  1.00 30.85 ? 48  PRO A C     1 
ATOM   378  O O     . PRO A 1 48  ? 5.296   -10.013 9.789   1.00 30.97 ? 48  PRO A O     1 
ATOM   379  C CB    . PRO A 1 48  ? 4.453   -10.958 12.765  1.00 31.78 ? 48  PRO A CB    1 
ATOM   380  C CG    . PRO A 1 48  ? 3.190   -11.374 12.008  1.00 32.23 ? 48  PRO A CG    1 
ATOM   381  C CD    . PRO A 1 48  ? 2.439   -10.075 11.931  1.00 31.88 ? 48  PRO A CD    1 
ATOM   382  N N     . VAL A 1 49  ? 7.048   -9.858  11.194  1.00 29.94 ? 49  VAL A N     1 
ATOM   383  C CA    . VAL A 1 49  ? 8.058   -10.201 10.218  1.00 29.55 ? 49  VAL A CA    1 
ATOM   384  C C     . VAL A 1 49  ? 7.860   -11.643 9.700   1.00 29.36 ? 49  VAL A C     1 
ATOM   385  O O     . VAL A 1 49  ? 7.504   -12.539 10.465  1.00 28.73 ? 49  VAL A O     1 
ATOM   386  C CB    . VAL A 1 49  ? 9.472   -10.057 10.839  1.00 29.53 ? 49  VAL A CB    1 
ATOM   387  C CG1   . VAL A 1 49  ? 10.541  -10.623 9.903   1.00 28.66 ? 49  VAL A CG1   1 
ATOM   388  C CG2   . VAL A 1 49  ? 9.760   -8.586  11.204  1.00 28.58 ? 49  VAL A CG2   1 
ATOM   389  N N     . LEU A 1 50  ? 8.084   -11.852 8.404   1.00 28.81 ? 50  LEU A N     1 
ATOM   390  C CA    . LEU A 1 50  ? 8.059   -13.205 7.823   1.00 28.70 ? 50  LEU A CA    1 
ATOM   391  C C     . LEU A 1 50  ? 9.364   -13.910 8.136   1.00 28.29 ? 50  LEU A C     1 
ATOM   392  O O     . LEU A 1 50  ? 10.392  -13.550 7.592   1.00 27.79 ? 50  LEU A O     1 
ATOM   393  C CB    . LEU A 1 50  ? 7.880   -13.156 6.311   1.00 28.68 ? 50  LEU A CB    1 
ATOM   394  C CG    . LEU A 1 50  ? 7.687   -14.502 5.611   1.00 29.10 ? 50  LEU A CG    1 
ATOM   395  C CD1   . LEU A 1 50  ? 6.248   -14.969 5.776   1.00 28.02 ? 50  LEU A CD1   1 
ATOM   396  C CD2   . LEU A 1 50  ? 8.072   -14.391 4.142   1.00 27.55 ? 50  LEU A CD2   1 
ATOM   397  N N     . ASP A 1 51  ? 9.318   -14.899 9.028   1.00 28.29 ? 51  ASP A N     1 
ATOM   398  C CA    . ASP A 1 51  ? 10.517  -15.655 9.389   1.00 28.75 ? 51  ASP A CA    1 
ATOM   399  C C     . ASP A 1 51  ? 10.382  -17.113 8.942   1.00 29.02 ? 51  ASP A C     1 
ATOM   400  O O     . ASP A 1 51  ? 9.385   -17.484 8.304   1.00 29.31 ? 51  ASP A O     1 
ATOM   401  C CB    . ASP A 1 51  ? 10.794  -15.535 10.904  1.00 28.35 ? 51  ASP A CB    1 
ATOM   402  C CG    . ASP A 1 51  ? 9.790   -16.291 11.759  1.00 27.97 ? 51  ASP A CG    1 
ATOM   403  O OD1   . ASP A 1 51  ? 8.822   -16.861 11.209  1.00 27.29 ? 51  ASP A OD1   1 
ATOM   404  O OD2   . ASP A 1 51  ? 9.975   -16.329 12.996  1.00 26.39 ? 51  ASP A OD2   1 
ATOM   405  N N     . GLY A 1 52  ? 11.372  -17.929 9.298   1.00 29.27 ? 52  GLY A N     1 
ATOM   406  C CA    . GLY A 1 52  ? 11.419  -19.333 8.908   1.00 29.75 ? 52  GLY A CA    1 
ATOM   407  C C     . GLY A 1 52  ? 10.335  -20.229 9.485   1.00 30.25 ? 52  GLY A C     1 
ATOM   408  O O     . GLY A 1 52  ? 10.127  -21.335 8.983   1.00 30.15 ? 52  GLY A O     1 
ATOM   409  N N     . GLU A 1 53  ? 9.669   -19.774 10.548  1.00 30.69 ? 53  GLU A N     1 
ATOM   410  C CA    . GLU A 1 53  ? 8.509   -20.466 11.095  1.00 31.05 ? 53  GLU A CA    1 
ATOM   411  C C     . GLU A 1 53  ? 7.228   -20.024 10.371  1.00 31.48 ? 53  GLU A C     1 
ATOM   412  O O     . GLU A 1 53  ? 6.455   -20.851 9.910   1.00 31.67 ? 53  GLU A O     1 
ATOM   413  C CB    . GLU A 1 53  ? 8.381   -20.198 12.605  1.00 30.97 ? 53  GLU A CB    1 
ATOM   414  C CG    . GLU A 1 53  ? 7.132   -20.816 13.237  1.00 30.91 ? 53  GLU A CG    1 
ATOM   415  C CD    . GLU A 1 53  ? 7.083   -20.707 14.766  1.00 32.13 ? 53  GLU A CD    1 
ATOM   416  O OE1   . GLU A 1 53  ? 7.942   -20.039 15.373  1.00 33.74 ? 53  GLU A OE1   1 
ATOM   417  O OE2   . GLU A 1 53  ? 6.169   -21.306 15.374  1.00 33.76 ? 53  GLU A OE2   1 
ATOM   418  N N     . LEU A 1 54  ? 7.004   -18.715 10.279  1.00 32.09 ? 54  LEU A N     1 
ATOM   419  C CA    . LEU A 1 54  ? 5.786   -18.203 9.679   1.00 32.86 ? 54  LEU A CA    1 
ATOM   420  C C     . LEU A 1 54  ? 5.654   -18.521 8.169   1.00 33.38 ? 54  LEU A C     1 
ATOM   421  O O     . LEU A 1 54  ? 4.538   -18.680 7.678   1.00 33.71 ? 54  LEU A O     1 
ATOM   422  C CB    . LEU A 1 54  ? 5.649   -16.693 9.929   1.00 32.86 ? 54  LEU A CB    1 
ATOM   423  C CG    . LEU A 1 54  ? 5.651   -16.159 11.381  1.00 33.08 ? 54  LEU A CG    1 
ATOM   424  C CD1   . LEU A 1 54  ? 5.216   -14.696 11.395  1.00 29.70 ? 54  LEU A CD1   1 
ATOM   425  C CD2   . LEU A 1 54  ? 4.792   -17.002 12.358  1.00 30.98 ? 54  LEU A CD2   1 
ATOM   426  N N     . VAL A 1 55  ? 6.757   -18.620 7.433   1.00 34.11 ? 55  VAL A N     1 
ATOM   427  C CA    . VAL A 1 55  ? 6.668   -18.946 5.999   1.00 34.92 ? 55  VAL A CA    1 
ATOM   428  C C     . VAL A 1 55  ? 5.968   -20.304 5.762   1.00 35.86 ? 55  VAL A C     1 
ATOM   429  O O     . VAL A 1 55  ? 5.276   -20.486 4.749   1.00 35.22 ? 55  VAL A O     1 
ATOM   430  C CB    . VAL A 1 55  ? 8.059   -18.889 5.275   1.00 35.21 ? 55  VAL A CB    1 
ATOM   431  C CG1   . VAL A 1 55  ? 8.941   -20.072 5.632   1.00 35.26 ? 55  VAL A CG1   1 
ATOM   432  C CG2   . VAL A 1 55  ? 7.884   -18.795 3.738   1.00 34.58 ? 55  VAL A CG2   1 
ATOM   433  N N     . GLY A 1 56  ? 6.137   -21.234 6.706   1.00 36.71 ? 56  GLY A N     1 
ATOM   434  C CA    . GLY A 1 56  ? 5.449   -22.523 6.684   1.00 37.94 ? 56  GLY A CA    1 
ATOM   435  C C     . GLY A 1 56  ? 3.935   -22.420 6.711   1.00 39.00 ? 56  GLY A C     1 
ATOM   436  O O     . GLY A 1 56  ? 3.267   -23.224 6.098   1.00 38.86 ? 56  GLY A O     1 
ATOM   437  N N     . ALA A 1 57  ? 3.405   -21.411 7.396   1.00 40.55 ? 57  ALA A N     1 
ATOM   438  C CA    . ALA A 1 57  ? 1.951   -21.188 7.507   1.00 41.66 ? 57  ALA A CA    1 
ATOM   439  C C     . ALA A 1 57  ? 1.295   -20.834 6.176   1.00 42.74 ? 57  ALA A C     1 
ATOM   440  O O     . ALA A 1 57  ? 0.127   -21.142 5.955   1.00 43.04 ? 57  ALA A O     1 
ATOM   441  C CB    . ALA A 1 57  ? 1.658   -20.078 8.533   1.00 41.74 ? 57  ALA A CB    1 
ATOM   442  N N     . LEU A 1 58  ? 2.052   -20.194 5.291   1.00 43.98 ? 58  LEU A N     1 
ATOM   443  C CA    . LEU A 1 58  ? 1.527   -19.727 4.011   1.00 44.80 ? 58  LEU A CA    1 
ATOM   444  C C     . LEU A 1 58  ? 1.668   -20.787 2.925   1.00 45.97 ? 58  LEU A C     1 
ATOM   445  O O     . LEU A 1 58  ? 1.411   -20.512 1.754   1.00 46.34 ? 58  LEU A O     1 
ATOM   446  C CB    . LEU A 1 58  ? 2.274   -18.456 3.560   1.00 44.63 ? 58  LEU A CB    1 
ATOM   447  C CG    . LEU A 1 58  ? 2.505   -17.338 4.576   1.00 44.27 ? 58  LEU A CG    1 
ATOM   448  C CD1   . LEU A 1 58  ? 3.174   -16.137 3.905   1.00 43.52 ? 58  LEU A CD1   1 
ATOM   449  C CD2   . LEU A 1 58  ? 1.212   -16.952 5.268   1.00 43.38 ? 58  LEU A CD2   1 
ATOM   450  N N     . ARG A 1 59  ? 2.050   -21.996 3.318   1.00 47.28 ? 59  ARG A N     1 
ATOM   451  C CA    . ARG A 1 59  ? 2.564   -22.993 2.392   1.00 47.95 ? 59  ARG A CA    1 
ATOM   452  C C     . ARG A 1 59  ? 1.998   -24.390 2.686   1.00 48.13 ? 59  ARG A C     1 
ATOM   453  O O     . ARG A 1 59  ? 1.415   -24.635 3.751   1.00 48.39 ? 59  ARG A O     1 
ATOM   454  C CB    . ARG A 1 59  ? 4.091   -22.994 2.523   1.00 48.26 ? 59  ARG A CB    1 
ATOM   455  C CG    . ARG A 1 59  ? 4.839   -23.882 1.564   1.00 49.04 ? 59  ARG A CG    1 
ATOM   456  C CD    . ARG A 1 59  ? 6.340   -23.644 1.712   1.00 50.80 ? 59  ARG A CD    1 
ATOM   457  N NE    . ARG A 1 59  ? 6.844   -24.181 2.982   1.00 53.51 ? 59  ARG A NE    1 
ATOM   458  C CZ    . ARG A 1 59  ? 8.008   -23.849 3.545   1.00 54.80 ? 59  ARG A CZ    1 
ATOM   459  N NH1   . ARG A 1 59  ? 8.821   -22.967 2.951   1.00 54.62 ? 59  ARG A NH1   1 
ATOM   460  N NH2   . ARG A 1 59  ? 8.365   -24.407 4.716   1.00 55.07 ? 59  ARG A NH2   1 
ATOM   461  N N     . ALA A 1 63  ? 1.540   -30.459 7.065   1.00 46.40 ? 63  ALA A N     1 
ATOM   462  C CA    . ALA A 1 63  ? 1.248   -31.190 8.301   1.00 46.03 ? 63  ALA A CA    1 
ATOM   463  C C     . ALA A 1 63  ? 0.748   -30.237 9.411   1.00 45.76 ? 63  ALA A C     1 
ATOM   464  O O     . ALA A 1 63  ? 0.185   -29.184 9.105   1.00 45.78 ? 63  ALA A O     1 
ATOM   465  C CB    . ALA A 1 63  ? 2.477   -31.969 8.729   1.00 46.53 ? 63  ALA A CB    1 
ATOM   466  N N     . PRO A 1 64  ? 0.914   -30.607 10.694  1.00 45.12 ? 64  PRO A N     1 
ATOM   467  C CA    . PRO A 1 64  ? 0.420   -29.726 11.747  1.00 44.52 ? 64  PRO A CA    1 
ATOM   468  C C     . PRO A 1 64  ? 1.181   -28.410 11.843  1.00 43.80 ? 64  PRO A C     1 
ATOM   469  O O     . PRO A 1 64  ? 2.356   -28.340 11.483  1.00 43.71 ? 64  PRO A O     1 
ATOM   470  C CB    . PRO A 1 64  ? 0.616   -30.548 13.032  1.00 44.54 ? 64  PRO A CB    1 
ATOM   471  C CG    . PRO A 1 64  ? 0.886   -31.908 12.602  1.00 45.22 ? 64  PRO A CG    1 
ATOM   472  C CD    . PRO A 1 64  ? 1.526   -31.818 11.261  1.00 45.57 ? 64  PRO A CD    1 
ATOM   473  N N     . LEU A 1 65  ? 0.506   -27.377 12.334  1.00 43.34 ? 65  LEU A N     1 
ATOM   474  C CA    . LEU A 1 65  ? 1.086   -26.043 12.417  1.00 42.78 ? 65  LEU A CA    1 
ATOM   475  C C     . LEU A 1 65  ? 1.238   -25.645 13.869  1.00 42.15 ? 65  LEU A C     1 
ATOM   476  O O     . LEU A 1 65  ? 0.355   -25.912 14.677  1.00 41.47 ? 65  LEU A O     1 
ATOM   477  C CB    . LEU A 1 65  ? 0.189   -25.023 11.723  1.00 42.93 ? 65  LEU A CB    1 
ATOM   478  C CG    . LEU A 1 65  ? -0.027  -25.068 10.211  1.00 43.71 ? 65  LEU A CG    1 
ATOM   479  C CD1   . LEU A 1 65  ? -1.095  -24.033 9.810   1.00 44.28 ? 65  LEU A CD1   1 
ATOM   480  C CD2   . LEU A 1 65  ? 1.261   -24.815 9.439   1.00 44.45 ? 65  LEU A CD2   1 
ATOM   481  N N     . THR A 1 66  ? 2.341   -24.965 14.183  1.00 41.86 ? 66  THR A N     1 
ATOM   482  C CA    . THR A 1 66  ? 2.589   -24.434 15.535  1.00 41.34 ? 66  THR A CA    1 
ATOM   483  C C     . THR A 1 66  ? 1.543   -23.355 15.893  1.00 41.09 ? 66  THR A C     1 
ATOM   484  O O     . THR A 1 66  ? 0.788   -22.916 15.028  1.00 40.28 ? 66  THR A O     1 
ATOM   485  C CB    . THR A 1 66  ? 4.005   -23.812 15.644  1.00 41.44 ? 66  THR A CB    1 
ATOM   486  O OG1   . THR A 1 66  ? 4.020   -22.538 14.980  1.00 40.84 ? 66  THR A OG1   1 
ATOM   487  C CG2   . THR A 1 66  ? 5.070   -24.722 15.027  1.00 40.45 ? 66  THR A CG2   1 
ATOM   488  N N     . PRO A 1 67  ? 1.465   -22.960 17.181  1.00 40.67 ? 67  PRO A N     1 
ATOM   489  C CA    . PRO A 1 67  ? 0.619   -21.828 17.578  1.00 40.58 ? 67  PRO A CA    1 
ATOM   490  C C     . PRO A 1 67  ? 0.827   -20.556 16.763  1.00 40.18 ? 67  PRO A C     1 
ATOM   491  O O     . PRO A 1 67  ? -0.149  -20.011 16.262  1.00 40.04 ? 67  PRO A O     1 
ATOM   492  C CB    . PRO A 1 67  ? 0.990   -21.602 19.049  1.00 40.71 ? 67  PRO A CB    1 
ATOM   493  C CG    . PRO A 1 67  ? 1.408   -22.979 19.533  1.00 41.11 ? 67  PRO A CG    1 
ATOM   494  C CD    . PRO A 1 67  ? 2.084   -23.621 18.344  1.00 40.94 ? 67  PRO A CD    1 
ATOM   495  N N     . ARG A 1 68  ? 2.072   -20.087 16.632  1.00 39.82 ? 68  ARG A N     1 
ATOM   496  C CA    . ARG A 1 68  ? 2.357   -18.895 15.822  1.00 39.37 ? 68  ARG A CA    1 
ATOM   497  C C     . ARG A 1 68  ? 1.913   -19.080 14.379  1.00 39.00 ? 68  ARG A C     1 
ATOM   498  O O     . ARG A 1 68  ? 1.334   -18.174 13.780  1.00 38.98 ? 68  ARG A O     1 
ATOM   499  C CB    . ARG A 1 68  ? 3.839   -18.576 15.797  1.00 39.59 ? 68  ARG A CB    1 
ATOM   500  C CG    . ARG A 1 68  ? 4.385   -17.947 17.043  1.00 39.81 ? 68  ARG A CG    1 
ATOM   501  C CD    . ARG A 1 68  ? 5.844   -17.660 16.819  1.00 38.87 ? 68  ARG A CD    1 
ATOM   502  N NE    . ARG A 1 68  ? 6.018   -16.389 16.117  1.00 38.57 ? 68  ARG A NE    1 
ATOM   503  C CZ    . ARG A 1 68  ? 6.947   -16.128 15.195  1.00 37.28 ? 68  ARG A CZ    1 
ATOM   504  N NH1   . ARG A 1 68  ? 7.797   -17.066 14.769  1.00 36.35 ? 68  ARG A NH1   1 
ATOM   505  N NH2   . ARG A 1 68  ? 7.000   -14.919 14.668  1.00 36.34 ? 68  ARG A NH2   1 
ATOM   506  N N     . GLN A 1 69  ? 2.196   -20.252 13.822  1.00 38.45 ? 69  GLN A N     1 
ATOM   507  C CA    . GLN A 1 69  ? 1.839   -20.540 12.436  1.00 38.37 ? 69  GLN A CA    1 
ATOM   508  C C     . GLN A 1 69  ? 0.338   -20.400 12.228  1.00 38.15 ? 69  GLN A C     1 
ATOM   509  O O     . GLN A 1 69  ? -0.101  -19.823 11.237  1.00 37.80 ? 69  GLN A O     1 
ATOM   510  C CB    . GLN A 1 69  ? 2.321   -21.925 12.022  1.00 37.90 ? 69  GLN A CB    1 
ATOM   511  C CG    . GLN A 1 69  ? 3.822   -21.995 11.810  1.00 38.29 ? 69  GLN A CG    1 
ATOM   512  C CD    . GLN A 1 69  ? 4.297   -23.369 11.346  1.00 38.58 ? 69  GLN A CD    1 
ATOM   513  O OE1   . GLN A 1 69  ? 3.743   -24.399 11.738  1.00 41.07 ? 69  GLN A OE1   1 
ATOM   514  N NE2   . GLN A 1 69  ? 5.329   -23.386 10.520  1.00 35.77 ? 69  GLN A NE2   1 
ATOM   515  N N     . GLN A 1 70  ? -0.441  -20.917 13.175  1.00 38.41 ? 70  GLN A N     1 
ATOM   516  C CA    . GLN A 1 70  ? -1.893  -20.823 13.122  1.00 38.64 ? 70  GLN A CA    1 
ATOM   517  C C     . GLN A 1 70  ? -2.373  -19.377 13.177  1.00 38.19 ? 70  GLN A C     1 
ATOM   518  O O     . GLN A 1 70  ? -3.334  -19.027 12.507  1.00 38.15 ? 70  GLN A O     1 
ATOM   519  C CB    . GLN A 1 70  ? -2.533  -21.620 14.267  1.00 38.78 ? 70  GLN A CB    1 
ATOM   520  C CG    . GLN A 1 70  ? -2.435  -23.131 14.098  1.00 39.65 ? 70  GLN A CG    1 
ATOM   521  C CD    . GLN A 1 70  ? -2.877  -23.873 15.333  1.00 39.57 ? 70  GLN A CD    1 
ATOM   522  O OE1   . GLN A 1 70  ? -3.748  -23.410 16.069  1.00 42.77 ? 70  GLN A OE1   1 
ATOM   523  N NE2   . GLN A 1 70  ? -2.267  -25.009 15.583  1.00 39.79 ? 70  GLN A NE2   1 
ATOM   524  N N     . GLU A 1 71  ? -1.719  -18.550 13.984  1.00 38.17 ? 71  GLU A N     1 
ATOM   525  C CA    . GLU A 1 71  ? -2.094  -17.130 14.096  1.00 38.68 ? 71  GLU A CA    1 
ATOM   526  C C     . GLU A 1 71  ? -1.765  -16.356 12.814  1.00 37.77 ? 71  GLU A C     1 
ATOM   527  O O     . GLU A 1 71  ? -2.602  -15.594 12.306  1.00 37.24 ? 71  GLU A O     1 
ATOM   528  C CB    . GLU A 1 71  ? -1.401  -16.477 15.291  1.00 38.64 ? 71  GLU A CB    1 
ATOM   529  C CG    . GLU A 1 71  ? -1.755  -17.143 16.608  1.00 41.55 ? 71  GLU A CG    1 
ATOM   530  C CD    . GLU A 1 71  ? -1.213  -16.403 17.819  1.00 42.31 ? 71  GLU A CD    1 
ATOM   531  O OE1   . GLU A 1 71  ? -0.863  -15.204 17.669  1.00 49.01 ? 71  GLU A OE1   1 
ATOM   532  O OE2   . GLU A 1 71  ? -1.157  -17.016 18.914  1.00 46.90 ? 71  GLU A OE2   1 
ATOM   533  N N     . ALA A 1 72  ? -0.552  -16.585 12.299  1.00 36.95 ? 72  ALA A N     1 
ATOM   534  C CA    . ALA A 1 72  ? -0.068  -15.964 11.061  1.00 36.58 ? 72  ALA A CA    1 
ATOM   535  C C     . ALA A 1 72  ? -0.959  -16.282 9.866   1.00 35.88 ? 72  ALA A C     1 
ATOM   536  O O     . ALA A 1 72  ? -1.229  -15.408 9.052   1.00 35.32 ? 72  ALA A O     1 
ATOM   537  C CB    . ALA A 1 72  ? 1.395   -16.393 10.777  1.00 36.08 ? 72  ALA A CB    1 
ATOM   538  N N     . LEU A 1 73  ? -1.408  -17.532 9.768   1.00 36.03 ? 73  LEU A N     1 
ATOM   539  C CA    . LEU A 1 73  ? -2.328  -17.973 8.716   1.00 36.14 ? 73  LEU A CA    1 
ATOM   540  C C     . LEU A 1 73  ? -3.712  -17.293 8.820   1.00 36.12 ? 73  LEU A C     1 
ATOM   541  O O     . LEU A 1 73  ? -4.283  -16.850 7.817   1.00 36.00 ? 73  LEU A O     1 
ATOM   542  C CB    . LEU A 1 73  ? -2.508  -19.487 8.808   1.00 36.19 ? 73  LEU A CB    1 
ATOM   543  C CG    . LEU A 1 73  ? -3.383  -20.126 7.728   1.00 36.65 ? 73  LEU A CG    1 
ATOM   544  C CD1   . LEU A 1 73  ? -2.784  -19.896 6.333   1.00 36.89 ? 73  LEU A CD1   1 
ATOM   545  C CD2   . LEU A 1 73  ? -3.585  -21.631 7.995   1.00 36.94 ? 73  LEU A CD2   1 
ATOM   546  N N     . ALA A 1 74  ? -4.251  -17.242 10.034  1.00 35.93 ? 74  ALA A N     1 
ATOM   547  C CA    . ALA A 1 74  ? -5.521  -16.564 10.299  1.00 36.06 ? 74  ALA A CA    1 
ATOM   548  C C     . ALA A 1 74  ? -5.420  -15.084 9.934   1.00 36.00 ? 74  ALA A C     1 
ATOM   549  O O     . ALA A 1 74  ? -6.353  -14.515 9.378   1.00 36.64 ? 74  ALA A O     1 
ATOM   550  C CB    . ALA A 1 74  ? -5.907  -16.720 11.769  1.00 35.66 ? 74  ALA A CB    1 
ATOM   551  N N     . LEU A 1 75  ? -4.273  -14.478 10.235  1.00 35.67 ? 75  LEU A N     1 
ATOM   552  C CA    . LEU A 1 75  ? -4.024  -13.081 9.922   1.00 35.53 ? 75  LEU A CA    1 
ATOM   553  C C     . LEU A 1 75  ? -3.876  -12.910 8.416   1.00 35.49 ? 75  LEU A C     1 
ATOM   554  O O     . LEU A 1 75  ? -4.388  -11.955 7.849   1.00 35.25 ? 75  LEU A O     1 
ATOM   555  C CB    . LEU A 1 75  ? -2.772  -12.576 10.663  1.00 35.45 ? 75  LEU A CB    1 
ATOM   556  C CG    . LEU A 1 75  ? -2.307  -11.137 10.426  1.00 35.78 ? 75  LEU A CG    1 
ATOM   557  C CD1   . LEU A 1 75  ? -3.427  -10.156 10.770  1.00 35.38 ? 75  LEU A CD1   1 
ATOM   558  C CD2   . LEU A 1 75  ? -1.003  -10.811 11.223  1.00 35.26 ? 75  LEU A CD2   1 
ATOM   559  N N     . SER A 1 76  ? -3.192  -13.853 7.771   1.00 35.77 ? 76  SER A N     1 
ATOM   560  C CA    . SER A 1 76  ? -3.019  -13.816 6.331   1.00 35.74 ? 76  SER A CA    1 
ATOM   561  C C     . SER A 1 76  ? -4.375  -13.875 5.622   1.00 36.21 ? 76  SER A C     1 
ATOM   562  O O     . SER A 1 76  ? -4.651  -13.042 4.757   1.00 36.23 ? 76  SER A O     1 
ATOM   563  C CB    . SER A 1 76  ? -2.111  -14.954 5.856   1.00 35.66 ? 76  SER A CB    1 
ATOM   564  O OG    . SER A 1 76  ? -1.834  -14.847 4.474   1.00 33.76 ? 76  SER A OG    1 
ATOM   565  N N     . ASP A 1 77  ? -5.216  -14.841 5.998   1.00 36.48 ? 77  ASP A N     1 
ATOM   566  C CA    . ASP A 1 77  ? -6.550  -15.004 5.378   1.00 36.65 ? 77  ASP A CA    1 
ATOM   567  C C     . ASP A 1 77  ? -7.423  -13.762 5.555   1.00 36.73 ? 77  ASP A C     1 
ATOM   568  O O     . ASP A 1 77  ? -8.192  -13.434 4.665   1.00 36.80 ? 77  ASP A O     1 
ATOM   569  C CB    . ASP A 1 77  ? -7.307  -16.206 5.956   1.00 36.53 ? 77  ASP A CB    1 
ATOM   570  C CG    . ASP A 1 77  ? -6.642  -17.547 5.635   1.00 37.30 ? 77  ASP A CG    1 
ATOM   571  O OD1   . ASP A 1 77  ? -5.899  -17.646 4.635   1.00 36.14 ? 77  ASP A OD1   1 
ATOM   572  O OD2   . ASP A 1 77  ? -6.897  -18.514 6.389   1.00 38.90 ? 77  ASP A OD2   1 
ATOM   573  N N     . GLU A 1 78  ? -7.303  -13.103 6.708   1.00 36.94 ? 78  GLU A N     1 
ATOM   574  C CA    . GLU A 1 78  ? -8.027  -11.859 6.982   1.00 37.12 ? 78  GLU A CA    1 
ATOM   575  C C     . GLU A 1 78  ? -7.599  -10.713 6.064   1.00 37.00 ? 78  GLU A C     1 
ATOM   576  O O     . GLU A 1 78  ? -8.445  -10.062 5.453   1.00 36.95 ? 78  GLU A O     1 
ATOM   577  C CB    . GLU A 1 78  ? -7.838  -11.424 8.442   1.00 37.14 ? 78  GLU A CB    1 
ATOM   578  C CG    . GLU A 1 78  ? -8.294  -9.974  8.710   1.00 38.12 ? 78  GLU A CG    1 
ATOM   579  C CD    . GLU A 1 78  ? -8.126  -9.548  10.153  1.00 38.34 ? 78  GLU A CD    1 
ATOM   580  O OE1   . GLU A 1 78  ? -7.716  -10.376 10.990  1.00 42.13 ? 78  GLU A OE1   1 
ATOM   581  O OE2   . GLU A 1 78  ? -8.414  -8.381  10.446  1.00 41.30 ? 78  GLU A OE2   1 
ATOM   582  N N     . LEU A 1 79  ? -6.290  -10.469 5.995   1.00 36.56 ? 79  LEU A N     1 
ATOM   583  C CA    . LEU A 1 79  ? -5.733  -9.428  5.147   1.00 36.22 ? 79  LEU A CA    1 
ATOM   584  C C     . LEU A 1 79  ? -6.091  -9.621  3.668   1.00 36.41 ? 79  LEU A C     1 
ATOM   585  O O     . LEU A 1 79  ? -6.397  -8.646  2.963   1.00 35.48 ? 79  LEU A O     1 
ATOM   586  C CB    . LEU A 1 79  ? -4.212  -9.367  5.304   1.00 36.21 ? 79  LEU A CB    1 
ATOM   587  C CG    . LEU A 1 79  ? -3.639  -8.984  6.680   1.00 35.81 ? 79  LEU A CG    1 
ATOM   588  C CD1   . LEU A 1 79  ? -2.131  -9.111  6.667   1.00 34.38 ? 79  LEU A CD1   1 
ATOM   589  C CD2   . LEU A 1 79  ? -4.036  -7.554  7.096   1.00 36.88 ? 79  LEU A CD2   1 
ATOM   590  N N     . ILE A 1 80  ? -6.079  -10.878 3.211   1.00 36.33 ? 80  ILE A N     1 
ATOM   591  C CA    . ILE A 1 80  ? -6.323  -11.190 1.798   1.00 36.45 ? 80  ILE A CA    1 
ATOM   592  C C     . ILE A 1 80  ? -7.793  -11.001 1.431   1.00 36.33 ? 80  ILE A C     1 
ATOM   593  O O     . ILE A 1 80  ? -8.103  -10.429 0.387   1.00 36.23 ? 80  ILE A O     1 
ATOM   594  C CB    . ILE A 1 80  ? -5.822  -12.628 1.424   1.00 36.73 ? 80  ILE A CB    1 
ATOM   595  C CG1   . ILE A 1 80  ? -4.289  -12.628 1.258   1.00 37.24 ? 80  ILE A CG1   1 
ATOM   596  C CG2   . ILE A 1 80  ? -6.484  -13.131 0.143   1.00 35.96 ? 80  ILE A CG2   1 
ATOM   597  C CD1   . ILE A 1 80  ? -3.657  -14.004 1.132   1.00 36.11 ? 80  ILE A CD1   1 
ATOM   598  N N     . ALA A 1 81  ? -8.681  -11.481 2.298   1.00 36.42 ? 81  ALA A N     1 
ATOM   599  C CA    . ALA A 1 81  ? -10.123 -11.265 2.163   1.00 36.62 ? 81  ALA A CA    1 
ATOM   600  C C     . ALA A 1 81  ? -10.472 -9.759  2.123   1.00 36.77 ? 81  ALA A C     1 
ATOM   601  O O     . ALA A 1 81  ? -11.236 -9.307  1.267   1.00 37.35 ? 81  ALA A O     1 
ATOM   602  C CB    . ALA A 1 81  ? -10.860 -11.950 3.313   1.00 35.95 ? 81  ALA A CB    1 
ATOM   603  N N     . GLU A 1 82  ? -9.909  -8.990  3.049   1.00 36.70 ? 82  GLU A N     1 
ATOM   604  C CA    . GLU A 1 82  ? -10.109 -7.537  3.075   1.00 36.70 ? 82  GLU A CA    1 
ATOM   605  C C     . GLU A 1 82  ? -9.669  -6.897  1.762   1.00 36.72 ? 82  GLU A C     1 
ATOM   606  O O     . GLU A 1 82  ? -10.407 -6.110  1.179   1.00 37.27 ? 82  GLU A O     1 
ATOM   607  C CB    . GLU A 1 82  ? -9.332  -6.934  4.230   1.00 36.69 ? 82  GLU A CB    1 
ATOM   608  C CG    . GLU A 1 82  ? -9.506  -5.444  4.432   1.00 36.66 ? 82  GLU A CG    1 
ATOM   609  C CD    . GLU A 1 82  ? -8.671  -4.961  5.586   1.00 36.50 ? 82  GLU A CD    1 
ATOM   610  O OE1   . GLU A 1 82  ? -7.455  -4.781  5.376   1.00 35.47 ? 82  GLU A OE1   1 
ATOM   611  O OE2   . GLU A 1 82  ? -9.215  -4.814  6.705   1.00 35.84 ? 82  GLU A OE2   1 
ATOM   612  N N     . LEU A 1 83  ? -8.487  -7.264  1.278   1.00 36.89 ? 83  LEU A N     1 
ATOM   613  C CA    . LEU A 1 83  ? -7.974  -6.741  0.019   1.00 37.01 ? 83  LEU A CA    1 
ATOM   614  C C     . LEU A 1 83  ? -8.888  -7.050  -1.168  1.00 37.32 ? 83  LEU A C     1 
ATOM   615  O O     . LEU A 1 83  ? -9.137  -6.172  -2.000  1.00 37.43 ? 83  LEU A O     1 
ATOM   616  C CB    . LEU A 1 83  ? -6.584  -7.289  -0.255  1.00 36.72 ? 83  LEU A CB    1 
ATOM   617  C CG    . LEU A 1 83  ? -5.900  -6.800  -1.543  1.00 37.13 ? 83  LEU A CG    1 
ATOM   618  C CD1   . LEU A 1 83  ? -5.662  -5.283  -1.499  1.00 36.06 ? 83  LEU A CD1   1 
ATOM   619  C CD2   . LEU A 1 83  ? -4.580  -7.554  -1.769  1.00 37.40 ? 83  LEU A CD2   1 
ATOM   620  N N     . LYS A 1 84  ? -9.365  -8.296  -1.249  1.00 37.74 ? 84  LYS A N     1 
ATOM   621  C CA    . LYS A 1 84  ? -10.253 -8.744  -2.332  1.00 37.78 ? 84  LYS A CA    1 
ATOM   622  C C     . LYS A 1 84  ? -11.688 -8.198  -2.229  1.00 37.85 ? 84  LYS A C     1 
ATOM   623  O O     . LYS A 1 84  ? -12.406 -8.171  -3.226  1.00 37.70 ? 84  LYS A O     1 
ATOM   624  C CB    . LYS A 1 84  ? -10.302 -10.283 -2.383  1.00 38.07 ? 84  LYS A CB    1 
ATOM   625  C CG    . LYS A 1 84  ? -9.076  -10.927 -3.006  1.00 37.88 ? 84  LYS A CG    1 
ATOM   626  C CD    . LYS A 1 84  ? -9.142  -12.441 -2.906  1.00 37.98 ? 84  LYS A CD    1 
ATOM   627  C CE    . LYS A 1 84  ? -7.897  -13.091 -3.492  1.00 38.17 ? 84  LYS A CE    1 
ATOM   628  N NZ    . LYS A 1 84  ? -8.074  -14.565 -3.721  1.00 37.35 ? 84  LYS A NZ    1 
ATOM   629  N N     . ALA A 1 85  ? -12.095 -7.770  -1.033  1.00 38.08 ? 85  ALA A N     1 
ATOM   630  C CA    . ALA A 1 85  ? -13.444 -7.232  -0.792  1.00 38.20 ? 85  ALA A CA    1 
ATOM   631  C C     . ALA A 1 85  ? -13.627 -5.741  -1.160  1.00 38.72 ? 85  ALA A C     1 
ATOM   632  O O     . ALA A 1 85  ? -14.767 -5.249  -1.231  1.00 39.53 ? 85  ALA A O     1 
ATOM   633  C CB    . ALA A 1 85  ? -13.837 -7.467  0.671   1.00 37.86 ? 85  ALA A CB    1 
ATOM   634  N N     . HIS A 1 86  ? -12.527 -5.019  -1.391  1.00 38.91 ? 86  HIS A N     1 
ATOM   635  C CA    . HIS A 1 86  ? -12.579 -3.599  -1.776  1.00 38.54 ? 86  HIS A CA    1 
ATOM   636  C C     . HIS A 1 86  ? -12.190 -3.357  -3.241  1.00 38.70 ? 86  HIS A C     1 
ATOM   637  O O     . HIS A 1 86  ? -11.447 -4.142  -3.831  1.00 38.39 ? 86  HIS A O     1 
ATOM   638  C CB    . HIS A 1 86  ? -11.673 -2.775  -0.865  1.00 38.41 ? 86  HIS A CB    1 
ATOM   639  C CG    . HIS A 1 86  ? -12.132 -2.730  0.559   1.00 38.43 ? 86  HIS A CG    1 
ATOM   640  N ND1   . HIS A 1 86  ? -11.896 -3.757  1.448   1.00 37.61 ? 86  HIS A ND1   1 
ATOM   641  C CD2   . HIS A 1 86  ? -12.802 -1.777  1.250   1.00 37.04 ? 86  HIS A CD2   1 
ATOM   642  C CE1   . HIS A 1 86  ? -12.403 -3.437  2.626   1.00 38.65 ? 86  HIS A CE1   1 
ATOM   643  N NE2   . HIS A 1 86  ? -12.960 -2.243  2.533   1.00 37.13 ? 86  HIS A NE2   1 
ATOM   644  N N     . ASP A 1 87  ? -12.671 -2.233  -3.789  1.00 38.69 ? 87  ASP A N     1 
ATOM   645  C CA    . ASP A 1 87  ? -12.560 -1.913  -5.227  1.00 38.60 ? 87  ASP A CA    1 
ATOM   646  C C     . ASP A 1 87  ? -11.402 -0.970  -5.572  1.00 38.04 ? 87  ASP A C     1 
ATOM   647  O O     . ASP A 1 87  ? -10.759 -1.123  -6.624  1.00 37.97 ? 87  ASP A O     1 
ATOM   648  C CB    . ASP A 1 87  ? -13.859 -1.242  -5.705  1.00 39.28 ? 87  ASP A CB    1 
ATOM   649  C CG    . ASP A 1 87  ? -15.098 -2.065  -5.400  1.00 41.03 ? 87  ASP A CG    1 
ATOM   650  O OD1   . ASP A 1 87  ? -15.264 -3.117  -6.047  1.00 43.92 ? 87  ASP A OD1   1 
ATOM   651  O OD2   . ASP A 1 87  ? -15.912 -1.646  -4.537  1.00 43.20 ? 87  ASP A OD2   1 
ATOM   652  N N     . VAL A 1 88  ? -11.201 0.034   -4.710  1.00 37.18 ? 88  VAL A N     1 
ATOM   653  C CA    . VAL A 1 88  ? -10.143 1.050   -4.849  1.00 36.28 ? 88  VAL A CA    1 
ATOM   654  C C     . VAL A 1 88  ? -9.146  0.910   -3.681  1.00 35.38 ? 88  VAL A C     1 
ATOM   655  O O     . VAL A 1 88  ? -9.521  0.984   -2.506  1.00 34.74 ? 88  VAL A O     1 
ATOM   656  C CB    . VAL A 1 88  ? -10.736 2.488   -4.891  1.00 36.48 ? 88  VAL A CB    1 
ATOM   657  C CG1   . VAL A 1 88  ? -9.640  3.529   -4.946  1.00 36.14 ? 88  VAL A CG1   1 
ATOM   658  C CG2   . VAL A 1 88  ? -11.668 2.649   -6.100  1.00 36.40 ? 88  VAL A CG2   1 
ATOM   659  N N     . ILE A 1 89  ? -7.886  0.641   -4.011  1.00 34.35 ? 89  ILE A N     1 
ATOM   660  C CA    . ILE A 1 89  ? -6.875  0.358   -2.998  1.00 34.15 ? 89  ILE A CA    1 
ATOM   661  C C     . ILE A 1 89  ? -5.907  1.539   -2.930  1.00 33.24 ? 89  ILE A C     1 
ATOM   662  O O     . ILE A 1 89  ? -5.188  1.794   -3.886  1.00 33.84 ? 89  ILE A O     1 
ATOM   663  C CB    . ILE A 1 89  ? -6.093  -0.953  -3.305  1.00 33.86 ? 89  ILE A CB    1 
ATOM   664  C CG1   . ILE A 1 89  ? -7.047  -2.118  -3.615  1.00 34.98 ? 89  ILE A CG1   1 
ATOM   665  C CG2   . ILE A 1 89  ? -5.148  -1.319  -2.143  1.00 33.49 ? 89  ILE A CG2   1 
ATOM   666  C CD1   . ILE A 1 89  ? -8.082  -2.404  -2.528  1.00 34.78 ? 89  ILE A CD1   1 
ATOM   667  N N     . VAL A 1 90  ? -5.892  2.248   -1.809  1.00 32.37 ? 90  VAL A N     1 
ATOM   668  C CA    . VAL A 1 90  ? -4.969  3.381   -1.613  1.00 32.46 ? 90  VAL A CA    1 
ATOM   669  C C     . VAL A 1 90  ? -3.800  2.952   -0.707  1.00 31.84 ? 90  VAL A C     1 
ATOM   670  O O     . VAL A 1 90  ? -4.019  2.471   0.398   1.00 32.28 ? 90  VAL A O     1 
ATOM   671  C CB    . VAL A 1 90  ? -5.683  4.605   -0.982  1.00 32.47 ? 90  VAL A CB    1 
ATOM   672  C CG1   . VAL A 1 90  ? -4.707  5.790   -0.802  1.00 32.06 ? 90  VAL A CG1   1 
ATOM   673  C CG2   . VAL A 1 90  ? -6.932  5.020   -1.824  1.00 32.63 ? 90  VAL A CG2   1 
ATOM   674  N N     . ILE A 1 91  ? -2.569  3.134   -1.167  1.00 30.81 ? 91  ILE A N     1 
ATOM   675  C CA    . ILE A 1 91  ? -1.407  2.694   -0.400  1.00 30.76 ? 91  ILE A CA    1 
ATOM   676  C C     . ILE A 1 91  ? -0.440  3.848   -0.092  1.00 30.29 ? 91  ILE A C     1 
ATOM   677  O O     . ILE A 1 91  ? 0.185   4.396   -0.989  1.00 29.38 ? 91  ILE A O     1 
ATOM   678  C CB    . ILE A 1 91  ? -0.648  1.564   -1.141  1.00 30.26 ? 91  ILE A CB    1 
ATOM   679  C CG1   . ILE A 1 91  ? -1.603  0.445   -1.585  1.00 30.77 ? 91  ILE A CG1   1 
ATOM   680  C CG2   . ILE A 1 91  ? 0.449   0.995   -0.251  1.00 30.35 ? 91  ILE A CG2   1 
ATOM   681  C CD1   . ILE A 1 91  ? -0.937  -0.644  -2.491  1.00 30.13 ? 91  ILE A CD1   1 
ATOM   682  N N     . ALA A 1 92  ? -0.317  4.213   1.184   1.00 30.64 ? 92  ALA A N     1 
ATOM   683  C CA    . ALA A 1 92  ? 0.687   5.211   1.599   1.00 30.51 ? 92  ALA A CA    1 
ATOM   684  C C     . ALA A 1 92  ? 2.054   4.522   1.726   1.00 30.46 ? 92  ALA A C     1 
ATOM   685  O O     . ALA A 1 92  ? 2.207   3.607   2.519   1.00 31.39 ? 92  ALA A O     1 
ATOM   686  C CB    . ALA A 1 92  ? 0.290   5.848   2.895   1.00 30.46 ? 92  ALA A CB    1 
ATOM   687  N N     . ALA A 1 93  ? 3.026   4.963   0.936   1.00 30.38 ? 93  ALA A N     1 
ATOM   688  C CA    . ALA A 1 93  ? 4.333   4.316   0.822   1.00 30.35 ? 93  ALA A CA    1 
ATOM   689  C C     . ALA A 1 93  ? 5.482   5.320   0.964   1.00 30.11 ? 93  ALA A C     1 
ATOM   690  O O     . ALA A 1 93  ? 6.112   5.668   -0.026  1.00 29.58 ? 93  ALA A O     1 
ATOM   691  C CB    . ALA A 1 93  ? 4.449   3.592   -0.530  1.00 30.09 ? 93  ALA A CB    1 
ATOM   692  N N     . PRO A 1 94  ? 5.742   5.802   2.197   1.00 30.29 ? 94  PRO A N     1 
ATOM   693  C CA    . PRO A 1 94  ? 6.947   6.588   2.440   1.00 30.02 ? 94  PRO A CA    1 
ATOM   694  C C     . PRO A 1 94  ? 8.216   5.804   2.115   1.00 29.82 ? 94  PRO A C     1 
ATOM   695  O O     . PRO A 1 94  ? 8.247   4.582   2.291   1.00 30.09 ? 94  PRO A O     1 
ATOM   696  C CB    . PRO A 1 94  ? 6.858   6.917   3.925   1.00 30.25 ? 94  PRO A CB    1 
ATOM   697  C CG    . PRO A 1 94  ? 5.913   5.934   4.485   1.00 30.59 ? 94  PRO A CG    1 
ATOM   698  C CD    . PRO A 1 94  ? 4.922   5.710   3.411   1.00 30.26 ? 94  PRO A CD    1 
ATOM   699  N N     . MET A 1 95  ? 9.222   6.507   1.606   1.00 29.13 ? 95  MET A N     1 
ATOM   700  C CA    . MET A 1 95  ? 10.528  5.931   1.327   1.00 29.35 ? 95  MET A CA    1 
ATOM   701  C C     . MET A 1 95  ? 11.398  6.075   2.553   1.00 29.13 ? 95  MET A C     1 
ATOM   702  O O     . MET A 1 95  ? 11.626  7.204   3.021   1.00 28.72 ? 95  MET A O     1 
ATOM   703  C CB    . MET A 1 95  ? 11.216  6.651   0.149   1.00 29.34 ? 95  MET A CB    1 
ATOM   704  C CG    . MET A 1 95  ? 12.674  6.186   -0.156  1.00 28.89 ? 95  MET A CG    1 
ATOM   705  S SD    . MET A 1 95  ? 13.393  7.064   -1.589  1.00 29.05 ? 95  MET A SD    1 
ATOM   706  C CE    . MET A 1 95  ? 13.073  8.727   -1.045  1.00 35.67 ? 95  MET A CE    1 
ATOM   707  N N     . TYR A 1 96  ? 11.891  4.932   3.051   1.00 28.90 ? 96  TYR A N     1 
ATOM   708  C CA    . TYR A 1 96  ? 12.911  4.899   4.099   1.00 28.73 ? 96  TYR A CA    1 
ATOM   709  C C     . TYR A 1 96  ? 14.118  4.066   3.620   1.00 28.55 ? 96  TYR A C     1 
ATOM   710  O O     . TYR A 1 96  ? 13.971  2.934   3.180   1.00 27.73 ? 96  TYR A O     1 
ATOM   711  C CB    . TYR A 1 96  ? 12.372  4.291   5.384   1.00 28.69 ? 96  TYR A CB    1 
ATOM   712  C CG    . TYR A 1 96  ? 11.159  4.952   6.009   1.00 28.97 ? 96  TYR A CG    1 
ATOM   713  C CD1   . TYR A 1 96  ? 11.015  6.333   6.046   1.00 28.81 ? 96  TYR A CD1   1 
ATOM   714  C CD2   . TYR A 1 96  ? 10.180  4.174   6.639   1.00 28.56 ? 96  TYR A CD2   1 
ATOM   715  C CE1   . TYR A 1 96  ? 9.883   6.925   6.660   1.00 28.88 ? 96  TYR A CE1   1 
ATOM   716  C CE2   . TYR A 1 96  ? 9.079   4.746   7.247   1.00 28.33 ? 96  TYR A CE2   1 
ATOM   717  C CZ    . TYR A 1 96  ? 8.923   6.115   7.258   1.00 28.65 ? 96  TYR A CZ    1 
ATOM   718  O OH    . TYR A 1 96  ? 7.801   6.663   7.865   1.00 28.11 ? 96  TYR A OH    1 
ATOM   719  N N     . ASN A 1 97  ? 15.303  4.656   3.723   1.00 28.83 ? 97  ASN A N     1 
ATOM   720  C CA    . ASN A 1 97  ? 16.548  4.095   3.215   1.00 29.23 ? 97  ASN A CA    1 
ATOM   721  C C     . ASN A 1 97  ? 16.426  3.459   1.823   1.00 29.50 ? 97  ASN A C     1 
ATOM   722  O O     . ASN A 1 97  ? 16.841  2.318   1.596   1.00 29.64 ? 97  ASN A O     1 
ATOM   723  C CB    . ASN A 1 97  ? 17.157  3.177   4.286   1.00 29.26 ? 97  ASN A CB    1 
ATOM   724  C CG    . ASN A 1 97  ? 17.444  3.942   5.582   1.00 29.49 ? 97  ASN A CG    1 
ATOM   725  O OD1   . ASN A 1 97  ? 17.958  5.146   5.429   1.00 25.42 ? 97  ASN A OD1   1 
ATOM   726  N ND2   . ASN A 1 97  ? 17.162  3.477   6.695   1.00 33.48 ? 97  ASN A ND2   1 
ATOM   727  N N     . PHE A 1 98  ? 15.821  4.228   0.913   1.00 29.56 ? 98  PHE A N     1 
ATOM   728  C CA    . PHE A 1 98  ? 15.609  3.838   -0.483  1.00 29.75 ? 98  PHE A CA    1 
ATOM   729  C C     . PHE A 1 98  ? 14.672  2.629   -0.727  1.00 30.01 ? 98  PHE A C     1 
ATOM   730  O O     . PHE A 1 98  ? 14.609  2.112   -1.866  1.00 29.16 ? 98  PHE A O     1 
ATOM   731  C CB    . PHE A 1 98  ? 16.959  3.644   -1.174  1.00 30.25 ? 98  PHE A CB    1 
ATOM   732  C CG    . PHE A 1 98  ? 17.828  4.886   -1.148  1.00 30.99 ? 98  PHE A CG    1 
ATOM   733  C CD1   . PHE A 1 98  ? 17.580  5.936   -2.018  1.00 31.28 ? 98  PHE A CD1   1 
ATOM   734  C CD2   . PHE A 1 98  ? 18.876  5.002   -0.243  1.00 31.00 ? 98  PHE A CD2   1 
ATOM   735  C CE1   . PHE A 1 98  ? 18.371  7.080   -1.991  1.00 32.33 ? 98  PHE A CE1   1 
ATOM   736  C CE2   . PHE A 1 98  ? 19.674  6.123   -0.214  1.00 31.20 ? 98  PHE A CE2   1 
ATOM   737  C CZ    . PHE A 1 98  ? 19.426  7.172   -1.088  1.00 32.08 ? 98  PHE A CZ    1 
ATOM   738  N N     . ASN A 1 99  ? 13.955  2.205   0.331   1.00 29.11 ? 99  ASN A N     1 
ATOM   739  C CA    . ASN A 1 99  ? 12.998  1.092   0.273   1.00 29.09 ? 99  ASN A CA    1 
ATOM   740  C C     . ASN A 1 99  ? 11.643  1.628   0.799   1.00 29.11 ? 99  ASN A C     1 
ATOM   741  O O     . ASN A 1 99  ? 11.575  2.736   1.353   1.00 29.39 ? 99  ASN A O     1 
ATOM   742  C CB    . ASN A 1 99  ? 13.518  -0.102  1.118   1.00 28.39 ? 99  ASN A CB    1 
ATOM   743  C CG    . ASN A 1 99  ? 13.074  -1.505  0.576   1.00 28.63 ? 99  ASN A CG    1 
ATOM   744  O OD1   . ASN A 1 99  ? 13.833  -2.496  0.647   1.00 26.95 ? 99  ASN A OD1   1 
ATOM   745  N ND2   . ASN A 1 99  ? 11.857  -1.593  0.072   1.00 26.31 ? 99  ASN A ND2   1 
ATOM   746  N N     . ILE A 1 100 ? 10.568  0.868   0.600   1.00 28.98 ? 100 ILE A N     1 
ATOM   747  C CA    . ILE A 1 100 ? 9.320   1.084   1.352   1.00 28.87 ? 100 ILE A CA    1 
ATOM   748  C C     . ILE A 1 100 ? 9.560   0.818   2.848   1.00 28.96 ? 100 ILE A C     1 
ATOM   749  O O     . ILE A 1 100 ? 10.623  0.305   3.245   1.00 29.67 ? 100 ILE A O     1 
ATOM   750  C CB    . ILE A 1 100 ? 8.157   0.165   0.827   1.00 29.06 ? 100 ILE A CB    1 
ATOM   751  C CG1   . ILE A 1 100 ? 8.541   -1.324  0.936   1.00 29.12 ? 100 ILE A CG1   1 
ATOM   752  C CG2   . ILE A 1 100 ? 7.792   0.526   -0.619  1.00 26.61 ? 100 ILE A CG2   1 
ATOM   753  C CD1   . ILE A 1 100 ? 7.376   -2.285  0.928   1.00 28.58 ? 100 ILE A CD1   1 
ATOM   754  N N     . SER A 1 101 ? 8.572   1.149   3.675   1.00 28.68 ? 101 SER A N     1 
ATOM   755  C CA    . SER A 1 101 ? 8.664   0.898   5.105   1.00 28.35 ? 101 SER A CA    1 
ATOM   756  C C     . SER A 1 101 ? 8.485   -0.588  5.397   1.00 28.28 ? 101 SER A C     1 
ATOM   757  O O     . SER A 1 101 ? 7.750   -1.283  4.704   1.00 28.90 ? 101 SER A O     1 
ATOM   758  C CB    . SER A 1 101 ? 7.634   1.731   5.886   1.00 28.60 ? 101 SER A CB    1 
ATOM   759  O OG    . SER A 1 101 ? 6.362   1.108   5.951   1.00 27.73 ? 101 SER A OG    1 
ATOM   760  N N     . THR A 1 102 ? 9.161   -1.071  6.429   1.00 27.68 ? 102 THR A N     1 
ATOM   761  C CA    . THR A 1 102 ? 9.064   -2.469  6.833   1.00 27.70 ? 102 THR A CA    1 
ATOM   762  C C     . THR A 1 102 ? 7.619   -2.802  7.256   1.00 27.70 ? 102 THR A C     1 
ATOM   763  O O     . THR A 1 102 ? 7.185   -3.942  7.157   1.00 27.20 ? 102 THR A O     1 
ATOM   764  C CB    . THR A 1 102 ? 10.047  -2.761  7.987   1.00 27.31 ? 102 THR A CB    1 
ATOM   765  O OG1   . THR A 1 102 ? 11.377  -2.492  7.528   1.00 27.52 ? 102 THR A OG1   1 
ATOM   766  C CG2   . THR A 1 102 ? 9.932   -4.202  8.465   1.00 26.83 ? 102 THR A CG2   1 
ATOM   767  N N     . GLN A 1 103 ? 6.888   -1.799  7.727   1.00 27.19 ? 103 GLN A N     1 
ATOM   768  C CA    . GLN A 1 103 ? 5.483   -1.996  8.088   1.00 27.29 ? 103 GLN A CA    1 
ATOM   769  C C     . GLN A 1 103 ? 4.621   -2.384  6.885   1.00 27.26 ? 103 GLN A C     1 
ATOM   770  O O     . GLN A 1 103 ? 3.754   -3.229  7.012   1.00 27.58 ? 103 GLN A O     1 
ATOM   771  C CB    . GLN A 1 103 ? 4.927   -0.768  8.804   1.00 26.62 ? 103 GLN A CB    1 
ATOM   772  C CG    . GLN A 1 103 ? 5.532   -0.591  10.232  1.00 26.98 ? 103 GLN A CG    1 
ATOM   773  C CD    . GLN A 1 103 ? 6.962   -0.042  10.239  1.00 26.18 ? 103 GLN A CD    1 
ATOM   774  O OE1   . GLN A 1 103 ? 7.420   0.564   9.254   1.00 23.32 ? 103 GLN A OE1   1 
ATOM   775  N NE2   . GLN A 1 103 ? 7.675   -0.259  11.349  1.00 23.21 ? 103 GLN A NE2   1 
ATOM   776  N N     . LEU A 1 104 ? 4.888   -1.796  5.717   1.00 27.65 ? 104 LEU A N     1 
ATOM   777  C CA    . LEU A 1 104 ? 4.198   -2.151  4.463   1.00 27.35 ? 104 LEU A CA    1 
ATOM   778  C C     . LEU A 1 104 ? 4.695   -3.479  3.899   1.00 27.65 ? 104 LEU A C     1 
ATOM   779  O O     . LEU A 1 104 ? 3.889   -4.308  3.428   1.00 27.23 ? 104 LEU A O     1 
ATOM   780  C CB    . LEU A 1 104 ? 4.388   -1.050  3.408   1.00 27.60 ? 104 LEU A CB    1 
ATOM   781  C CG    . LEU A 1 104 ? 3.728   -1.236  2.029   1.00 27.27 ? 104 LEU A CG    1 
ATOM   782  C CD1   . LEU A 1 104 ? 2.237   -1.513  2.171   1.00 26.35 ? 104 LEU A CD1   1 
ATOM   783  C CD2   . LEU A 1 104 ? 3.980   -0.022  1.138   1.00 26.69 ? 104 LEU A CD2   1 
ATOM   784  N N     . LYS A 1 105 ? 6.018   -3.669  3.961   1.00 27.31 ? 105 LYS A N     1 
ATOM   785  C CA    . LYS A 1 105 ? 6.665   -4.888  3.506   1.00 27.61 ? 105 LYS A CA    1 
ATOM   786  C C     . LYS A 1 105 ? 6.083   -6.137  4.166   1.00 28.04 ? 105 LYS A C     1 
ATOM   787  O O     . LYS A 1 105 ? 5.803   -7.129  3.482   1.00 27.73 ? 105 LYS A O     1 
ATOM   788  C CB    . LYS A 1 105 ? 8.180   -4.810  3.752   1.00 27.43 ? 105 LYS A CB    1 
ATOM   789  C CG    . LYS A 1 105 ? 9.019   -5.860  3.066   1.00 26.93 ? 105 LYS A CG    1 
ATOM   790  C CD    . LYS A 1 105 ? 10.494  -5.688  3.413   1.00 27.58 ? 105 LYS A CD    1 
ATOM   791  C CE    . LYS A 1 105 ? 11.418  -6.565  2.560   1.00 27.70 ? 105 LYS A CE    1 
ATOM   792  N NZ    . LYS A 1 105 ? 11.227  -8.038  2.773   1.00 26.58 ? 105 LYS A NZ    1 
ATOM   793  N N     . ASN A 1 106 ? 5.892   -6.093  5.483   1.00 28.68 ? 106 ASN A N     1 
ATOM   794  C CA    . ASN A 1 106 ? 5.365   -7.255  6.214   1.00 29.29 ? 106 ASN A CA    1 
ATOM   795  C C     . ASN A 1 106 ? 3.942   -7.637  5.763   1.00 29.91 ? 106 ASN A C     1 
ATOM   796  O O     . ASN A 1 106 ? 3.569   -8.823  5.760   1.00 29.44 ? 106 ASN A O     1 
ATOM   797  C CB    . ASN A 1 106 ? 5.366   -6.998  7.724   1.00 29.70 ? 106 ASN A CB    1 
ATOM   798  C CG    . ASN A 1 106 ? 6.763   -6.983  8.333   1.00 28.99 ? 106 ASN A CG    1 
ATOM   799  O OD1   . ASN A 1 106 ? 7.743   -7.348  7.696   1.00 28.13 ? 106 ASN A OD1   1 
ATOM   800  N ND2   . ASN A 1 106 ? 6.845   -6.556  9.591   1.00 29.86 ? 106 ASN A ND2   1 
ATOM   801  N N     . TYR A 1 107 ? 3.153   -6.615  5.421   1.00 30.32 ? 107 TYR A N     1 
ATOM   802  C CA    . TYR A 1 107 ? 1.805   -6.790  4.873   1.00 30.37 ? 107 TYR A CA    1 
ATOM   803  C C     . TYR A 1 107 ? 1.906   -7.533  3.535   1.00 31.02 ? 107 TYR A C     1 
ATOM   804  O O     . TYR A 1 107 ? 1.225   -8.540  3.320   1.00 31.69 ? 107 TYR A O     1 
ATOM   805  C CB    . TYR A 1 107 ? 1.107   -5.414  4.758   1.00 30.56 ? 107 TYR A CB    1 
ATOM   806  C CG    . TYR A 1 107 ? -0.165  -5.399  3.959   1.00 30.57 ? 107 TYR A CG    1 
ATOM   807  C CD1   . TYR A 1 107 ? -1.393  -5.698  4.555   1.00 30.09 ? 107 TYR A CD1   1 
ATOM   808  C CD2   . TYR A 1 107 ? -0.143  -5.099  2.608   1.00 29.27 ? 107 TYR A CD2   1 
ATOM   809  C CE1   . TYR A 1 107 ? -2.564  -5.696  3.819   1.00 29.83 ? 107 TYR A CE1   1 
ATOM   810  C CE2   . TYR A 1 107 ? -1.303  -5.086  1.863   1.00 31.15 ? 107 TYR A CE2   1 
ATOM   811  C CZ    . TYR A 1 107 ? -2.518  -5.386  2.470   1.00 31.18 ? 107 TYR A CZ    1 
ATOM   812  O OH    . TYR A 1 107 ? -3.669  -5.373  1.705   1.00 31.26 ? 107 TYR A OH    1 
ATOM   813  N N     . PHE A 1 108 ? 2.795   -7.070  2.658   1.00 31.21 ? 108 PHE A N     1 
ATOM   814  C CA    . PHE A 1 108 ? 3.017   -7.725  1.369   1.00 31.16 ? 108 PHE A CA    1 
ATOM   815  C C     . PHE A 1 108 ? 3.444   -9.190  1.511   1.00 31.39 ? 108 PHE A C     1 
ATOM   816  O O     . PHE A 1 108 ? 2.955   -10.053 0.783   1.00 31.70 ? 108 PHE A O     1 
ATOM   817  C CB    . PHE A 1 108 ? 4.092   -6.991  0.573   1.00 31.13 ? 108 PHE A CB    1 
ATOM   818  C CG    . PHE A 1 108 ? 3.650   -5.681  -0.044  1.00 31.32 ? 108 PHE A CG    1 
ATOM   819  C CD1   . PHE A 1 108 ? 2.308   -5.315  -0.138  1.00 30.70 ? 108 PHE A CD1   1 
ATOM   820  C CD2   . PHE A 1 108 ? 4.606   -4.834  -0.596  1.00 31.28 ? 108 PHE A CD2   1 
ATOM   821  C CE1   . PHE A 1 108 ? 1.932   -4.109  -0.731  1.00 31.16 ? 108 PHE A CE1   1 
ATOM   822  C CE2   . PHE A 1 108 ? 4.232   -3.631  -1.206  1.00 32.40 ? 108 PHE A CE2   1 
ATOM   823  C CZ    . PHE A 1 108 ? 2.892   -3.268  -1.270  1.00 31.06 ? 108 PHE A CZ    1 
ATOM   824  N N     . ASP A 1 109 ? 4.364   -9.454  2.437   1.00 31.73 ? 109 ASP A N     1 
ATOM   825  C CA    . ASP A 1 109 ? 4.894   -10.813 2.685   1.00 31.88 ? 109 ASP A CA    1 
ATOM   826  C C     . ASP A 1 109 ? 3.872   -11.812 3.210   1.00 31.96 ? 109 ASP A C     1 
ATOM   827  O O     . ASP A 1 109 ? 4.042   -13.004 3.021   1.00 32.39 ? 109 ASP A O     1 
ATOM   828  C CB    . ASP A 1 109 ? 6.072   -10.756 3.653   1.00 31.26 ? 109 ASP A CB    1 
ATOM   829  C CG    . ASP A 1 109 ? 7.361   -10.273 2.994   1.00 31.54 ? 109 ASP A CG    1 
ATOM   830  O OD1   . ASP A 1 109 ? 7.453   -10.156 1.732   1.00 31.24 ? 109 ASP A OD1   1 
ATOM   831  O OD2   . ASP A 1 109 ? 8.301   -10.022 3.765   1.00 31.64 ? 109 ASP A OD2   1 
ATOM   832  N N     . LEU A 1 110 ? 2.821   -11.320 3.854   1.00 32.31 ? 110 LEU A N     1 
ATOM   833  C CA    . LEU A 1 110 ? 1.670   -12.133 4.267   1.00 32.63 ? 110 LEU A CA    1 
ATOM   834  C C     . LEU A 1 110 ? 0.564   -12.166 3.200   1.00 33.09 ? 110 LEU A C     1 
ATOM   835  O O     . LEU A 1 110 ? -0.292  -13.047 3.217   1.00 32.39 ? 110 LEU A O     1 
ATOM   836  C CB    . LEU A 1 110 ? 1.087   -11.598 5.580   1.00 32.82 ? 110 LEU A CB    1 
ATOM   837  C CG    . LEU A 1 110 ? 1.367   -12.389 6.847   1.00 33.26 ? 110 LEU A CG    1 
ATOM   838  C CD1   . LEU A 1 110 ? 2.821   -12.817 6.956   1.00 35.18 ? 110 LEU A CD1   1 
ATOM   839  C CD2   . LEU A 1 110 ? 0.911   -11.600 8.073   1.00 32.34 ? 110 LEU A CD2   1 
ATOM   840  N N     . VAL A 1 111 ? 0.584   -11.210 2.277   1.00 33.43 ? 111 VAL A N     1 
ATOM   841  C CA    . VAL A 1 111 ? -0.433  -11.134 1.243   1.00 34.34 ? 111 VAL A CA    1 
ATOM   842  C C     . VAL A 1 111 ? -0.071  -11.928 -0.037  1.00 35.19 ? 111 VAL A C     1 
ATOM   843  O O     . VAL A 1 111 ? -0.953  -12.487 -0.667  1.00 34.91 ? 111 VAL A O     1 
ATOM   844  C CB    . VAL A 1 111 ? -0.791  -9.637  0.956   1.00 34.78 ? 111 VAL A CB    1 
ATOM   845  C CG1   . VAL A 1 111 ? -1.413  -9.448  -0.404  1.00 33.66 ? 111 VAL A CG1   1 
ATOM   846  C CG2   . VAL A 1 111 ? -1.724  -9.108  2.075   1.00 32.99 ? 111 VAL A CG2   1 
ATOM   847  N N     . ALA A 1 112 ? 1.210   -12.005 -0.403  1.00 36.14 ? 112 ALA A N     1 
ATOM   848  C CA    . ALA A 1 112 ? 1.610   -12.773 -1.587  1.00 37.11 ? 112 ALA A CA    1 
ATOM   849  C C     . ALA A 1 112 ? 1.649   -14.267 -1.250  1.00 38.31 ? 112 ALA A C     1 
ATOM   850  O O     . ALA A 1 112 ? 2.484   -14.703 -0.452  1.00 38.39 ? 112 ALA A O     1 
ATOM   851  C CB    . ALA A 1 112 ? 2.943   -12.298 -2.098  1.00 37.04 ? 112 ALA A CB    1 
ATOM   852  N N     . ARG A 1 113 ? 0.736   -15.045 -1.840  1.00 39.46 ? 113 ARG A N     1 
ATOM   853  C CA    . ARG A 1 113 ? 0.594   -16.470 -1.510  1.00 40.02 ? 113 ARG A CA    1 
ATOM   854  C C     . ARG A 1 113 ? 0.132   -17.297 -2.689  1.00 40.81 ? 113 ARG A C     1 
ATOM   855  O O     . ARG A 1 113 ? -0.912  -16.990 -3.274  1.00 41.18 ? 113 ARG A O     1 
ATOM   856  C CB    . ARG A 1 113 ? -0.442  -16.641 -0.426  1.00 40.53 ? 113 ARG A CB    1 
ATOM   857  C CG    . ARG A 1 113 ? 0.046   -16.304 0.938   1.00 40.88 ? 113 ARG A CG    1 
ATOM   858  C CD    . ARG A 1 113 ? -1.051  -16.506 1.934   1.00 40.70 ? 113 ARG A CD    1 
ATOM   859  N NE    . ARG A 1 113 ? -1.516  -17.895 1.976   1.00 40.68 ? 113 ARG A NE    1 
ATOM   860  C CZ    . ARG A 1 113 ? -2.559  -18.312 2.685   1.00 40.50 ? 113 ARG A CZ    1 
ATOM   861  N NH1   . ARG A 1 113 ? -3.283  -17.461 3.407   1.00 39.81 ? 113 ARG A NH1   1 
ATOM   862  N NH2   . ARG A 1 113 ? -2.893  -19.593 2.660   1.00 42.86 ? 113 ARG A NH2   1 
ATOM   863  N N     . ALA A 1 114 ? 0.883   -18.360 -2.999  1.00 41.14 ? 114 ALA A N     1 
ATOM   864  C CA    . ALA A 1 114 ? 0.605   -19.233 -4.155  1.00 41.43 ? 114 ALA A CA    1 
ATOM   865  C C     . ALA A 1 114 ? -0.763  -19.922 -4.068  1.00 41.59 ? 114 ALA A C     1 
ATOM   866  O O     . ALA A 1 114 ? -1.113  -20.480 -3.032  1.00 41.46 ? 114 ALA A O     1 
ATOM   867  C CB    . ALA A 1 114 ? 1.710   -20.282 -4.296  1.00 41.41 ? 114 ALA A CB    1 
ATOM   868  N N     . GLY A 1 115 ? -1.525  -19.871 -5.163  1.00 42.10 ? 115 GLY A N     1 
ATOM   869  C CA    . GLY A 1 115 ? -2.894  -20.408 -5.211  1.00 42.61 ? 115 GLY A CA    1 
ATOM   870  C C     . GLY A 1 115 ? -3.970  -19.563 -4.532  1.00 43.02 ? 115 GLY A C     1 
ATOM   871  O O     . GLY A 1 115 ? -5.111  -20.013 -4.370  1.00 43.06 ? 115 GLY A O     1 
ATOM   872  N N     . VAL A 1 116 ? -3.622  -18.345 -4.123  1.00 43.35 ? 116 VAL A N     1 
ATOM   873  C CA    . VAL A 1 116 ? -4.556  -17.479 -3.400  1.00 44.10 ? 116 VAL A CA    1 
ATOM   874  C C     . VAL A 1 116 ? -4.503  -16.052 -3.954  1.00 44.62 ? 116 VAL A C     1 
ATOM   875  O O     . VAL A 1 116 ? -5.526  -15.530 -4.393  1.00 44.76 ? 116 VAL A O     1 
ATOM   876  C CB    . VAL A 1 116 ? -4.311  -17.517 -1.860  1.00 43.99 ? 116 VAL A CB    1 
ATOM   877  C CG1   . VAL A 1 116 ? -5.158  -16.496 -1.147  1.00 44.23 ? 116 VAL A CG1   1 
ATOM   878  C CG2   . VAL A 1 116 ? -4.621  -18.910 -1.295  1.00 43.89 ? 116 VAL A CG2   1 
ATOM   879  N N     . THR A 1 117 ? -3.323  -15.433 -3.965  1.00 45.16 ? 117 THR A N     1 
ATOM   880  C CA    . THR A 1 117 ? -3.168  -14.123 -4.603  1.00 46.09 ? 117 THR A CA    1 
ATOM   881  C C     . THR A 1 117 ? -2.429  -14.182 -5.955  1.00 47.23 ? 117 THR A C     1 
ATOM   882  O O     . THR A 1 117 ? -2.528  -13.251 -6.752  1.00 46.95 ? 117 THR A O     1 
ATOM   883  C CB    . THR A 1 117 ? -2.537  -13.065 -3.631  1.00 45.41 ? 117 THR A CB    1 
ATOM   884  O OG1   . THR A 1 117 ? -1.336  -13.575 -3.046  1.00 42.90 ? 117 THR A OG1   1 
ATOM   885  C CG2   . THR A 1 117 ? -3.534  -12.709 -2.526  1.00 43.85 ? 117 THR A CG2   1 
ATOM   886  N N     . PHE A 1 118 ? -1.699  -15.266 -6.207  1.00 49.09 ? 118 PHE A N     1 
ATOM   887  C CA    . PHE A 1 118 ? -1.159  -15.544 -7.549  1.00 50.63 ? 118 PHE A CA    1 
ATOM   888  C C     . PHE A 1 118 ? -1.159  -17.056 -7.828  1.00 52.27 ? 118 PHE A C     1 
ATOM   889  O O     . PHE A 1 118 ? -1.566  -17.845 -6.968  1.00 52.39 ? 118 PHE A O     1 
ATOM   890  C CB    . PHE A 1 118 ? 0.250   -14.945 -7.723  1.00 50.18 ? 118 PHE A CB    1 
ATOM   891  C CG    . PHE A 1 118 ? 1.344   -15.684 -6.979  1.00 49.64 ? 118 PHE A CG    1 
ATOM   892  C CD1   . PHE A 1 118 ? 2.142   -16.613 -7.630  1.00 49.41 ? 118 PHE A CD1   1 
ATOM   893  C CD2   . PHE A 1 118 ? 1.590   -15.429 -5.637  1.00 49.97 ? 118 PHE A CD2   1 
ATOM   894  C CE1   . PHE A 1 118 ? 3.159   -17.297 -6.954  1.00 49.68 ? 118 PHE A CE1   1 
ATOM   895  C CE2   . PHE A 1 118 ? 2.611   -16.109 -4.949  1.00 50.08 ? 118 PHE A CE2   1 
ATOM   896  C CZ    . PHE A 1 118 ? 3.393   -17.045 -5.614  1.00 49.63 ? 118 PHE A CZ    1 
ATOM   897  N N     . ARG A 1 119 ? -0.719  -17.442 -9.028  1.00 54.32 ? 119 ARG A N     1 
ATOM   898  C CA    . ARG A 1 119 ? -0.560  -18.856 -9.401  1.00 56.14 ? 119 ARG A CA    1 
ATOM   899  C C     . ARG A 1 119 ? 0.326   -19.042 -10.632 1.00 57.53 ? 119 ARG A C     1 
ATOM   900  O O     . ARG A 1 119 ? 0.478   -18.138 -11.457 1.00 57.32 ? 119 ARG A O     1 
ATOM   901  C CB    . ARG A 1 119 ? -1.912  -19.516 -9.675  1.00 56.38 ? 119 ARG A CB    1 
ATOM   902  C CG    . ARG A 1 119 ? -2.677  -18.924 -10.854 1.00 56.93 ? 119 ARG A CG    1 
ATOM   903  C CD    . ARG A 1 119 ? -3.807  -19.844 -11.304 1.00 57.88 ? 119 ARG A CD    1 
ATOM   904  N NE    . ARG A 1 119 ? -4.802  -19.119 -12.092 1.00 59.30 ? 119 ARG A NE    1 
ATOM   905  C CZ    . ARG A 1 119 ? -5.917  -19.650 -12.590 1.00 61.49 ? 119 ARG A CZ    1 
ATOM   906  N NH1   . ARG A 1 119 ? -6.208  -20.940 -12.398 1.00 63.11 ? 119 ARG A NH1   1 
ATOM   907  N NH2   . ARG A 1 119 ? -6.750  -18.878 -13.290 1.00 61.72 ? 119 ARG A NH2   1 
ATOM   908  N N     . TYR A 1 120 ? 0.882   -20.242 -10.762 1.00 59.58 ? 120 TYR A N     1 
ATOM   909  C CA    . TYR A 1 120 ? 1.753   -20.580 -11.886 1.00 60.80 ? 120 TYR A CA    1 
ATOM   910  C C     . TYR A 1 120 ? 0.941   -21.228 -13.009 1.00 62.01 ? 120 TYR A C     1 
ATOM   911  O O     . TYR A 1 120 ? 0.088   -22.073 -12.746 1.00 61.89 ? 120 TYR A O     1 
ATOM   912  C CB    . TYR A 1 120 ? 2.842   -21.537 -11.432 1.00 60.99 ? 120 TYR A CB    1 
ATOM   913  C CG    . TYR A 1 120 ? 3.613   -21.105 -10.195 1.00 61.35 ? 120 TYR A CG    1 
ATOM   914  C CD1   . TYR A 1 120 ? 4.646   -20.167 -10.287 1.00 61.77 ? 120 TYR A CD1   1 
ATOM   915  C CD2   . TYR A 1 120 ? 3.336   -21.661 -8.939  1.00 61.54 ? 120 TYR A CD2   1 
ATOM   916  C CE1   . TYR A 1 120 ? 5.376   -19.782 -9.162  1.00 61.54 ? 120 TYR A CE1   1 
ATOM   917  C CE2   . TYR A 1 120 ? 4.063   -21.283 -7.802  1.00 61.50 ? 120 TYR A CE2   1 
ATOM   918  C CZ    . TYR A 1 120 ? 5.087   -20.344 -7.926  1.00 61.53 ? 120 TYR A CZ    1 
ATOM   919  O OH    . TYR A 1 120 ? 5.813   -19.953 -6.822  1.00 61.23 ? 120 TYR A OH    1 
ATOM   920  N N     . THR A 1 121 ? 1.203   -20.813 -14.250 1.00 63.57 ? 121 THR A N     1 
ATOM   921  C CA    . THR A 1 121 ? 0.570   -21.407 -15.444 1.00 64.65 ? 121 THR A CA    1 
ATOM   922  C C     . THR A 1 121 ? 1.577   -21.488 -16.598 1.00 65.81 ? 121 THR A C     1 
ATOM   923  O O     . THR A 1 121 ? 2.690   -20.958 -16.492 1.00 66.55 ? 121 THR A O     1 
ATOM   924  C CB    . THR A 1 121 ? -0.684  -20.605 -15.903 1.00 64.88 ? 121 THR A CB    1 
ATOM   925  O OG1   . THR A 1 121 ? -0.305  -19.280 -16.313 1.00 64.84 ? 121 THR A OG1   1 
ATOM   926  C CG2   . THR A 1 121 ? -1.732  -20.529 -14.776 1.00 64.58 ? 121 THR A CG2   1 
ATOM   927  N N     . GLU A 1 122 ? 1.188   -22.136 -17.699 1.00 66.84 ? 122 GLU A N     1 
ATOM   928  C CA    . GLU A 1 122 ? 2.089   -22.307 -18.857 1.00 67.00 ? 122 GLU A CA    1 
ATOM   929  C C     . GLU A 1 122 ? 2.283   -21.008 -19.653 1.00 67.45 ? 122 GLU A C     1 
ATOM   930  O O     . GLU A 1 122 ? 3.190   -20.909 -20.480 1.00 67.88 ? 122 GLU A O     1 
ATOM   931  C CB    . GLU A 1 122 ? 1.594   -23.427 -19.782 1.00 67.32 ? 122 GLU A CB    1 
ATOM   932  C CG    . GLU A 1 122 ? 2.689   -24.049 -20.694 1.00 67.87 ? 122 GLU A CG    1 
ATOM   933  C CD    . GLU A 1 122 ? 2.788   -23.434 -22.102 1.00 69.74 ? 122 GLU A CD    1 
ATOM   934  O OE1   . GLU A 1 122 ? 3.651   -23.905 -22.881 1.00 71.02 ? 122 GLU A OE1   1 
ATOM   935  O OE2   . GLU A 1 122 ? 2.019   -22.500 -22.443 1.00 70.45 ? 122 GLU A OE2   1 
ATOM   936  N N     . ASN A 1 123 ? 1.431   -20.017 -19.417 1.00 67.62 ? 123 ASN A N     1 
ATOM   937  C CA    . ASN A 1 123 ? 1.634   -18.696 -20.001 1.00 67.29 ? 123 ASN A CA    1 
ATOM   938  C C     . ASN A 1 123 ? 2.415   -17.792 -19.024 1.00 67.11 ? 123 ASN A C     1 
ATOM   939  O O     . ASN A 1 123 ? 2.633   -16.603 -19.306 1.00 67.08 ? 123 ASN A O     1 
ATOM   940  C CB    . ASN A 1 123 ? 0.284   -18.072 -20.384 1.00 67.67 ? 123 ASN A CB    1 
ATOM   941  C CG    . ASN A 1 123 ? 0.416   -16.985 -21.450 1.00 68.64 ? 123 ASN A CG    1 
ATOM   942  O OD1   . ASN A 1 123 ? 0.178   -15.799 -21.179 1.00 71.14 ? 123 ASN A OD1   1 
ATOM   943  N ND2   . ASN A 1 123 ? 0.803   -17.384 -22.664 1.00 69.89 ? 123 ASN A ND2   1 
ATOM   944  N N     . GLY A 1 124 ? 2.836   -18.366 -17.888 1.00 66.35 ? 124 GLY A N     1 
ATOM   945  C CA    . GLY A 1 124 ? 3.617   -17.659 -16.863 1.00 65.61 ? 124 GLY A CA    1 
ATOM   946  C C     . GLY A 1 124 ? 2.907   -17.601 -15.513 1.00 65.05 ? 124 GLY A C     1 
ATOM   947  O O     . GLY A 1 124 ? 1.810   -18.143 -15.364 1.00 65.07 ? 124 GLY A O     1 
ATOM   948  N N     . PRO A 1 125 ? 3.548   -16.971 -14.503 1.00 64.12 ? 125 PRO A N     1 
ATOM   949  C CA    . PRO A 1 125 ? 2.848   -16.664 -13.246 1.00 63.03 ? 125 PRO A CA    1 
ATOM   950  C C     . PRO A 1 125 ? 1.767   -15.608 -13.466 1.00 61.84 ? 125 PRO A C     1 
ATOM   951  O O     . PRO A 1 125 ? 1.881   -14.780 -14.364 1.00 61.74 ? 125 PRO A O     1 
ATOM   952  C CB    . PRO A 1 125 ? 3.967   -16.150 -12.322 1.00 63.38 ? 125 PRO A CB    1 
ATOM   953  C CG    . PRO A 1 125 ? 5.264   -16.616 -12.971 1.00 63.82 ? 125 PRO A CG    1 
ATOM   954  C CD    . PRO A 1 125 ? 4.961   -16.549 -14.448 1.00 64.19 ? 125 PRO A CD    1 
ATOM   955  N N     . GLU A 1 126 ? 0.728   -15.650 -12.646 1.00 60.33 ? 126 GLU A N     1 
ATOM   956  C CA    . GLU A 1 126 ? -0.518  -14.957 -12.944 1.00 59.19 ? 126 GLU A CA    1 
ATOM   957  C C     . GLU A 1 126 ? -1.141  -14.442 -11.639 1.00 57.57 ? 126 GLU A C     1 
ATOM   958  O O     . GLU A 1 126 ? -1.273  -15.191 -10.682 1.00 56.95 ? 126 GLU A O     1 
ATOM   959  C CB    . GLU A 1 126 ? -1.465  -15.946 -13.649 1.00 59.20 ? 126 GLU A CB    1 
ATOM   960  C CG    . GLU A 1 126 ? -2.591  -15.324 -14.469 1.00 60.05 ? 126 GLU A CG    1 
ATOM   961  C CD    . GLU A 1 126 ? -3.949  -16.008 -14.252 1.00 60.07 ? 126 GLU A CD    1 
ATOM   962  O OE1   . GLU A 1 126 ? -4.059  -17.246 -14.419 1.00 60.49 ? 126 GLU A OE1   1 
ATOM   963  O OE2   . GLU A 1 126 ? -4.912  -15.288 -13.914 1.00 61.30 ? 126 GLU A OE2   1 
ATOM   964  N N     . GLY A 1 127 ? -1.512  -13.165 -11.606 1.00 56.22 ? 127 GLY A N     1 
ATOM   965  C CA    . GLY A 1 127 ? -2.157  -12.565 -10.438 1.00 55.06 ? 127 GLY A CA    1 
ATOM   966  C C     . GLY A 1 127 ? -3.629  -12.923 -10.329 1.00 53.90 ? 127 GLY A C     1 
ATOM   967  O O     . GLY A 1 127 ? -4.327  -12.971 -11.334 1.00 53.78 ? 127 GLY A O     1 
ATOM   968  N N     . LEU A 1 128 ? -4.100  -13.165 -9.105  1.00 52.70 ? 128 LEU A N     1 
ATOM   969  C CA    . LEU A 1 128 ? -5.511  -13.500 -8.842  1.00 52.08 ? 128 LEU A CA    1 
ATOM   970  C C     . LEU A 1 128 ? -6.312  -12.384 -8.147  1.00 51.45 ? 128 LEU A C     1 
ATOM   971  O O     . LEU A 1 128 ? -7.514  -12.524 -7.961  1.00 51.39 ? 128 LEU A O     1 
ATOM   972  C CB    . LEU A 1 128 ? -5.609  -14.791 -8.012  1.00 51.68 ? 128 LEU A CB    1 
ATOM   973  C CG    . LEU A 1 128 ? -5.046  -16.070 -8.674  1.00 51.30 ? 128 LEU A CG    1 
ATOM   974  C CD1   . LEU A 1 128 ? -5.099  -17.246 -7.708  1.00 49.04 ? 128 LEU A CD1   1 
ATOM   975  C CD2   . LEU A 1 128 ? -5.777  -16.404 -9.980  1.00 48.53 ? 128 LEU A CD2   1 
ATOM   976  N N     . VAL A 1 129 ? -5.671  -11.288 -7.750  1.00 50.68 ? 129 VAL A N     1 
ATOM   977  C CA    . VAL A 1 129 ? -6.417  -10.148 -7.225  1.00 50.34 ? 129 VAL A CA    1 
ATOM   978  C C     . VAL A 1 129 ? -6.699  -9.217  -8.409  1.00 49.97 ? 129 VAL A C     1 
ATOM   979  O O     . VAL A 1 129 ? -5.869  -8.386  -8.778  1.00 50.10 ? 129 VAL A O     1 
ATOM   980  C CB    . VAL A 1 129 ? -5.677  -9.432  -6.073  1.00 50.12 ? 129 VAL A CB    1 
ATOM   981  C CG1   . VAL A 1 129 ? -6.549  -8.331  -5.489  1.00 49.85 ? 129 VAL A CG1   1 
ATOM   982  C CG2   . VAL A 1 129 ? -5.303  -10.427 -4.980  1.00 49.66 ? 129 VAL A CG2   1 
ATOM   983  N N     . THR A 1 130 ? -7.868  -9.389  -9.019  1.00 49.53 ? 130 THR A N     1 
ATOM   984  C CA    . THR A 1 130 ? -8.192  -8.744  -10.294 1.00 49.31 ? 130 THR A CA    1 
ATOM   985  C C     . THR A 1 130 ? -9.279  -7.681  -10.142 1.00 48.73 ? 130 THR A C     1 
ATOM   986  O O     . THR A 1 130 ? -9.965  -7.615  -9.122  1.00 48.62 ? 130 THR A O     1 
ATOM   987  C CB    . THR A 1 130 ? -8.684  -9.784  -11.313 1.00 49.33 ? 130 THR A CB    1 
ATOM   988  O OG1   . THR A 1 130 ? -9.940  -10.304 -10.874 1.00 49.84 ? 130 THR A OG1   1 
ATOM   989  C CG2   . THR A 1 130 ? -7.683  -10.929 -11.445 1.00 49.45 ? 130 THR A CG2   1 
ATOM   990  N N     . GLY A 1 131 ? -9.430  -6.855  -11.174 1.00 48.50 ? 131 GLY A N     1 
ATOM   991  C CA    . GLY A 1 131 ? -10.492 -5.836  -11.223 1.00 48.02 ? 131 GLY A CA    1 
ATOM   992  C C     . GLY A 1 131 ? -10.355 -4.675  -10.243 1.00 47.60 ? 131 GLY A C     1 
ATOM   993  O O     . GLY A 1 131 ? -11.338 -4.011  -9.933  1.00 47.88 ? 131 GLY A O     1 
ATOM   994  N N     . LYS A 1 132 ? -9.138  -4.413  -9.770  1.00 46.72 ? 132 LYS A N     1 
ATOM   995  C CA    . LYS A 1 132 ? -8.902  -3.361  -8.778  1.00 45.76 ? 132 LYS A CA    1 
ATOM   996  C C     . LYS A 1 132 ? -8.275  -2.127  -9.416  1.00 44.86 ? 132 LYS A C     1 
ATOM   997  O O     . LYS A 1 132 ? -7.561  -2.227  -10.403 1.00 44.63 ? 132 LYS A O     1 
ATOM   998  C CB    . LYS A 1 132 ? -7.985  -3.881  -7.648  1.00 45.70 ? 132 LYS A CB    1 
ATOM   999  C CG    . LYS A 1 132 ? -8.707  -4.534  -6.462  1.00 45.39 ? 132 LYS A CG    1 
ATOM   1000 C CD    . LYS A 1 132 ? -9.417  -5.795  -6.871  1.00 45.52 ? 132 LYS A CD    1 
ATOM   1001 C CE    . LYS A 1 132 ? -9.924  -6.640  -5.679  1.00 44.76 ? 132 LYS A CE    1 
ATOM   1002 N NZ    . LYS A 1 132 ? -11.349 -6.400  -5.360  1.00 43.50 ? 132 LYS A NZ    1 
ATOM   1003 N N     . LYS A 1 133 ? -8.559  -0.964  -8.837  1.00 44.11 ? 133 LYS A N     1 
ATOM   1004 C CA    . LYS A 1 133 ? -7.823  0.254   -9.113  1.00 43.65 ? 133 LYS A CA    1 
ATOM   1005 C C     . LYS A 1 133 ? -7.009  0.665   -7.862  1.00 42.72 ? 133 LYS A C     1 
ATOM   1006 O O     . LYS A 1 133 ? -7.553  0.716   -6.756  1.00 42.23 ? 133 LYS A O     1 
ATOM   1007 C CB    . LYS A 1 133 ? -8.790  1.362   -9.527  1.00 44.03 ? 133 LYS A CB    1 
ATOM   1008 C CG    . LYS A 1 133 ? -9.570  1.058   -10.834 1.00 44.97 ? 133 LYS A CG    1 
ATOM   1009 C CD    . LYS A 1 133 ? -10.419 2.265   -11.272 1.00 45.36 ? 133 LYS A CD    1 
ATOM   1010 C CE    . LYS A 1 133 ? -10.561 2.352   -12.803 1.00 46.70 ? 133 LYS A CE    1 
ATOM   1011 N NZ    . LYS A 1 133 ? -10.727 3.770   -13.301 1.00 47.11 ? 133 LYS A NZ    1 
ATOM   1012 N N     . ALA A 1 134 ? -5.711  0.937   -8.048  1.00 41.52 ? 134 ALA A N     1 
ATOM   1013 C CA    . ALA A 1 134 ? -4.809  1.306   -6.948  1.00 40.60 ? 134 ALA A CA    1 
ATOM   1014 C C     . ALA A 1 134 ? -4.226  2.717   -7.119  1.00 39.79 ? 134 ALA A C     1 
ATOM   1015 O O     . ALA A 1 134 ? -3.970  3.164   -8.243  1.00 39.83 ? 134 ALA A O     1 
ATOM   1016 C CB    . ALA A 1 134 ? -3.691  0.295   -6.812  1.00 40.21 ? 134 ALA A CB    1 
ATOM   1017 N N     . ILE A 1 135 ? -4.048  3.413   -5.993  1.00 38.50 ? 135 ILE A N     1 
ATOM   1018 C CA    . ILE A 1 135 ? -3.374  4.708   -5.958  1.00 37.77 ? 135 ILE A CA    1 
ATOM   1019 C C     . ILE A 1 135 ? -2.303  4.657   -4.875  1.00 36.72 ? 135 ILE A C     1 
ATOM   1020 O O     . ILE A 1 135 ? -2.618  4.376   -3.732  1.00 37.35 ? 135 ILE A O     1 
ATOM   1021 C CB    . ILE A 1 135 ? -4.362  5.868   -5.640  1.00 37.83 ? 135 ILE A CB    1 
ATOM   1022 C CG1   . ILE A 1 135 ? -5.462  5.967   -6.709  1.00 38.30 ? 135 ILE A CG1   1 
ATOM   1023 C CG2   . ILE A 1 135 ? -3.620  7.188   -5.503  1.00 38.04 ? 135 ILE A CG2   1 
ATOM   1024 C CD1   . ILE A 1 135 ? -6.753  5.238   -6.351  1.00 38.17 ? 135 ILE A CD1   1 
ATOM   1025 N N     . VAL A 1 136 ? -1.050  4.908   -5.247  1.00 35.55 ? 136 VAL A N     1 
ATOM   1026 C CA    . VAL A 1 136 ? 0.078   4.959   -4.316  1.00 34.67 ? 136 VAL A CA    1 
ATOM   1027 C C     . VAL A 1 136 ? 0.388   6.422   -3.970  1.00 34.31 ? 136 VAL A C     1 
ATOM   1028 O O     . VAL A 1 136 ? 0.534   7.256   -4.871  1.00 34.21 ? 136 VAL A O     1 
ATOM   1029 C CB    . VAL A 1 136 ? 1.336   4.277   -4.944  1.00 34.78 ? 136 VAL A CB    1 
ATOM   1030 C CG1   . VAL A 1 136 ? 2.610   4.665   -4.210  1.00 33.69 ? 136 VAL A CG1   1 
ATOM   1031 C CG2   . VAL A 1 136 ? 1.156   2.751   -4.969  1.00 33.60 ? 136 VAL A CG2   1 
ATOM   1032 N N     . ILE A 1 137 ? 0.453   6.738   -2.673  1.00 32.99 ? 137 ILE A N     1 
ATOM   1033 C CA    . ILE A 1 137 ? 0.855   8.070   -2.211  1.00 32.41 ? 137 ILE A CA    1 
ATOM   1034 C C     . ILE A 1 137 ? 2.247   7.929   -1.590  1.00 31.54 ? 137 ILE A C     1 
ATOM   1035 O O     . ILE A 1 137 ? 2.390   7.368   -0.524  1.00 30.97 ? 137 ILE A O     1 
ATOM   1036 C CB    . ILE A 1 137 ? -0.129  8.659   -1.154  1.00 32.14 ? 137 ILE A CB    1 
ATOM   1037 C CG1   . ILE A 1 137 ? -1.554  8.783   -1.716  1.00 32.51 ? 137 ILE A CG1   1 
ATOM   1038 C CG2   . ILE A 1 137 ? 0.348   9.996   -0.701  1.00 31.94 ? 137 ILE A CG2   1 
ATOM   1039 C CD1   . ILE A 1 137 ? -2.625  9.079   -0.667  1.00 31.02 ? 137 ILE A CD1   1 
ATOM   1040 N N     . THR A 1 138 ? 3.266   8.432   -2.270  1.00 31.22 ? 138 THR A N     1 
ATOM   1041 C CA    . THR A 1 138 ? 4.652   8.190   -1.879  1.00 31.21 ? 138 THR A CA    1 
ATOM   1042 C C     . THR A 1 138 ? 5.387   9.509   -1.557  1.00 31.55 ? 138 THR A C     1 
ATOM   1043 O O     . THR A 1 138 ? 5.542   10.406  -2.411  1.00 32.15 ? 138 THR A O     1 
ATOM   1044 C CB    . THR A 1 138 ? 5.384   7.322   -2.944  1.00 31.09 ? 138 THR A CB    1 
ATOM   1045 O OG1   . THR A 1 138 ? 6.665   6.895   -2.452  1.00 31.13 ? 138 THR A OG1   1 
ATOM   1046 C CG2   . THR A 1 138 ? 5.523   8.045   -4.281  1.00 29.36 ? 138 THR A CG2   1 
ATOM   1047 N N     . SER A 1 139 ? 5.790   9.619   -0.297  1.00 31.25 ? 139 SER A N     1 
ATOM   1048 C CA    . SER A 1 139 ? 6.460   10.793  0.238   1.00 31.11 ? 139 SER A CA    1 
ATOM   1049 C C     . SER A 1 139 ? 7.955   10.497  0.358   1.00 31.12 ? 139 SER A C     1 
ATOM   1050 O O     . SER A 1 139 ? 8.350   9.352   0.615   1.00 30.27 ? 139 SER A O     1 
ATOM   1051 C CB    . SER A 1 139 ? 5.858   11.150  1.609   1.00 31.11 ? 139 SER A CB    1 
ATOM   1052 O OG    . SER A 1 139 ? 5.741   9.991   2.432   1.00 31.07 ? 139 SER A OG    1 
ATOM   1053 N N     . ARG A 1 140 ? 8.777   11.520  0.110   1.00 31.41 ? 140 ARG A N     1 
ATOM   1054 C CA    . ARG A 1 140 ? 10.238  11.410  0.152   1.00 31.87 ? 140 ARG A CA    1 
ATOM   1055 C C     . ARG A 1 140 ? 10.852  12.721  0.655   1.00 32.34 ? 140 ARG A C     1 
ATOM   1056 O O     . ARG A 1 140 ? 10.356  13.821  0.336   1.00 31.95 ? 140 ARG A O     1 
ATOM   1057 C CB    . ARG A 1 140 ? 10.816  11.170  -1.241  1.00 32.31 ? 140 ARG A CB    1 
ATOM   1058 C CG    . ARG A 1 140 ? 10.458  9.869   -1.916  1.00 32.38 ? 140 ARG A CG    1 
ATOM   1059 C CD    . ARG A 1 140 ? 9.195   9.975   -2.739  1.00 33.34 ? 140 ARG A CD    1 
ATOM   1060 N NE    . ARG A 1 140 ? 8.812   8.666   -3.238  1.00 33.25 ? 140 ARG A NE    1 
ATOM   1061 C CZ    . ARG A 1 140 ? 9.231   8.131   -4.386  1.00 34.84 ? 140 ARG A CZ    1 
ATOM   1062 N NH1   . ARG A 1 140 ? 8.812   6.915   -4.721  1.00 35.34 ? 140 ARG A NH1   1 
ATOM   1063 N NH2   . ARG A 1 140 ? 10.079  8.778   -5.193  1.00 35.63 ? 140 ARG A NH2   1 
ATOM   1064 N N     . GLY A 1 141 ? 11.940  12.605  1.405   1.00 32.07 ? 141 GLY A N     1 
ATOM   1065 C CA    . GLY A 1 141 ? 12.671  13.779  1.866   1.00 33.02 ? 141 GLY A CA    1 
ATOM   1066 C C     . GLY A 1 141 ? 13.355  14.529  0.735   1.00 33.74 ? 141 GLY A C     1 
ATOM   1067 O O     . GLY A 1 141 ? 13.298  15.772  0.680   1.00 33.34 ? 141 GLY A O     1 
ATOM   1068 N N     . GLY A 1 142 ? 13.999  13.765  -0.161  1.00 34.33 ? 142 GLY A N     1 
ATOM   1069 C CA    . GLY A 1 142 ? 14.708  14.310  -1.314  1.00 34.93 ? 142 GLY A CA    1 
ATOM   1070 C C     . GLY A 1 142 ? 13.879  14.318  -2.576  1.00 35.57 ? 142 GLY A C     1 
ATOM   1071 O O     . GLY A 1 142 ? 12.664  14.149  -2.534  1.00 35.71 ? 142 GLY A O     1 
ATOM   1072 N N     . ILE A 1 143 ? 14.555  14.503  -3.708  1.00 36.51 ? 143 ILE A N     1 
ATOM   1073 C CA    . ILE A 1 143 ? 13.902  14.603  -5.006  1.00 37.08 ? 143 ILE A CA    1 
ATOM   1074 C C     . ILE A 1 143 ? 14.450  13.491  -5.908  1.00 38.07 ? 143 ILE A C     1 
ATOM   1075 O O     . ILE A 1 143 ? 15.597  13.556  -6.356  1.00 39.07 ? 143 ILE A O     1 
ATOM   1076 C CB    . ILE A 1 143 ? 14.109  16.021  -5.614  1.00 37.53 ? 143 ILE A CB    1 
ATOM   1077 C CG1   . ILE A 1 143 ? 13.376  17.060  -4.743  1.00 37.93 ? 143 ILE A CG1   1 
ATOM   1078 C CG2   . ILE A 1 143 ? 13.602  16.094  -7.078  1.00 36.94 ? 143 ILE A CG2   1 
ATOM   1079 C CD1   . ILE A 1 143 ? 13.761  18.482  -5.000  1.00 37.73 ? 143 ILE A CD1   1 
ATOM   1080 N N     . HIS A 1 144 ? 13.627  12.468  -6.149  1.00 38.20 ? 144 HIS A N     1 
ATOM   1081 C CA    . HIS A 1 144 ? 14.076  11.205  -6.763  1.00 38.25 ? 144 HIS A CA    1 
ATOM   1082 C C     . HIS A 1 144 ? 13.293  10.827  -8.019  1.00 38.68 ? 144 HIS A C     1 
ATOM   1083 O O     . HIS A 1 144 ? 13.729  9.960   -8.778  1.00 37.97 ? 144 HIS A O     1 
ATOM   1084 C CB    . HIS A 1 144 ? 13.916  10.055  -5.756  1.00 37.59 ? 144 HIS A CB    1 
ATOM   1085 C CG    . HIS A 1 144 ? 14.640  10.267  -4.464  1.00 37.23 ? 144 HIS A CG    1 
ATOM   1086 N ND1   . HIS A 1 144 ? 16.009  10.149  -4.347  1.00 36.22 ? 144 HIS A ND1   1 
ATOM   1087 C CD2   . HIS A 1 144 ? 14.182  10.594  -3.230  1.00 36.46 ? 144 HIS A CD2   1 
ATOM   1088 C CE1   . HIS A 1 144 ? 16.360  10.391  -3.096  1.00 35.72 ? 144 HIS A CE1   1 
ATOM   1089 N NE2   . HIS A 1 144 ? 15.271  10.661  -2.399  1.00 35.04 ? 144 HIS A NE2   1 
ATOM   1090 N N     . LYS A 1 145 ? 12.149  11.479  -8.222  1.00 39.36 ? 145 LYS A N     1 
ATOM   1091 C CA    . LYS A 1 145 ? 11.190  11.107  -9.246  1.00 40.14 ? 145 LYS A CA    1 
ATOM   1092 C C     . LYS A 1 145 ? 11.801  11.028  -10.659 1.00 40.52 ? 145 LYS A C     1 
ATOM   1093 O O     . LYS A 1 145 ? 12.568  11.897  -11.059 1.00 40.41 ? 145 LYS A O     1 
ATOM   1094 C CB    . LYS A 1 145 ? 10.030  12.103  -9.228  1.00 40.34 ? 145 LYS A CB    1 
ATOM   1095 C CG    . LYS A 1 145 ? 8.896   11.744  -10.153 1.00 40.60 ? 145 LYS A CG    1 
ATOM   1096 C CD    . LYS A 1 145 ? 7.755   12.714  -10.003 1.00 41.19 ? 145 LYS A CD    1 
ATOM   1097 C CE    . LYS A 1 145 ? 6.661   12.436  -11.024 1.00 42.84 ? 145 LYS A CE    1 
ATOM   1098 N NZ    . LYS A 1 145 ? 7.174   12.508  -12.422 1.00 44.63 ? 145 LYS A NZ    1 
ATOM   1099 N N     . ASP A 1 146 ? 11.476  9.951   -11.378 1.00 41.00 ? 146 ASP A N     1 
ATOM   1100 C CA    . ASP A 1 146 ? 11.965  9.699   -12.747 1.00 41.34 ? 146 ASP A CA    1 
ATOM   1101 C C     . ASP A 1 146 ? 13.480  9.630   -12.861 1.00 41.50 ? 146 ASP A C     1 
ATOM   1102 O O     . ASP A 1 146 ? 14.017  9.847   -13.947 1.00 41.56 ? 146 ASP A O     1 
ATOM   1103 C CB    . ASP A 1 146 ? 11.439  10.758  -13.735 1.00 41.75 ? 146 ASP A CB    1 
ATOM   1104 C CG    . ASP A 1 146 ? 9.931   10.801  -13.795 1.00 43.43 ? 146 ASP A CG    1 
ATOM   1105 O OD1   . ASP A 1 146 ? 9.299   9.725   -13.689 1.00 47.08 ? 146 ASP A OD1   1 
ATOM   1106 O OD2   . ASP A 1 146 ? 9.381   11.910  -13.956 1.00 45.86 ? 146 ASP A OD2   1 
ATOM   1107 N N     . GLY A 1 147 ? 14.157  9.305   -11.758 1.00 41.20 ? 147 GLY A N     1 
ATOM   1108 C CA    . GLY A 1 147 ? 15.610  9.194   -11.735 1.00 40.80 ? 147 GLY A CA    1 
ATOM   1109 C C     . GLY A 1 147 ? 16.020  7.841   -11.200 1.00 40.60 ? 147 GLY A C     1 
ATOM   1110 O O     . GLY A 1 147 ? 15.173  7.075   -10.749 1.00 41.06 ? 147 GLY A O     1 
ATOM   1111 N N     . PRO A 1 148 ? 17.326  7.539   -11.238 1.00 40.17 ? 148 PRO A N     1 
ATOM   1112 C CA    . PRO A 1 148 ? 17.817  6.209   -10.870 1.00 39.79 ? 148 PRO A CA    1 
ATOM   1113 C C     . PRO A 1 148 ? 17.849  5.881   -9.379  1.00 39.00 ? 148 PRO A C     1 
ATOM   1114 O O     . PRO A 1 148 ? 18.116  4.733   -9.039  1.00 38.20 ? 148 PRO A O     1 
ATOM   1115 C CB    . PRO A 1 148 ? 19.249  6.209   -11.418 1.00 40.37 ? 148 PRO A CB    1 
ATOM   1116 C CG    . PRO A 1 148 ? 19.658  7.651   -11.332 1.00 40.32 ? 148 PRO A CG    1 
ATOM   1117 C CD    . PRO A 1 148 ? 18.422  8.425   -11.672 1.00 40.08 ? 148 PRO A CD    1 
ATOM   1118 N N     . THR A 1 149 ? 17.611  6.857   -8.498  1.00 38.34 ? 149 THR A N     1 
ATOM   1119 C CA    . THR A 1 149 ? 17.554  6.553   -7.066  1.00 38.02 ? 149 THR A CA    1 
ATOM   1120 C C     . THR A 1 149 ? 16.133  6.199   -6.621  1.00 37.44 ? 149 THR A C     1 
ATOM   1121 O O     . THR A 1 149 ? 15.929  5.853   -5.458  1.00 37.01 ? 149 THR A O     1 
ATOM   1122 C CB    . THR A 1 149 ? 18.102  7.687   -6.168  1.00 37.84 ? 149 THR A CB    1 
ATOM   1123 O OG1   . THR A 1 149 ? 17.323  8.869   -6.359  1.00 38.85 ? 149 THR A OG1   1 
ATOM   1124 C CG2   . THR A 1 149 ? 19.563  7.968   -6.469  1.00 38.22 ? 149 THR A CG2   1 
ATOM   1125 N N     . ASP A 1 150 ? 15.157  6.289   -7.527  1.00 36.89 ? 150 ASP A N     1 
ATOM   1126 C CA    . ASP A 1 150 ? 13.816  5.846   -7.199  1.00 36.72 ? 150 ASP A CA    1 
ATOM   1127 C C     . ASP A 1 150 ? 13.569  4.408   -7.615  1.00 36.30 ? 150 ASP A C     1 
ATOM   1128 O O     . ASP A 1 150 ? 13.128  4.135   -8.728  1.00 36.24 ? 150 ASP A O     1 
ATOM   1129 C CB    . ASP A 1 150 ? 12.725  6.740   -7.791  1.00 36.81 ? 150 ASP A CB    1 
ATOM   1130 C CG    . ASP A 1 150 ? 11.345  6.385   -7.244  1.00 36.31 ? 150 ASP A CG    1 
ATOM   1131 O OD1   . ASP A 1 150 ? 11.285  5.503   -6.347  1.00 33.54 ? 150 ASP A OD1   1 
ATOM   1132 O OD2   . ASP A 1 150 ? 10.339  6.977   -7.682  1.00 32.40 ? 150 ASP A OD2   1 
ATOM   1133 N N     . LEU A 1 151 ? 13.822  3.487   -6.691  1.00 35.82 ? 151 LEU A N     1 
ATOM   1134 C CA    . LEU A 1 151 ? 13.513  2.069   -6.910  1.00 35.57 ? 151 LEU A CA    1 
ATOM   1135 C C     . LEU A 1 151 ? 12.176  1.652   -6.270  1.00 34.95 ? 151 LEU A C     1 
ATOM   1136 O O     . LEU A 1 151 ? 11.635  0.607   -6.629  1.00 35.04 ? 151 LEU A O     1 
ATOM   1137 C CB    . LEU A 1 151 ? 14.703  1.194   -6.459  1.00 35.82 ? 151 LEU A CB    1 
ATOM   1138 C CG    . LEU A 1 151 ? 15.982  1.702   -7.188  1.00 36.49 ? 151 LEU A CG    1 
ATOM   1139 C CD1   . LEU A 1 151 ? 17.214  1.815   -6.285  1.00 36.66 ? 151 LEU A CD1   1 
ATOM   1140 C CD2   . LEU A 1 151 ? 16.273  0.917   -8.464  1.00 35.36 ? 151 LEU A CD2   1 
ATOM   1141 N N     . VAL A 1 152 ? 11.640  2.490   -5.370  1.00 33.94 ? 152 VAL A N     1 
ATOM   1142 C CA    . VAL A 1 152 ? 10.324  2.280   -4.767  1.00 33.43 ? 152 VAL A CA    1 
ATOM   1143 C C     . VAL A 1 152 ? 9.219   2.233   -5.820  1.00 33.04 ? 152 VAL A C     1 
ATOM   1144 O O     . VAL A 1 152 ? 8.345   1.370   -5.763  1.00 32.42 ? 152 VAL A O     1 
ATOM   1145 C CB    . VAL A 1 152 ? 9.972   3.380   -3.695  1.00 33.37 ? 152 VAL A CB    1 
ATOM   1146 C CG1   . VAL A 1 152 ? 8.477   3.362   -3.317  1.00 31.93 ? 152 VAL A CG1   1 
ATOM   1147 C CG2   . VAL A 1 152 ? 10.844  3.227   -2.441  1.00 32.77 ? 152 VAL A CG2   1 
ATOM   1148 N N     . THR A 1 153 ? 9.253   3.160   -6.775  1.00 32.88 ? 153 THR A N     1 
ATOM   1149 C CA    . THR A 1 153 ? 8.177   3.269   -7.768  1.00 32.86 ? 153 THR A CA    1 
ATOM   1150 C C     . THR A 1 153 ? 8.074   2.026   -8.667  1.00 32.67 ? 153 THR A C     1 
ATOM   1151 O O     . THR A 1 153 ? 7.008   1.415   -8.730  1.00 33.35 ? 153 THR A O     1 
ATOM   1152 C CB    . THR A 1 153 ? 8.281   4.603   -8.573  1.00 32.87 ? 153 THR A CB    1 
ATOM   1153 O OG1   . THR A 1 153 ? 8.056   5.688   -7.676  1.00 32.09 ? 153 THR A OG1   1 
ATOM   1154 C CG2   . THR A 1 153 ? 7.250   4.692   -9.696  1.00 32.89 ? 153 THR A CG2   1 
ATOM   1155 N N     . PRO A 1 154 ? 9.166   1.635   -9.347  1.00 32.22 ? 154 PRO A N     1 
ATOM   1156 C CA    . PRO A 1 154 ? 9.084   0.400   -10.145 1.00 32.66 ? 154 PRO A CA    1 
ATOM   1157 C C     . PRO A 1 154 ? 8.890   -0.905  -9.329  1.00 32.89 ? 154 PRO A C     1 
ATOM   1158 O O     . PRO A 1 154 ? 8.317   -1.868  -9.840  1.00 32.93 ? 154 PRO A O     1 
ATOM   1159 C CB    . PRO A 1 154 ? 10.420  0.382   -10.890 1.00 32.43 ? 154 PRO A CB    1 
ATOM   1160 C CG    . PRO A 1 154 ? 11.333  1.196   -10.044 1.00 32.24 ? 154 PRO A CG    1 
ATOM   1161 C CD    . PRO A 1 154 ? 10.483  2.280   -9.477  1.00 32.04 ? 154 PRO A CD    1 
ATOM   1162 N N     . TYR A 1 155 ? 9.353   -0.939  -8.085  1.00 33.22 ? 155 TYR A N     1 
ATOM   1163 C CA    . TYR A 1 155 ? 9.127   -2.111  -7.228  1.00 33.36 ? 155 TYR A CA    1 
ATOM   1164 C C     . TYR A 1 155 ? 7.649   -2.251  -6.879  1.00 33.28 ? 155 TYR A C     1 
ATOM   1165 O O     . TYR A 1 155 ? 7.105   -3.346  -6.929  1.00 32.25 ? 155 TYR A O     1 
ATOM   1166 C CB    . TYR A 1 155 ? 9.983   -2.038  -5.966  1.00 33.48 ? 155 TYR A CB    1 
ATOM   1167 C CG    . TYR A 1 155 ? 9.459   -2.812  -4.767  1.00 33.54 ? 155 TYR A CG    1 
ATOM   1168 C CD1   . TYR A 1 155 ? 9.565   -4.209  -4.691  1.00 33.76 ? 155 TYR A CD1   1 
ATOM   1169 C CD2   . TYR A 1 155 ? 8.877   -2.143  -3.698  1.00 34.08 ? 155 TYR A CD2   1 
ATOM   1170 C CE1   . TYR A 1 155 ? 9.084   -4.905  -3.585  1.00 33.78 ? 155 TYR A CE1   1 
ATOM   1171 C CE2   . TYR A 1 155 ? 8.398   -2.828  -2.588  1.00 33.98 ? 155 TYR A CE2   1 
ATOM   1172 C CZ    . TYR A 1 155 ? 8.503   -4.199  -2.532  1.00 34.52 ? 155 TYR A CZ    1 
ATOM   1173 O OH    . TYR A 1 155 ? 8.028   -4.839  -1.407  1.00 34.67 ? 155 TYR A OH    1 
ATOM   1174 N N     . LEU A 1 156 ? 7.011   -1.138  -6.527  1.00 33.44 ? 156 LEU A N     1 
ATOM   1175 C CA    . LEU A 1 156 ? 5.570   -1.137  -6.305  1.00 33.92 ? 156 LEU A CA    1 
ATOM   1176 C C     . LEU A 1 156 ? 4.752   -1.529  -7.558  1.00 34.15 ? 156 LEU A C     1 
ATOM   1177 O O     . LEU A 1 156 ? 3.762   -2.227  -7.415  1.00 34.78 ? 156 LEU A O     1 
ATOM   1178 C CB    . LEU A 1 156 ? 5.098   0.210   -5.728  1.00 33.51 ? 156 LEU A CB    1 
ATOM   1179 C CG    . LEU A 1 156 ? 5.486   0.464   -4.258  1.00 33.47 ? 156 LEU A CG    1 
ATOM   1180 C CD1   . LEU A 1 156 ? 5.145   1.891   -3.827  1.00 30.87 ? 156 LEU A CD1   1 
ATOM   1181 C CD2   . LEU A 1 156 ? 4.866   -0.567  -3.293  1.00 30.66 ? 156 LEU A CD2   1 
ATOM   1182 N N     . SER A 1 157 ? 5.146   -1.093  -8.759  1.00 34.41 ? 157 SER A N     1 
ATOM   1183 C CA    . SER A 1 157 ? 4.483   -1.554  -10.008 1.00 34.83 ? 157 SER A CA    1 
ATOM   1184 C C     . SER A 1 157 ? 4.677   -3.047  -10.220 1.00 34.71 ? 157 SER A C     1 
ATOM   1185 O O     . SER A 1 157 ? 3.749   -3.744  -10.644 1.00 34.88 ? 157 SER A O     1 
ATOM   1186 C CB    . SER A 1 157 ? 5.016   -0.851  -11.276 1.00 34.88 ? 157 SER A CB    1 
ATOM   1187 O OG    . SER A 1 157 ? 4.686   0.523   -11.278 1.00 38.48 ? 157 SER A OG    1 
ATOM   1188 N N     . THR A 1 158 ? 5.889   -3.527  -9.960  1.00 34.16 ? 158 THR A N     1 
ATOM   1189 C CA    . THR A 1 158 ? 6.193   -4.942  -10.154 1.00 34.21 ? 158 THR A CA    1 
ATOM   1190 C C     . THR A 1 158 ? 5.457   -5.836  -9.158  1.00 34.27 ? 158 THR A C     1 
ATOM   1191 O O     . THR A 1 158 ? 4.866   -6.846  -9.547  1.00 34.28 ? 158 THR A O     1 
ATOM   1192 C CB    . THR A 1 158 ? 7.708   -5.223  -10.089 1.00 34.04 ? 158 THR A CB    1 
ATOM   1193 O OG1   . THR A 1 158 ? 8.396   -4.331  -10.975 1.00 32.69 ? 158 THR A OG1   1 
ATOM   1194 C CG2   . THR A 1 158 ? 8.001   -6.666  -10.488 1.00 33.56 ? 158 THR A CG2   1 
ATOM   1195 N N     . PHE A 1 159 ? 5.470   -5.473  -7.882  1.00 34.30 ? 159 PHE A N     1 
ATOM   1196 C CA    . PHE A 1 159 ? 4.823   -6.323  -6.893  1.00 34.68 ? 159 PHE A CA    1 
ATOM   1197 C C     . PHE A 1 159 ? 3.300   -6.346  -7.082  1.00 34.81 ? 159 PHE A C     1 
ATOM   1198 O O     . PHE A 1 159 ? 2.681   -7.402  -7.044  1.00 34.18 ? 159 PHE A O     1 
ATOM   1199 C CB    . PHE A 1 159 ? 5.170   -5.918  -5.456  1.00 33.88 ? 159 PHE A CB    1 
ATOM   1200 C CG    . PHE A 1 159 ? 4.421   -6.717  -4.435  1.00 33.88 ? 159 PHE A CG    1 
ATOM   1201 C CD1   . PHE A 1 159 ? 4.923   -7.928  -3.979  1.00 33.24 ? 159 PHE A CD1   1 
ATOM   1202 C CD2   . PHE A 1 159 ? 3.182   -6.292  -3.979  1.00 33.44 ? 159 PHE A CD2   1 
ATOM   1203 C CE1   . PHE A 1 159 ? 4.237   -8.673  -3.064  1.00 32.37 ? 159 PHE A CE1   1 
ATOM   1204 C CE2   . PHE A 1 159 ? 2.481   -7.042  -3.069  1.00 33.73 ? 159 PHE A CE2   1 
ATOM   1205 C CZ    . PHE A 1 159 ? 3.014   -8.245  -2.612  1.00 33.04 ? 159 PHE A CZ    1 
ATOM   1206 N N     . LEU A 1 160 ? 2.710   -5.169  -7.267  1.00 35.59 ? 160 LEU A N     1 
ATOM   1207 C CA    . LEU A 1 160 ? 1.262   -5.058  -7.442  1.00 36.19 ? 160 LEU A CA    1 
ATOM   1208 C C     . LEU A 1 160 ? 0.807   -5.756  -8.725  1.00 36.55 ? 160 LEU A C     1 
ATOM   1209 O O     . LEU A 1 160 ? -0.224  -6.416  -8.737  1.00 36.58 ? 160 LEU A O     1 
ATOM   1210 C CB    . LEU A 1 160 ? 0.818   -3.582  -7.422  1.00 36.21 ? 160 LEU A CB    1 
ATOM   1211 C CG    . LEU A 1 160 ? 0.981   -2.840  -6.084  1.00 36.62 ? 160 LEU A CG    1 
ATOM   1212 C CD1   . LEU A 1 160 ? 0.824   -1.312  -6.231  1.00 36.89 ? 160 LEU A CD1   1 
ATOM   1213 C CD2   . LEU A 1 160 ? 0.001   -3.359  -5.052  1.00 36.60 ? 160 LEU A CD2   1 
ATOM   1214 N N     . GLY A 1 161 ? 1.577   -5.612  -9.801  1.00 37.21 ? 161 GLY A N     1 
ATOM   1215 C CA    . GLY A 1 161 ? 1.270   -6.282  -11.074 1.00 37.60 ? 161 GLY A CA    1 
ATOM   1216 C C     . GLY A 1 161 ? 1.255   -7.795  -10.916 1.00 38.19 ? 161 GLY A C     1 
ATOM   1217 O O     . GLY A 1 161 ? 0.376   -8.479  -11.444 1.00 38.64 ? 161 GLY A O     1 
ATOM   1218 N N     . PHE A 1 162 ? 2.226   -8.309  -10.165 1.00 38.65 ? 162 PHE A N     1 
ATOM   1219 C CA    . PHE A 1 162 ? 2.326   -9.736  -9.862  1.00 38.63 ? 162 PHE A CA    1 
ATOM   1220 C C     . PHE A 1 162 ? 1.085   -10.356 -9.197  1.00 38.79 ? 162 PHE A C     1 
ATOM   1221 O O     . PHE A 1 162 ? 0.747   -11.499 -9.503  1.00 38.75 ? 162 PHE A O     1 
ATOM   1222 C CB    . PHE A 1 162 ? 3.534   -10.006 -8.965  1.00 39.24 ? 162 PHE A CB    1 
ATOM   1223 C CG    . PHE A 1 162 ? 3.874   -11.452 -8.855  1.00 39.11 ? 162 PHE A CG    1 
ATOM   1224 C CD1   . PHE A 1 162 ? 4.387   -12.132 -9.956  1.00 40.63 ? 162 PHE A CD1   1 
ATOM   1225 C CD2   . PHE A 1 162 ? 3.668   -12.142 -7.673  1.00 40.43 ? 162 PHE A CD2   1 
ATOM   1226 C CE1   . PHE A 1 162 ? 4.696   -13.467 -9.872  1.00 41.19 ? 162 PHE A CE1   1 
ATOM   1227 C CE2   . PHE A 1 162 ? 3.976   -13.495 -7.571  1.00 39.13 ? 162 PHE A CE2   1 
ATOM   1228 C CZ    . PHE A 1 162 ? 4.489   -14.155 -8.662  1.00 40.73 ? 162 PHE A CZ    1 
ATOM   1229 N N     . ILE A 1 163 ? 0.433   -9.645  -8.275  1.00 38.57 ? 163 ILE A N     1 
ATOM   1230 C CA    . ILE A 1 163 ? -0.790  -10.179 -7.649  1.00 38.79 ? 163 ILE A CA    1 
ATOM   1231 C C     . ILE A 1 163 ? -2.078  -9.811  -8.407  1.00 39.10 ? 163 ILE A C     1 
ATOM   1232 O O     . ILE A 1 163 ? -3.164  -10.223 -8.020  1.00 39.45 ? 163 ILE A O     1 
ATOM   1233 C CB    . ILE A 1 163 ? -0.920  -9.836  -6.136  1.00 38.73 ? 163 ILE A CB    1 
ATOM   1234 C CG1   . ILE A 1 163 ? -1.046  -8.324  -5.914  1.00 38.83 ? 163 ILE A CG1   1 
ATOM   1235 C CG2   . ILE A 1 163 ? 0.259   -10.447 -5.346  1.00 37.78 ? 163 ILE A CG2   1 
ATOM   1236 C CD1   . ILE A 1 163 ? -1.377  -7.936  -4.502  1.00 38.01 ? 163 ILE A CD1   1 
ATOM   1237 N N     . GLY A 1 164 ? -1.948  -9.060  -9.495  1.00 39.36 ? 164 GLY A N     1 
ATOM   1238 C CA    . GLY A 1 164 ? -3.060  -8.830  -10.413 1.00 39.85 ? 164 GLY A CA    1 
ATOM   1239 C C     . GLY A 1 164 ? -3.456  -7.377  -10.608 1.00 40.04 ? 164 GLY A C     1 
ATOM   1240 O O     . GLY A 1 164 ? -4.256  -7.071  -11.479 1.00 40.44 ? 164 GLY A O     1 
ATOM   1241 N N     . ILE A 1 165 ? -2.883  -6.480  -9.817  1.00 40.33 ? 165 ILE A N     1 
ATOM   1242 C CA    . ILE A 1 165 ? -3.296  -5.077  -9.788  1.00 40.45 ? 165 ILE A CA    1 
ATOM   1243 C C     . ILE A 1 165 ? -2.381  -4.286  -10.712 1.00 40.88 ? 165 ILE A C     1 
ATOM   1244 O O     . ILE A 1 165 ? -1.289  -3.850  -10.324 1.00 41.24 ? 165 ILE A O     1 
ATOM   1245 C CB    . ILE A 1 165 ? -3.262  -4.526  -8.343  1.00 40.41 ? 165 ILE A CB    1 
ATOM   1246 C CG1   . ILE A 1 165 ? -4.160  -5.391  -7.445  1.00 40.09 ? 165 ILE A CG1   1 
ATOM   1247 C CG2   . ILE A 1 165 ? -3.702  -3.080  -8.311  1.00 39.88 ? 165 ILE A CG2   1 
ATOM   1248 C CD1   . ILE A 1 165 ? -4.127  -5.030  -5.975  1.00 40.78 ? 165 ILE A CD1   1 
ATOM   1249 N N     . THR A 1 166 ? -2.834  -4.133  -11.953 1.00 41.12 ? 166 THR A N     1 
ATOM   1250 C CA    . THR A 1 166 ? -2.037  -3.542  -13.021 1.00 40.89 ? 166 THR A CA    1 
ATOM   1251 C C     . THR A 1 166 ? -2.430  -2.076  -13.236 1.00 40.94 ? 166 THR A C     1 
ATOM   1252 O O     . THR A 1 166 ? -1.666  -1.305  -13.828 1.00 41.13 ? 166 THR A O     1 
ATOM   1253 C CB    . THR A 1 166 ? -2.176  -4.378  -14.348 1.00 41.39 ? 166 THR A CB    1 
ATOM   1254 O OG1   . THR A 1 166 ? -3.547  -4.418  -14.769 1.00 42.10 ? 166 THR A OG1   1 
ATOM   1255 C CG2   . THR A 1 166 ? -1.682  -5.819  -14.146 1.00 40.03 ? 166 THR A CG2   1 
ATOM   1256 N N     . ASP A 1 167 ? -3.606  -1.687  -12.746 1.00 40.96 ? 167 ASP A N     1 
ATOM   1257 C CA    . ASP A 1 167 ? -4.046  -0.294  -12.805 1.00 40.83 ? 167 ASP A CA    1 
ATOM   1258 C C     . ASP A 1 167 ? -3.574  0.466   -11.560 1.00 40.52 ? 167 ASP A C     1 
ATOM   1259 O O     . ASP A 1 167 ? -4.253  0.473   -10.536 1.00 40.07 ? 167 ASP A O     1 
ATOM   1260 C CB    . ASP A 1 167 ? -5.571  -0.203  -12.938 1.00 41.01 ? 167 ASP A CB    1 
ATOM   1261 C CG    . ASP A 1 167 ? -6.053  1.212   -13.277 1.00 42.38 ? 167 ASP A CG    1 
ATOM   1262 O OD1   . ASP A 1 167 ? -5.254  2.170   -13.172 1.00 45.17 ? 167 ASP A OD1   1 
ATOM   1263 O OD2   . ASP A 1 167 ? -7.238  1.372   -13.647 1.00 45.83 ? 167 ASP A OD2   1 
ATOM   1264 N N     . VAL A 1 168 ? -2.411  1.109   -11.666 1.00 40.33 ? 168 VAL A N     1 
ATOM   1265 C CA    . VAL A 1 168 ? -1.832  1.858   -10.548 1.00 40.30 ? 168 VAL A CA    1 
ATOM   1266 C C     . VAL A 1 168 ? -1.500  3.297   -10.953 1.00 39.83 ? 168 VAL A C     1 
ATOM   1267 O O     . VAL A 1 168 ? -0.885  3.508   -11.989 1.00 39.60 ? 168 VAL A O     1 
ATOM   1268 C CB    . VAL A 1 168 ? -0.550  1.179   -10.037 1.00 40.42 ? 168 VAL A CB    1 
ATOM   1269 C CG1   . VAL A 1 168 ? 0.045   1.967   -8.859  1.00 40.16 ? 168 VAL A CG1   1 
ATOM   1270 C CG2   . VAL A 1 168 ? -0.841  -0.295  -9.649  1.00 41.03 ? 168 VAL A CG2   1 
ATOM   1271 N N     . LYS A 1 169 ? -1.901  4.258   -10.121 1.00 39.44 ? 169 LYS A N     1 
ATOM   1272 C CA    . LYS A 1 169 ? -1.582  5.682   -10.305 1.00 39.48 ? 169 LYS A CA    1 
ATOM   1273 C C     . LYS A 1 169 ? -0.717  6.143   -9.155  1.00 38.82 ? 169 LYS A C     1 
ATOM   1274 O O     . LYS A 1 169 ? -0.953  5.746   -8.007  1.00 38.84 ? 169 LYS A O     1 
ATOM   1275 C CB    . LYS A 1 169 ? -2.859  6.534   -10.302 1.00 39.79 ? 169 LYS A CB    1 
ATOM   1276 C CG    . LYS A 1 169 ? -3.689  6.417   -11.558 1.00 40.84 ? 169 LYS A CG    1 
ATOM   1277 C CD    . LYS A 1 169 ? -5.130  6.835   -11.322 1.00 40.90 ? 169 LYS A CD    1 
ATOM   1278 C CE    . LYS A 1 169 ? -5.995  6.476   -12.517 1.00 42.09 ? 169 LYS A CE    1 
ATOM   1279 N NZ    . LYS A 1 169 ? -5.537  7.221   -13.723 1.00 44.55 ? 169 LYS A NZ    1 
ATOM   1280 N N     . PHE A 1 170 ? 0.263   6.990   -9.448  1.00 37.91 ? 170 PHE A N     1 
ATOM   1281 C CA    . PHE A 1 170 ? 1.234   7.406   -8.445  1.00 37.46 ? 170 PHE A CA    1 
ATOM   1282 C C     . PHE A 1 170 ? 1.049   8.899   -8.143  1.00 37.20 ? 170 PHE A C     1 
ATOM   1283 O O     . PHE A 1 170 ? 0.818   9.698   -9.045  1.00 36.46 ? 170 PHE A O     1 
ATOM   1284 C CB    . PHE A 1 170 ? 2.668   7.105   -8.910  1.00 37.22 ? 170 PHE A CB    1 
ATOM   1285 C CG    . PHE A 1 170 ? 3.033   5.630   -8.875  1.00 37.67 ? 170 PHE A CG    1 
ATOM   1286 C CD1   . PHE A 1 170 ? 3.599   5.063   -7.739  1.00 36.33 ? 170 PHE A CD1   1 
ATOM   1287 C CD2   . PHE A 1 170 ? 2.819   4.821   -9.984  1.00 36.65 ? 170 PHE A CD2   1 
ATOM   1288 C CE1   . PHE A 1 170 ? 3.925   3.717   -7.701  1.00 36.99 ? 170 PHE A CE1   1 
ATOM   1289 C CE2   . PHE A 1 170 ? 3.141   3.478   -9.956  1.00 37.51 ? 170 PHE A CE2   1 
ATOM   1290 C CZ    . PHE A 1 170 ? 3.701   2.918   -8.804  1.00 37.22 ? 170 PHE A CZ    1 
ATOM   1291 N N     . VAL A 1 171 ? 1.117   9.237   -6.855  1.00 36.65 ? 171 VAL A N     1 
ATOM   1292 C CA    . VAL A 1 171 ? 1.064   10.604  -6.351  1.00 36.23 ? 171 VAL A CA    1 
ATOM   1293 C C     . VAL A 1 171 ? 2.348   10.800  -5.522  1.00 36.05 ? 171 VAL A C     1 
ATOM   1294 O O     . VAL A 1 171 ? 2.660   9.972   -4.654  1.00 35.53 ? 171 VAL A O     1 
ATOM   1295 C CB    . VAL A 1 171 ? -0.186  10.800  -5.465  1.00 36.51 ? 171 VAL A CB    1 
ATOM   1296 C CG1   . VAL A 1 171 ? -0.087  12.070  -4.586  1.00 36.29 ? 171 VAL A CG1   1 
ATOM   1297 C CG2   . VAL A 1 171 ? -1.469  10.795  -6.316  1.00 36.44 ? 171 VAL A CG2   1 
ATOM   1298 N N     . PHE A 1 172 ? 3.079   11.885  -5.805  1.00 35.51 ? 172 PHE A N     1 
ATOM   1299 C CA    . PHE A 1 172 ? 4.393   12.161  -5.212  1.00 34.94 ? 172 PHE A CA    1 
ATOM   1300 C C     . PHE A 1 172 ? 4.394   13.400  -4.283  1.00 34.99 ? 172 PHE A C     1 
ATOM   1301 O O     . PHE A 1 172 ? 3.852   14.462  -4.623  1.00 34.40 ? 172 PHE A O     1 
ATOM   1302 C CB    . PHE A 1 172 ? 5.426   12.369  -6.322  1.00 34.72 ? 172 PHE A CB    1 
ATOM   1303 C CG    . PHE A 1 172 ? 5.697   11.139  -7.149  1.00 33.87 ? 172 PHE A CG    1 
ATOM   1304 C CD1   . PHE A 1 172 ? 6.736   10.286  -6.821  1.00 33.50 ? 172 PHE A CD1   1 
ATOM   1305 C CD2   . PHE A 1 172 ? 4.924   10.847  -8.262  1.00 33.82 ? 172 PHE A CD2   1 
ATOM   1306 C CE1   . PHE A 1 172 ? 6.989   9.144   -7.569  1.00 33.46 ? 172 PHE A CE1   1 
ATOM   1307 C CE2   . PHE A 1 172 ? 5.180   9.719   -9.029  1.00 34.59 ? 172 PHE A CE2   1 
ATOM   1308 C CZ    . PHE A 1 172 ? 6.209   8.865   -8.682  1.00 34.42 ? 172 PHE A CZ    1 
ATOM   1309 N N     . ALA A 1 173 ? 5.006   13.245  -3.107  1.00 34.80 ? 173 ALA A N     1 
ATOM   1310 C CA    . ALA A 1 173 ? 5.290   14.358  -2.207  1.00 34.59 ? 173 ALA A CA    1 
ATOM   1311 C C     . ALA A 1 173 ? 6.778   14.323  -1.896  1.00 34.62 ? 173 ALA A C     1 
ATOM   1312 O O     . ALA A 1 173 ? 7.221   13.614  -0.988  1.00 34.50 ? 173 ALA A O     1 
ATOM   1313 C CB    . ALA A 1 173 ? 4.473   14.250  -0.948  1.00 34.41 ? 173 ALA A CB    1 
ATOM   1314 N N     . GLU A 1 174 ? 7.545   15.084  -2.668  1.00 34.32 ? 174 GLU A N     1 
ATOM   1315 C CA    . GLU A 1 174 ? 8.999   15.092  -2.574  1.00 34.54 ? 174 GLU A CA    1 
ATOM   1316 C C     . GLU A 1 174 ? 9.547   16.422  -2.027  1.00 34.30 ? 174 GLU A C     1 
ATOM   1317 O O     . GLU A 1 174 ? 8.847   17.439  -2.001  1.00 34.11 ? 174 GLU A O     1 
ATOM   1318 C CB    . GLU A 1 174 ? 9.599   14.818  -3.961  1.00 34.67 ? 174 GLU A CB    1 
ATOM   1319 C CG    . GLU A 1 174 ? 9.272   13.430  -4.502  1.00 35.84 ? 174 GLU A CG    1 
ATOM   1320 C CD    . GLU A 1 174 ? 10.330  12.903  -5.460  1.00 35.60 ? 174 GLU A CD    1 
ATOM   1321 O OE1   . GLU A 1 174 ? 10.679  13.610  -6.419  1.00 35.06 ? 174 GLU A OE1   1 
ATOM   1322 O OE2   . GLU A 1 174 ? 10.814  11.774  -5.253  1.00 37.10 ? 174 GLU A OE2   1 
ATOM   1323 N N     . GLY A 1 175 ? 10.805  16.402  -1.604  1.00 34.03 ? 175 GLY A N     1 
ATOM   1324 C CA    . GLY A 1 175 ? 11.470  17.604  -1.116  1.00 34.23 ? 175 GLY A CA    1 
ATOM   1325 C C     . GLY A 1 175 ? 11.088  18.013  0.293   1.00 34.28 ? 175 GLY A C     1 
ATOM   1326 O O     . GLY A 1 175 ? 11.330  19.153  0.678   1.00 34.14 ? 175 GLY A O     1 
ATOM   1327 N N     . ILE A 1 176 ? 10.529  17.081  1.074   1.00 34.51 ? 176 ILE A N     1 
ATOM   1328 C CA    . ILE A 1 176 ? 10.147  17.348  2.462   1.00 34.86 ? 176 ILE A CA    1 
ATOM   1329 C C     . ILE A 1 176 ? 11.315  17.775  3.360   1.00 35.13 ? 176 ILE A C     1 
ATOM   1330 O O     . ILE A 1 176 ? 11.139  18.623  4.229   1.00 34.40 ? 176 ILE A O     1 
ATOM   1331 C CB    . ILE A 1 176 ? 9.477   16.125  3.117   1.00 35.28 ? 176 ILE A CB    1 
ATOM   1332 C CG1   . ILE A 1 176 ? 8.232   15.676  2.332   1.00 34.68 ? 176 ILE A CG1   1 
ATOM   1333 C CG2   . ILE A 1 176 ? 9.141   16.413  4.616   1.00 33.95 ? 176 ILE A CG2   1 
ATOM   1334 C CD1   . ILE A 1 176 ? 7.385   16.792  1.863   1.00 35.89 ? 176 ILE A CD1   1 
ATOM   1335 N N     . ALA A 1 177 ? 12.498  17.195  3.152   1.00 35.75 ? 177 ALA A N     1 
ATOM   1336 C CA    . ALA A 1 177 ? 13.647  17.456  4.032   1.00 36.36 ? 177 ALA A CA    1 
ATOM   1337 C C     . ALA A 1 177 ? 14.242  18.866  3.871   1.00 37.19 ? 177 ALA A C     1 
ATOM   1338 O O     . ALA A 1 177 ? 15.076  19.279  4.673   1.00 37.48 ? 177 ALA A O     1 
ATOM   1339 C CB    . ALA A 1 177 ? 14.723  16.416  3.820   1.00 36.31 ? 177 ALA A CB    1 
ATOM   1340 N N     . TYR A 1 178 ? 13.816  19.593  2.840   1.00 37.90 ? 178 TYR A N     1 
ATOM   1341 C CA    . TYR A 1 178 ? 14.304  20.938  2.598   1.00 38.12 ? 178 TYR A CA    1 
ATOM   1342 C C     . TYR A 1 178 ? 13.590  21.976  3.451   1.00 38.74 ? 178 TYR A C     1 
ATOM   1343 O O     . TYR A 1 178 ? 14.028  23.122  3.502   1.00 39.48 ? 178 TYR A O     1 
ATOM   1344 C CB    . TYR A 1 178 ? 14.202  21.279  1.107   1.00 38.49 ? 178 TYR A CB    1 
ATOM   1345 C CG    . TYR A 1 178 ? 15.231  20.574  0.253   1.00 37.87 ? 178 TYR A CG    1 
ATOM   1346 C CD1   . TYR A 1 178 ? 14.977  19.314  -0.295  1.00 38.67 ? 178 TYR A CD1   1 
ATOM   1347 C CD2   . TYR A 1 178 ? 16.466  21.150  0.012   1.00 37.89 ? 178 TYR A CD2   1 
ATOM   1348 C CE1   . TYR A 1 178 ? 15.932  18.662  -1.086  1.00 38.04 ? 178 TYR A CE1   1 
ATOM   1349 C CE2   . TYR A 1 178 ? 17.423  20.513  -0.777  1.00 38.16 ? 178 TYR A CE2   1 
ATOM   1350 C CZ    . TYR A 1 178 ? 17.155  19.273  -1.322  1.00 38.31 ? 178 TYR A CZ    1 
ATOM   1351 O OH    . TYR A 1 178 ? 18.116  18.661  -2.107  1.00 38.85 ? 178 TYR A OH    1 
ATOM   1352 N N     . GLY A 1 179 ? 12.502  21.587  4.120   1.00 39.13 ? 179 GLY A N     1 
ATOM   1353 C CA    . GLY A 1 179 ? 11.890  22.423  5.149   1.00 38.83 ? 179 GLY A CA    1 
ATOM   1354 C C     . GLY A 1 179 ? 10.403  22.681  4.959   1.00 39.30 ? 179 GLY A C     1 
ATOM   1355 O O     . GLY A 1 179 ? 9.825   22.238  3.964   1.00 38.50 ? 179 GLY A O     1 
ATOM   1356 N N     . PRO A 1 180 ? 9.787   23.429  5.915   1.00 39.59 ? 180 PRO A N     1 
ATOM   1357 C CA    . PRO A 1 180 ? 8.357   23.696  6.037   1.00 39.58 ? 180 PRO A CA    1 
ATOM   1358 C C     . PRO A 1 180 ? 7.680   24.179  4.768   1.00 39.70 ? 180 PRO A C     1 
ATOM   1359 O O     . PRO A 1 180 ? 6.554   23.783  4.470   1.00 40.59 ? 180 PRO A O     1 
ATOM   1360 C CB    . PRO A 1 180 ? 8.288   24.823  7.076   1.00 39.97 ? 180 PRO A CB    1 
ATOM   1361 C CG    . PRO A 1 180 ? 9.529   24.749  7.837   1.00 40.44 ? 180 PRO A CG    1 
ATOM   1362 C CD    . PRO A 1 180 ? 10.560  24.085  6.988   1.00 39.66 ? 180 PRO A CD    1 
ATOM   1363 N N     . GLU A 1 181 ? 8.344   25.060  4.046   1.00 39.36 ? 181 GLU A N     1 
ATOM   1364 C CA    . GLU A 1 181 ? 7.747   25.657  2.861   1.00 39.32 ? 181 GLU A CA    1 
ATOM   1365 C C     . GLU A 1 181 ? 7.798   24.683  1.680   1.00 38.27 ? 181 GLU A C     1 
ATOM   1366 O O     . GLU A 1 181 ? 6.847   24.595  0.928   1.00 37.80 ? 181 GLU A O     1 
ATOM   1367 C CB    . GLU A 1 181 ? 8.377   27.025  2.516   1.00 40.14 ? 181 GLU A CB    1 
ATOM   1368 C CG    . GLU A 1 181 ? 9.871   27.194  2.859   1.00 42.83 ? 181 GLU A CG    1 
ATOM   1369 C CD    . GLU A 1 181 ? 10.144  27.407  4.353   1.00 45.10 ? 181 GLU A CD    1 
ATOM   1370 O OE1   . GLU A 1 181 ? 11.018  26.674  4.879   1.00 46.14 ? 181 GLU A OE1   1 
ATOM   1371 O OE2   . GLU A 1 181 ? 9.479   28.276  4.988   1.00 46.14 ? 181 GLU A OE2   1 
ATOM   1372 N N     . MET A 1 182 ? 8.886   23.930  1.544   1.00 37.67 ? 182 MET A N     1 
ATOM   1373 C CA    . MET A 1 182 ? 8.938   22.864  0.530   1.00 37.58 ? 182 MET A CA    1 
ATOM   1374 C C     . MET A 1 182 ? 7.949   21.727  0.834   1.00 36.88 ? 182 MET A C     1 
ATOM   1375 O O     . MET A 1 182 ? 7.316   21.206  -0.095  1.00 35.69 ? 182 MET A O     1 
ATOM   1376 C CB    . MET A 1 182 ? 10.366  22.331  0.329   1.00 37.60 ? 182 MET A CB    1 
ATOM   1377 C CG    . MET A 1 182 ? 11.250  23.289  -0.498  1.00 38.10 ? 182 MET A CG    1 
ATOM   1378 S SD    . MET A 1 182 ? 10.563  23.703  -2.135  1.00 38.43 ? 182 MET A SD    1 
ATOM   1379 C CE    . MET A 1 182 ? 10.846  22.199  -3.062  1.00 36.25 ? 182 MET A CE    1 
ATOM   1380 N N     . ALA A 1 183 ? 7.809   21.385  2.125   1.00 36.30 ? 183 ALA A N     1 
ATOM   1381 C CA    . ALA A 1 183 ? 6.810   20.421  2.591   1.00 36.35 ? 183 ALA A CA    1 
ATOM   1382 C C     . ALA A 1 183 ? 5.397   20.898  2.262   1.00 36.35 ? 183 ALA A C     1 
ATOM   1383 O O     . ALA A 1 183 ? 4.594   20.111  1.789   1.00 36.43 ? 183 ALA A O     1 
ATOM   1384 C CB    . ALA A 1 183 ? 6.942   20.168  4.098   1.00 36.15 ? 183 ALA A CB    1 
ATOM   1385 N N     . ALA A 1 184 ? 5.101   22.179  2.518   1.00 36.27 ? 184 ALA A N     1 
ATOM   1386 C CA    . ALA A 1 184 ? 3.804   22.790  2.125   1.00 35.81 ? 184 ALA A CA    1 
ATOM   1387 C C     . ALA A 1 184 ? 3.561   22.701  0.609   1.00 35.36 ? 184 ALA A C     1 
ATOM   1388 O O     . ALA A 1 184 ? 2.472   22.324  0.163   1.00 34.81 ? 184 ALA A O     1 
ATOM   1389 C CB    . ALA A 1 184 ? 3.722   24.234  2.598   1.00 35.58 ? 184 ALA A CB    1 
ATOM   1390 N N     . LYS A 1 185 ? 4.572   23.022  -0.183  1.00 35.13 ? 185 LYS A N     1 
ATOM   1391 C CA    . LYS A 1 185 ? 4.442   22.872  -1.640  1.00 35.20 ? 185 LYS A CA    1 
ATOM   1392 C C     . LYS A 1 185 ? 4.145   21.427  -2.058  1.00 34.83 ? 185 LYS A C     1 
ATOM   1393 O O     . LYS A 1 185 ? 3.327   21.188  -2.958  1.00 34.49 ? 185 LYS A O     1 
ATOM   1394 C CB    . LYS A 1 185 ? 5.689   23.363  -2.387  1.00 35.18 ? 185 LYS A CB    1 
ATOM   1395 C CG    . LYS A 1 185 ? 5.434   23.496  -3.910  1.00 35.17 ? 185 LYS A CG    1 
ATOM   1396 C CD    . LYS A 1 185 ? 6.449   24.337  -4.612  1.00 35.63 ? 185 LYS A CD    1 
ATOM   1397 C CE    . LYS A 1 185 ? 6.009   24.656  -6.064  1.00 36.74 ? 185 LYS A CE    1 
ATOM   1398 N NZ    . LYS A 1 185 ? 5.958   23.454  -6.978  1.00 36.34 ? 185 LYS A NZ    1 
ATOM   1399 N N     . ALA A 1 186 ? 4.821   20.474  -1.418  1.00 34.92 ? 186 ALA A N     1 
ATOM   1400 C CA    . ALA A 1 186 ? 4.622   19.047  -1.708  1.00 35.02 ? 186 ALA A CA    1 
ATOM   1401 C C     . ALA A 1 186 ? 3.190   18.640  -1.397  1.00 35.10 ? 186 ALA A C     1 
ATOM   1402 O O     . ALA A 1 186 ? 2.541   17.940  -2.181  1.00 34.93 ? 186 ALA A O     1 
ATOM   1403 C CB    . ALA A 1 186 ? 5.591   18.204  -0.898  1.00 35.29 ? 186 ALA A CB    1 
ATOM   1404 N N     . GLN A 1 187 ? 2.703   19.095  -0.244  1.00 35.04 ? 187 GLN A N     1 
ATOM   1405 C CA    . GLN A 1 187 ? 1.354   18.806  0.186   1.00 35.32 ? 187 GLN A CA    1 
ATOM   1406 C C     . GLN A 1 187 ? 0.331   19.356  -0.825  1.00 35.30 ? 187 GLN A C     1 
ATOM   1407 O O     . GLN A 1 187 ? -0.586  18.634  -1.241  1.00 34.86 ? 187 GLN A O     1 
ATOM   1408 C CB    . GLN A 1 187 ? 1.125   19.397  1.569   1.00 36.14 ? 187 GLN A CB    1 
ATOM   1409 C CG    . GLN A 1 187 ? 1.836   18.644  2.702   1.00 38.32 ? 187 GLN A CG    1 
ATOM   1410 C CD    . GLN A 1 187 ? 1.133   17.360  3.068   1.00 41.42 ? 187 GLN A CD    1 
ATOM   1411 O OE1   . GLN A 1 187 ? -0.085  17.246  2.884   1.00 44.12 ? 187 GLN A OE1   1 
ATOM   1412 N NE2   . GLN A 1 187 ? 1.892   16.372  3.574   1.00 40.07 ? 187 GLN A NE2   1 
ATOM   1413 N N     . SER A 1 188 ? 0.512   20.619  -1.229  1.00 34.85 ? 188 SER A N     1 
ATOM   1414 C CA    . SER A 1 188 ? -0.353  21.283  -2.224  1.00 34.60 ? 188 SER A CA    1 
ATOM   1415 C C     . SER A 1 188 ? -0.367  20.533  -3.563  1.00 34.33 ? 188 SER A C     1 
ATOM   1416 O O     . SER A 1 188 ? -1.426  20.203  -4.073  1.00 34.21 ? 188 SER A O     1 
ATOM   1417 C CB    . SER A 1 188 ? 0.084   22.745  -2.425  1.00 34.73 ? 188 SER A CB    1 
ATOM   1418 O OG    . SER A 1 188 ? -0.737  23.427  -3.351  1.00 33.98 ? 188 SER A OG    1 
ATOM   1419 N N     . ASP A 1 189 ? 0.808   20.239  -4.107  1.00 34.28 ? 189 ASP A N     1 
ATOM   1420 C CA    . ASP A 1 189 ? 0.919   19.525  -5.381  1.00 34.63 ? 189 ASP A CA    1 
ATOM   1421 C C     . ASP A 1 189 ? 0.306   18.125  -5.340  1.00 34.97 ? 189 ASP A C     1 
ATOM   1422 O O     . ASP A 1 189 ? -0.378  17.732  -6.273  1.00 35.04 ? 189 ASP A O     1 
ATOM   1423 C CB    . ASP A 1 189 ? 2.386   19.432  -5.819  1.00 34.53 ? 189 ASP A CB    1 
ATOM   1424 C CG    . ASP A 1 189 ? 2.970   20.785  -6.239  1.00 35.53 ? 189 ASP A CG    1 
ATOM   1425 O OD1   . ASP A 1 189 ? 2.207   21.789  -6.380  1.00 34.15 ? 189 ASP A OD1   1 
ATOM   1426 O OD2   . ASP A 1 189 ? 4.205   20.844  -6.412  1.00 35.74 ? 189 ASP A OD2   1 
ATOM   1427 N N     . ALA A 1 190 ? 0.566   17.373  -4.269  1.00 35.24 ? 190 ALA A N     1 
ATOM   1428 C CA    . ALA A 1 190 ? 0.002   16.029  -4.107  1.00 35.07 ? 190 ALA A CA    1 
ATOM   1429 C C     . ALA A 1 190 ? -1.516  16.071  -3.995  1.00 34.81 ? 190 ALA A C     1 
ATOM   1430 O O     . ALA A 1 190 ? -2.196  15.238  -4.581  1.00 34.47 ? 190 ALA A O     1 
ATOM   1431 C CB    . ALA A 1 190 ? 0.602   15.322  -2.882  1.00 34.44 ? 190 ALA A CB    1 
ATOM   1432 N N     . LYS A 1 191 ? -2.028  17.049  -3.253  1.00 35.21 ? 191 LYS A N     1 
ATOM   1433 C CA    . LYS A 1 191 ? -3.472  17.230  -3.059  1.00 35.77 ? 191 LYS A CA    1 
ATOM   1434 C C     . LYS A 1 191 ? -4.219  17.518  -4.370  1.00 36.00 ? 191 LYS A C     1 
ATOM   1435 O O     . LYS A 1 191 ? -5.301  16.980  -4.584  1.00 36.28 ? 191 LYS A O     1 
ATOM   1436 C CB    . LYS A 1 191 ? -3.743  18.329  -2.032  1.00 35.84 ? 191 LYS A CB    1 
ATOM   1437 C CG    . LYS A 1 191 ? -3.506  17.872  -0.592  1.00 36.65 ? 191 LYS A CG    1 
ATOM   1438 C CD    . LYS A 1 191 ? -3.636  18.998  0.439   1.00 36.46 ? 191 LYS A CD    1 
ATOM   1439 C CE    . LYS A 1 191 ? -3.142  18.511  1.808   1.00 38.30 ? 191 LYS A CE    1 
ATOM   1440 N NZ    . LYS A 1 191 ? -3.316  19.490  2.922   1.00 39.02 ? 191 LYS A NZ    1 
ATOM   1441 N N     . ALA A 1 192 ? -3.637  18.335  -5.252  1.00 36.07 ? 192 ALA A N     1 
ATOM   1442 C CA    . ALA A 1 192 ? -4.211  18.551  -6.587  1.00 36.63 ? 192 ALA A CA    1 
ATOM   1443 C C     . ALA A 1 192 ? -4.151  17.266  -7.432  1.00 36.89 ? 192 ALA A C     1 
ATOM   1444 O O     . ALA A 1 192 ? -5.075  16.984  -8.196  1.00 37.23 ? 192 ALA A O     1 
ATOM   1445 C CB    . ALA A 1 192 ? -3.496  19.726  -7.323  1.00 36.63 ? 192 ALA A CB    1 
ATOM   1446 N N     . ALA A 1 193 ? -3.070  16.494  -7.308  1.00 37.13 ? 193 ALA A N     1 
ATOM   1447 C CA    . ALA A 1 193 ? -3.005  15.178  -7.968  1.00 37.90 ? 193 ALA A CA    1 
ATOM   1448 C C     . ALA A 1 193 ? -4.155  14.290  -7.484  1.00 38.30 ? 193 ALA A C     1 
ATOM   1449 O O     . ALA A 1 193 ? -4.804  13.606  -8.282  1.00 38.75 ? 193 ALA A O     1 
ATOM   1450 C CB    . ALA A 1 193 ? -1.646  14.488  -7.718  1.00 37.47 ? 193 ALA A CB    1 
ATOM   1451 N N     . ILE A 1 194 ? -4.418  14.328  -6.180  1.00 38.82 ? 194 ILE A N     1 
ATOM   1452 C CA    . ILE A 1 194 ? -5.505  13.556  -5.589  1.00 39.70 ? 194 ILE A CA    1 
ATOM   1453 C C     . ILE A 1 194 ? -6.876  14.024  -6.079  1.00 40.65 ? 194 ILE A C     1 
ATOM   1454 O O     . ILE A 1 194 ? -7.708  13.195  -6.465  1.00 40.08 ? 194 ILE A O     1 
ATOM   1455 C CB    . ILE A 1 194 ? -5.435  13.579  -4.040  1.00 39.53 ? 194 ILE A CB    1 
ATOM   1456 C CG1   . ILE A 1 194 ? -4.261  12.707  -3.569  1.00 39.51 ? 194 ILE A CG1   1 
ATOM   1457 C CG2   . ILE A 1 194 ? -6.747  13.093  -3.416  1.00 38.83 ? 194 ILE A CG2   1 
ATOM   1458 C CD1   . ILE A 1 194 ? -3.920  12.865  -2.116  1.00 38.72 ? 194 ILE A CD1   1 
ATOM   1459 N N     . ASP A 1 195 ? -7.101  15.343  -6.061  1.00 41.94 ? 195 ASP A N     1 
ATOM   1460 C CA    . ASP A 1 195 ? -8.365  15.943  -6.529  1.00 43.11 ? 195 ASP A CA    1 
ATOM   1461 C C     . ASP A 1 195 ? -8.779  15.435  -7.924  1.00 43.70 ? 195 ASP A C     1 
ATOM   1462 O O     . ASP A 1 195 ? -9.934  15.103  -8.147  1.00 43.64 ? 195 ASP A O     1 
ATOM   1463 C CB    . ASP A 1 195 ? -8.291  17.493  -6.540  1.00 43.12 ? 195 ASP A CB    1 
ATOM   1464 C CG    . ASP A 1 195 ? -8.324  18.120  -5.121  1.00 44.06 ? 195 ASP A CG    1 
ATOM   1465 O OD1   . ASP A 1 195 ? -8.900  17.534  -4.182  1.00 44.31 ? 195 ASP A OD1   1 
ATOM   1466 O OD2   . ASP A 1 195 ? -7.777  19.228  -4.945  1.00 45.12 ? 195 ASP A OD2   1 
ATOM   1467 N N     . SER A 1 196 ? -7.840  15.363  -8.856  1.00 44.97 ? 196 SER A N     1 
ATOM   1468 C CA    . SER A 1 196 ? -8.180  14.932  -10.209 1.00 46.20 ? 196 SER A CA    1 
ATOM   1469 C C     . SER A 1 196 ? -8.382  13.415  -10.347 1.00 47.36 ? 196 SER A C     1 
ATOM   1470 O O     . SER A 1 196 ? -8.932  12.953  -11.347 1.00 47.72 ? 196 SER A O     1 
ATOM   1471 C CB    . SER A 1 196 ? -7.140  15.425  -11.207 1.00 46.36 ? 196 SER A CB    1 
ATOM   1472 O OG    . SER A 1 196 ? -5.961  14.659  -11.141 1.00 48.01 ? 196 SER A OG    1 
ATOM   1473 N N     . ILE A 1 197 ? -7.925  12.641  -9.359  1.00 48.22 ? 197 ILE A N     1 
ATOM   1474 C CA    . ILE A 1 197 ? -8.213  11.209  -9.295  1.00 48.64 ? 197 ILE A CA    1 
ATOM   1475 C C     . ILE A 1 197 ? -9.626  10.982  -8.729  1.00 49.28 ? 197 ILE A C     1 
ATOM   1476 O O     . ILE A 1 197 ? -10.404 10.182  -9.258  1.00 49.03 ? 197 ILE A O     1 
ATOM   1477 C CB    . ILE A 1 197 ? -7.173  10.449  -8.420  1.00 48.51 ? 197 ILE A CB    1 
ATOM   1478 C CG1   . ILE A 1 197 ? -5.808  10.383  -9.120  1.00 48.38 ? 197 ILE A CG1   1 
ATOM   1479 C CG2   . ILE A 1 197 ? -7.667  9.041   -8.095  1.00 48.22 ? 197 ILE A CG2   1 
ATOM   1480 C CD1   . ILE A 1 197 ? -4.687  9.839   -8.231  1.00 48.56 ? 197 ILE A CD1   1 
ATOM   1481 N N     . VAL A 1 198 ? -9.942  11.689  -7.653  1.00 50.23 ? 198 VAL A N     1 
ATOM   1482 C CA    . VAL A 1 198 ? -11.247 11.585  -6.998  1.00 51.55 ? 198 VAL A CA    1 
ATOM   1483 C C     . VAL A 1 198 ? -12.403 11.990  -7.936  1.00 52.83 ? 198 VAL A C     1 
ATOM   1484 O O     . VAL A 1 198 ? -13.467 11.363  -7.926  1.00 53.26 ? 198 VAL A O     1 
ATOM   1485 C CB    . VAL A 1 198 ? -11.281 12.434  -5.696  1.00 51.20 ? 198 VAL A CB    1 
ATOM   1486 C CG1   . VAL A 1 198 ? -12.673 12.495  -5.121  1.00 51.81 ? 198 VAL A CG1   1 
ATOM   1487 C CG2   . VAL A 1 198 ? -10.306 11.868  -4.667  1.00 50.43 ? 198 VAL A CG2   1 
ATOM   1488 N N     . SER A 1 199 ? -12.182 13.014  -8.755  1.00 54.43 ? 199 SER A N     1 
ATOM   1489 C CA    . SER A 1 199 ? -13.222 13.529  -9.648  1.00 55.48 ? 199 SER A CA    1 
ATOM   1490 C C     . SER A 1 199 ? -13.247 12.853  -11.021 1.00 56.58 ? 199 SER A C     1 
ATOM   1491 O O     . SER A 1 199 ? -14.273 12.874  -11.687 1.00 57.40 ? 199 SER A O     1 
ATOM   1492 C CB    . SER A 1 199 ? -13.058 15.037  -9.838  1.00 55.64 ? 199 SER A CB    1 
ATOM   1493 O OG    . SER A 1 199 ? -12.137 15.319  -10.879 1.00 56.73 ? 199 SER A OG    1 
ATOM   1494 N N     . ALA A 1 200 ? -12.130 12.270  -11.452 1.00 57.45 ? 200 ALA A N     1 
ATOM   1495 C CA    . ALA A 1 200 ? -12.043 11.690  -12.802 1.00 57.87 ? 200 ALA A CA    1 
ATOM   1496 C C     . ALA A 1 200 ? -12.875 10.411  -12.937 1.00 58.77 ? 200 ALA A C     1 
ATOM   1497 O O     . ALA A 1 200 ? -13.320 9.814   -11.947 1.00 59.42 ? 200 ALA A O     1 
ATOM   1498 C CB    . ALA A 1 200 ? -10.574 11.413  -13.190 1.00 58.10 ? 200 ALA A CB    1 
ATOM   1499 O OXT   . ALA A 1 200 ? -13.113 9.945   -14.060 1.00 59.33 ? 200 ALA A OXT   1 
HETATM 1500 N N1    . FMN B 2 .   ? 14.079  10.565  2.248   1.00 29.19 ? 201 FMN A N1    1 
HETATM 1501 C C2    . FMN B 2 .   ? 14.630  10.279  1.003   1.00 29.24 ? 201 FMN A C2    1 
HETATM 1502 O O2    . FMN B 2 .   ? 14.479  11.049  0.052   1.00 28.67 ? 201 FMN A O2    1 
HETATM 1503 N N3    . FMN B 2 .   ? 15.377  9.131   0.834   1.00 28.75 ? 201 FMN A N3    1 
HETATM 1504 C C4    . FMN B 2 .   ? 15.556  8.251   1.885   1.00 29.06 ? 201 FMN A C4    1 
HETATM 1505 O O4    . FMN B 2 .   ? 15.943  7.105   1.628   1.00 29.55 ? 201 FMN A O4    1 
HETATM 1506 C C4A   . FMN B 2 .   ? 14.992  8.533   3.138   1.00 29.26 ? 201 FMN A C4A   1 
HETATM 1507 N N5    . FMN B 2 .   ? 15.171  7.672   4.200   1.00 28.11 ? 201 FMN A N5    1 
HETATM 1508 C C5A   . FMN B 2 .   ? 14.629  7.963   5.440   1.00 29.18 ? 201 FMN A C5A   1 
HETATM 1509 C C6    . FMN B 2 .   ? 14.815  7.059   6.490   1.00 28.65 ? 201 FMN A C6    1 
HETATM 1510 C C7    . FMN B 2 .   ? 14.262  7.294   7.746   1.00 29.31 ? 201 FMN A C7    1 
HETATM 1511 C C7M   . FMN B 2 .   ? 14.375  6.214   8.818   1.00 27.15 ? 201 FMN A C7M   1 
HETATM 1512 C C8    . FMN B 2 .   ? 13.518  8.459   7.959   1.00 29.11 ? 201 FMN A C8    1 
HETATM 1513 C C8M   . FMN B 2 .   ? 12.599  8.534   9.150   1.00 29.07 ? 201 FMN A C8M   1 
HETATM 1514 C C9    . FMN B 2 .   ? 13.317  9.363   6.910   1.00 29.31 ? 201 FMN A C9    1 
HETATM 1515 C C9A   . FMN B 2 .   ? 13.859  9.122   5.632   1.00 29.05 ? 201 FMN A C9A   1 
HETATM 1516 N N10   . FMN B 2 .   ? 13.683  9.995   4.559   1.00 29.06 ? 201 FMN A N10   1 
HETATM 1517 C C10   . FMN B 2 .   ? 14.253  9.704   3.320   1.00 29.44 ? 201 FMN A C10   1 
HETATM 1518 C "C1'" . FMN B 2 .   ? 12.710  11.131  4.618   1.00 29.51 ? 201 FMN A "C1'" 1 
HETATM 1519 C "C2'" . FMN B 2 .   ? 11.297  10.603  4.399   1.00 30.72 ? 201 FMN A "C2'" 1 
HETATM 1520 O "O2'" . FMN B 2 .   ? 11.175  9.928   3.152   1.00 29.03 ? 201 FMN A "O2'" 1 
HETATM 1521 C "C3'" . FMN B 2 .   ? 10.319  11.780  4.497   1.00 31.96 ? 201 FMN A "C3'" 1 
HETATM 1522 O "O3'" . FMN B 2 .   ? 10.414  12.298  5.803   1.00 32.68 ? 201 FMN A "O3'" 1 
HETATM 1523 C "C4'" . FMN B 2 .   ? 8.871   11.396  4.147   1.00 32.84 ? 201 FMN A "C4'" 1 
HETATM 1524 O "O4'" . FMN B 2 .   ? 7.967   12.441  4.443   1.00 32.49 ? 201 FMN A "O4'" 1 
HETATM 1525 C "C5'" . FMN B 2 .   ? 8.437   10.162  4.909   1.00 33.57 ? 201 FMN A "C5'" 1 
HETATM 1526 O "O5'" . FMN B 2 .   ? 7.038   9.997   4.848   1.00 33.88 ? 201 FMN A "O5'" 1 
HETATM 1527 P P     . FMN B 2 .   ? 6.188   10.120  6.198   1.00 34.92 ? 201 FMN A P     1 
HETATM 1528 O O1P   . FMN B 2 .   ? 4.756   9.872   5.800   1.00 33.45 ? 201 FMN A O1P   1 
HETATM 1529 O O2P   . FMN B 2 .   ? 6.708   9.132   7.227   1.00 33.85 ? 201 FMN A O2P   1 
HETATM 1530 O O3P   . FMN B 2 .   ? 6.304   11.516  6.761   1.00 34.39 ? 201 FMN A O3P   1 
HETATM 1531 O O5    . DTC C 3 .   ? 18.429  10.402  1.053   1.00 40.35 ? 202 DTC A O5    1 
HETATM 1532 C C10   . DTC C 3 .   ? 18.362  10.003  2.373   1.00 39.79 ? 202 DTC A C10   1 
HETATM 1533 C C9    . DTC C 3 .   ? 17.880  10.853  3.355   1.00 39.79 ? 202 DTC A C9    1 
HETATM 1534 C C8    . DTC C 3 .   ? 17.450  12.207  2.953   1.00 40.26 ? 202 DTC A C8    1 
HETATM 1535 O O17   . DTC C 3 .   ? 16.981  13.111  3.851   1.00 40.62 ? 202 DTC A O17   1 
HETATM 1536 C C7    . DTC C 3 .   ? 17.555  12.569  1.540   1.00 40.62 ? 202 DTC A C7    1 
HETATM 1537 C C15   . DTC C 3 .   ? 17.111  13.916  1.073   1.00 43.20 ? 202 DTC A C15   1 
HETATM 1538 C C6    . DTC C 3 .   ? 18.021  11.649  0.640   1.00 40.41 ? 202 DTC A C6    1 
HETATM 1539 O O16   . DTC C 3 .   ? 18.100  11.985  -0.564  1.00 40.85 ? 202 DTC A O16   1 
HETATM 1540 C C1    . DTC C 3 .   ? 17.808  10.450  4.685   1.00 40.66 ? 202 DTC A C1    1 
HETATM 1541 C C2    . DTC C 3 .   ? 18.211  9.158   5.031   1.00 40.73 ? 202 DTC A C2    1 
HETATM 1542 C C3    . DTC C 3 .   ? 18.698  8.291   4.048   1.00 40.48 ? 202 DTC A C3    1 
HETATM 1543 C C4    . DTC C 3 .   ? 18.770  8.718   2.718   1.00 41.03 ? 202 DTC A C4    1 
HETATM 1544 C C5    . DTC C 3 .   ? 19.134  17.520  3.898   1.00 45.73 ? 202 DTC A C5    1 
HETATM 1545 C C20   . DTC C 3 .   ? 19.037  16.856  2.670   1.00 45.40 ? 202 DTC A C20   1 
HETATM 1546 C C19   . DTC C 3 .   ? 19.800  17.264  1.579   1.00 45.96 ? 202 DTC A C19   1 
HETATM 1547 C C18   . DTC C 3 .   ? 20.680  18.342  1.718   1.00 45.86 ? 202 DTC A C18   1 
HETATM 1548 C C17   . DTC C 3 .   ? 20.775  19.009  2.944   1.00 45.93 ? 202 DTC A C17   1 
HETATM 1549 C C16   . DTC C 3 .   ? 20.007  18.604  4.037   1.00 45.60 ? 202 DTC A C16   1 
HETATM 1550 O O21   . DTC C 3 .   ? 19.694  16.594  0.370   1.00 46.32 ? 202 DTC A O21   1 
HETATM 1551 C C12   . DTC C 3 .   ? 18.837  15.511  0.216   1.00 45.95 ? 202 DTC A C12   1 
HETATM 1552 O O32   . DTC C 3 .   ? 18.755  14.906  -0.890  1.00 46.09 ? 202 DTC A O32   1 
HETATM 1553 C C13   . DTC C 3 .   ? 18.067  15.063  1.277   1.00 45.04 ? 202 DTC A C13   1 
HETATM 1554 C C14   . DTC C 3 .   ? 18.115  15.696  2.491   1.00 45.40 ? 202 DTC A C14   1 
HETATM 1555 O O38   . DTC C 3 .   ? 17.340  15.236  3.517   1.00 45.80 ? 202 DTC A O38   1 
HETATM 1556 C C1    . GOL D 4 .   ? 13.096  -1.281  -2.884  0.50 36.33 ? 203 GOL A C1    1 
HETATM 1557 O O1    . GOL D 4 .   ? 12.842  -0.149  -3.693  0.50 37.22 ? 203 GOL A O1    1 
HETATM 1558 C C2    . GOL D 4 .   ? 13.847  -2.371  -3.654  0.50 36.21 ? 203 GOL A C2    1 
HETATM 1559 O O2    . GOL D 4 .   ? 14.365  -1.858  -4.861  0.50 35.56 ? 203 GOL A O2    1 
HETATM 1560 C C3    . GOL D 4 .   ? 12.951  -3.568  -3.967  0.50 36.16 ? 203 GOL A C3    1 
HETATM 1561 O O3    . GOL D 4 .   ? 13.719  -4.691  -4.362  0.50 36.62 ? 203 GOL A O3    1 
HETATM 1562 O O     . HOH E 5 .   ? -5.823  -6.133  3.212   1.00 31.78 ? 204 HOH A O     1 
HETATM 1563 O O     . HOH E 5 .   ? 6.477   2.657   2.659   1.00 24.10 ? 205 HOH A O     1 
HETATM 1564 O O     . HOH E 5 .   ? 0.157   1.411   -13.841 1.00 51.89 ? 206 HOH A O     1 
HETATM 1565 O O     . HOH E 5 .   ? 0.927   4.960   9.743   1.00 28.39 ? 207 HOH A O     1 
HETATM 1566 O O     . HOH E 5 .   ? -2.596  9.187   10.604  1.00 35.54 ? 208 HOH A O     1 
HETATM 1567 O O     . HOH E 5 .   ? -13.019 -11.059 0.756   1.00 44.91 ? 209 HOH A O     1 
HETATM 1568 O O     . HOH E 5 .   ? -6.325  10.179  10.995  1.00 43.89 ? 210 HOH A O     1 
HETATM 1569 O O     . HOH E 5 .   ? -1.692  26.003  -3.068  1.00 35.85 ? 211 HOH A O     1 
HETATM 1570 O O     . HOH E 5 .   ? 2.885   5.601   12.575  1.00 23.15 ? 212 HOH A O     1 
HETATM 1571 O O     . HOH E 5 .   ? 13.967  -17.098 10.232  1.00 19.71 ? 213 HOH A O     1 
HETATM 1572 O O     . HOH E 5 .   ? 11.851  -12.533 5.422   1.00 26.15 ? 214 HOH A O     1 
HETATM 1573 O O     . HOH E 5 .   ? 5.290   26.601  0.026   1.00 36.20 ? 215 HOH A O     1 
HETATM 1574 O O     . HOH E 5 .   ? 3.624   4.709   14.966  1.00 29.29 ? 216 HOH A O     1 
HETATM 1575 O O     . HOH E 5 .   ? -2.879  -4.126  10.664  1.00 34.61 ? 217 HOH A O     1 
HETATM 1576 O O     . HOH E 5 .   ? 3.247   -3.891  9.757   1.00 28.75 ? 218 HOH A O     1 
HETATM 1577 O O     . HOH E 5 .   ? 5.753   -3.829  11.628  1.00 29.28 ? 219 HOH A O     1 
HETATM 1578 O O     . HOH E 5 .   ? 6.126   -2.098  13.535  1.00 24.35 ? 220 HOH A O     1 
HETATM 1579 O O     . HOH E 5 .   ? 5.223   -10.865 7.088   1.00 32.46 ? 221 HOH A O     1 
HETATM 1580 O O     . HOH E 5 .   ? 8.670   -9.528  6.418   1.00 25.58 ? 222 HOH A O     1 
HETATM 1581 O O     . HOH E 5 .   ? 9.610   -8.750  0.707   1.00 30.13 ? 223 HOH A O     1 
HETATM 1582 O O     . HOH E 5 .   ? 7.894   -7.394  -1.194  1.00 27.40 ? 224 HOH A O     1 
HETATM 1583 O O     . HOH E 5 .   ? 4.980   -14.189 0.950   1.00 25.44 ? 225 HOH A O     1 
HETATM 1584 O O     . HOH E 5 .   ? 8.106   -22.986 8.160   1.00 31.05 ? 226 HOH A O     1 
HETATM 1585 O O     . HOH E 5 .   ? 1.684   6.203   5.883   1.00 26.81 ? 227 HOH A O     1 
HETATM 1586 O O     . HOH E 5 .   ? -5.956  3.600   -10.773 1.00 49.27 ? 228 HOH A O     1 
HETATM 1587 O O     . HOH E 5 .   ? 1.207   -2.715  -11.499 1.00 36.43 ? 229 HOH A O     1 
HETATM 1588 O O     . HOH E 5 .   ? 12.356  14.349  5.634   1.00 34.99 ? 230 HOH A O     1 
HETATM 1589 O O     . HOH E 5 .   ? 0.071   23.234  1.714   1.00 40.33 ? 231 HOH A O     1 
HETATM 1590 O O     . HOH E 5 .   ? 5.346   6.961   15.779  1.00 31.06 ? 232 HOH A O     1 
HETATM 1591 O O     . HOH E 5 .   ? 7.756   -9.967  14.275  1.00 28.67 ? 233 HOH A O     1 
HETATM 1592 O O     . HOH E 5 .   ? 14.209  4.162   -4.032  1.00 30.71 ? 234 HOH A O     1 
HETATM 1593 O O     . HOH E 5 .   ? 12.395  -15.955 14.243  1.00 30.44 ? 235 HOH A O     1 
HETATM 1594 O O     . HOH E 5 .   ? 6.679   -6.142  12.620  1.00 32.16 ? 236 HOH A O     1 
HETATM 1595 O O     . HOH E 5 .   ? 4.539   -26.863 10.993  1.00 39.22 ? 237 HOH A O     1 
HETATM 1596 O O     . HOH E 5 .   ? 1.116   23.819  -5.192  1.00 27.64 ? 238 HOH A O     1 
HETATM 1597 O O     . HOH E 5 .   ? -6.525  -12.211 12.978  1.00 46.92 ? 239 HOH A O     1 
HETATM 1598 O O     . HOH E 5 .   ? 3.218   23.404  -8.340  1.00 36.73 ? 240 HOH A O     1 
HETATM 1599 O O     . HOH E 5 .   ? 2.889   20.691  -10.447 1.00 49.11 ? 241 HOH A O     1 
HETATM 1600 O O     . HOH E 5 .   ? 16.977  12.721  -9.399  1.00 47.48 ? 242 HOH A O     1 
HETATM 1601 O O     . HOH E 5 .   ? 16.590  9.845   -8.675  1.00 44.91 ? 243 HOH A O     1 
HETATM 1602 O O     . HOH E 5 .   ? 11.021  -10.769 3.381   1.00 30.92 ? 244 HOH A O     1 
HETATM 1603 O O     . HOH E 5 .   ? -4.391  -2.198  -16.111 1.00 51.67 ? 245 HOH A O     1 
HETATM 1604 O O     . HOH E 5 .   ? -6.012  -3.736  -12.045 1.00 41.86 ? 246 HOH A O     1 
HETATM 1605 O O     . HOH E 5 .   ? 4.984   -7.910  -12.216 1.00 40.92 ? 247 HOH A O     1 
HETATM 1606 O O     . HOH E 5 .   ? -0.265  -10.697 -13.107 1.00 45.33 ? 248 HOH A O     1 
HETATM 1607 O O     . HOH E 5 .   ? 10.280  7.708   -10.327 1.00 33.33 ? 249 HOH A O     1 
HETATM 1608 O O     . HOH E 5 .   ? -13.023 6.507   7.876   1.00 52.35 ? 250 HOH A O     1 
HETATM 1609 O O     . HOH E 5 .   ? -2.878  11.948  10.031  1.00 40.84 ? 251 HOH A O     1 
HETATM 1610 O O     . HOH E 5 .   ? -3.050  22.968  -0.197  1.00 45.61 ? 252 HOH A O     1 
HETATM 1611 O O     . HOH E 5 .   ? 11.525  -22.520 6.976   1.00 43.15 ? 253 HOH A O     1 
HETATM 1612 O O     . HOH E 5 .   ? 11.225  -12.356 13.600  1.00 30.10 ? 254 HOH A O     1 
HETATM 1613 O O     . HOH E 5 .   ? 8.477   -12.832 12.986  1.00 29.78 ? 255 HOH A O     1 
HETATM 1614 O O     . HOH E 5 .   ? -6.222  -7.430  12.233  1.00 52.60 ? 256 HOH A O     1 
HETATM 1615 O O     . HOH E 5 .   ? -2.161  -6.869  13.690  1.00 51.94 ? 257 HOH A O     1 
HETATM 1616 O O     . HOH E 5 .   ? 7.268   2.183   -12.929 1.00 50.91 ? 258 HOH A O     1 
HETATM 1617 O O     . HOH E 5 .   ? 0.974   7.772   -12.321 1.00 42.90 ? 259 HOH A O     1 
HETATM 1618 O O     . HOH E 5 .   ? 2.093   13.676  -8.037  1.00 40.65 ? 260 HOH A O     1 
HETATM 1619 O O     . HOH E 5 .   ? 3.493   15.843  -8.498  1.00 57.04 ? 261 HOH A O     1 
HETATM 1620 O O     . HOH E 5 .   ? 9.657   15.736  -7.613  1.00 38.04 ? 262 HOH A O     1 
HETATM 1621 O O     . HOH E 5 .   ? 6.891   15.543  -7.335  1.00 39.90 ? 263 HOH A O     1 
HETATM 1622 O O     . HOH E 5 .   ? 5.996   19.344  -4.914  1.00 37.56 ? 264 HOH A O     1 
HETATM 1623 O O     . HOH E 5 .   ? 10.044  18.601  -6.028  1.00 38.55 ? 265 HOH A O     1 
HETATM 1624 O O     . HOH E 5 .   ? 8.391   22.327  -6.968  1.00 33.69 ? 266 HOH A O     1 
HETATM 1625 O O     . HOH E 5 .   ? 6.001   16.616  -4.861  1.00 36.95 ? 267 HOH A O     1 
HETATM 1626 O O     . HOH E 5 .   ? 11.484  16.074  -9.991  1.00 53.05 ? 268 HOH A O     1 
HETATM 1627 O O     . HOH E 5 .   ? 7.063   -21.115 18.309  1.00 48.88 ? 269 HOH A O     1 
HETATM 1628 O O     . HOH E 5 .   ? 4.567   -21.529 17.853  1.00 43.52 ? 270 HOH A O     1 
HETATM 1629 O O     . HOH E 5 .   ? -5.516  -20.504 11.661  1.00 46.56 ? 271 HOH A O     1 
# 
loop_
_pdbx_poly_seq_scheme.asym_id 
_pdbx_poly_seq_scheme.entity_id 
_pdbx_poly_seq_scheme.seq_id 
_pdbx_poly_seq_scheme.mon_id 
_pdbx_poly_seq_scheme.ndb_seq_num 
_pdbx_poly_seq_scheme.pdb_seq_num 
_pdbx_poly_seq_scheme.auth_seq_num 
_pdbx_poly_seq_scheme.pdb_mon_id 
_pdbx_poly_seq_scheme.auth_mon_id 
_pdbx_poly_seq_scheme.pdb_strand_id 
_pdbx_poly_seq_scheme.pdb_ins_code 
_pdbx_poly_seq_scheme.hetero 
A 1 1   SER 1   1   1   SER SER A . n 
A 1 2   LYS 2   2   2   LYS LYS A . n 
A 1 3   VAL 3   3   3   VAL VAL A . n 
A 1 4   LEU 4   4   4   LEU LEU A . n 
A 1 5   VAL 5   5   5   VAL VAL A . n 
A 1 6   LEU 6   6   6   LEU LEU A . n 
A 1 7   LYS 7   7   7   LYS LYS A . n 
A 1 8   SER 8   8   8   SER SER A . n 
A 1 9   SER 9   9   9   SER SER A . n 
A 1 10  ILE 10  10  10  ILE ILE A . n 
A 1 11  LEU 11  11  11  LEU LEU A . n 
A 1 12  ALA 12  12  12  ALA ALA A . n 
A 1 13  GLY 13  13  13  GLY GLY A . n 
A 1 14  TYR 14  14  14  TYR TYR A . n 
A 1 15  SER 15  15  15  SER SER A . n 
A 1 16  GLN 16  16  16  GLN GLN A . n 
A 1 17  SER 17  17  17  SER SER A . n 
A 1 18  ASN 18  18  18  ASN ASN A . n 
A 1 19  GLN 19  19  19  GLN GLN A . n 
A 1 20  LEU 20  20  20  LEU LEU A . n 
A 1 21  SER 21  21  21  SER SER A . n 
A 1 22  ASP 22  22  22  ASP ASP A . n 
A 1 23  TYR 23  23  23  TYR TYR A . n 
A 1 24  PHE 24  24  24  PHE PHE A . n 
A 1 25  VAL 25  25  25  VAL VAL A . n 
A 1 26  GLU 26  26  26  GLU GLU A . n 
A 1 27  GLN 27  27  27  GLN GLN A . n 
A 1 28  TRP 28  28  28  TRP TRP A . n 
A 1 29  ARG 29  29  29  ARG ARG A . n 
A 1 30  GLU 30  30  30  GLU GLU A . n 
A 1 31  LYS 31  31  31  LYS LYS A . n 
A 1 32  HIS 32  32  32  HIS HIS A . n 
A 1 33  SER 33  33  33  SER SER A . n 
A 1 34  ALA 34  34  34  ALA ALA A . n 
A 1 35  ASP 35  35  35  ASP ASP A . n 
A 1 36  GLU 36  36  36  GLU GLU A . n 
A 1 37  ILE 37  37  37  ILE ILE A . n 
A 1 38  THR 38  38  38  THR THR A . n 
A 1 39  VAL 39  39  39  VAL VAL A . n 
A 1 40  ARG 40  40  40  ARG ARG A . n 
A 1 41  ASP 41  41  41  ASP ASP A . n 
A 1 42  LEU 42  42  42  LEU LEU A . n 
A 1 43  ALA 43  43  43  ALA ALA A . n 
A 1 44  ALA 44  44  44  ALA ALA A . n 
A 1 45  ASN 45  45  45  ASN ASN A . n 
A 1 46  PRO 46  46  46  PRO PRO A . n 
A 1 47  ILE 47  47  47  ILE ILE A . n 
A 1 48  PRO 48  48  48  PRO PRO A . n 
A 1 49  VAL 49  49  49  VAL VAL A . n 
A 1 50  LEU 50  50  50  LEU LEU A . n 
A 1 51  ASP 51  51  51  ASP ASP A . n 
A 1 52  GLY 52  52  52  GLY GLY A . n 
A 1 53  GLU 53  53  53  GLU GLU A . n 
A 1 54  LEU 54  54  54  LEU LEU A . n 
A 1 55  VAL 55  55  55  VAL VAL A . n 
A 1 56  GLY 56  56  56  GLY GLY A . n 
A 1 57  ALA 57  57  57  ALA ALA A . n 
A 1 58  LEU 58  58  58  LEU LEU A . n 
A 1 59  ARG 59  59  59  ARG ARG A . n 
A 1 60  PRO 60  60  ?   ?   ?   A . n 
A 1 61  SER 61  61  ?   ?   ?   A . n 
A 1 62  ASP 62  62  ?   ?   ?   A . n 
A 1 63  ALA 63  63  63  ALA ALA A . n 
A 1 64  PRO 64  64  64  PRO PRO A . n 
A 1 65  LEU 65  65  65  LEU LEU A . n 
A 1 66  THR 66  66  66  THR THR A . n 
A 1 67  PRO 67  67  67  PRO PRO A . n 
A 1 68  ARG 68  68  68  ARG ARG A . n 
A 1 69  GLN 69  69  69  GLN GLN A . n 
A 1 70  GLN 70  70  70  GLN GLN A . n 
A 1 71  GLU 71  71  71  GLU GLU A . n 
A 1 72  ALA 72  72  72  ALA ALA A . n 
A 1 73  LEU 73  73  73  LEU LEU A . n 
A 1 74  ALA 74  74  74  ALA ALA A . n 
A 1 75  LEU 75  75  75  LEU LEU A . n 
A 1 76  SER 76  76  76  SER SER A . n 
A 1 77  ASP 77  77  77  ASP ASP A . n 
A 1 78  GLU 78  78  78  GLU GLU A . n 
A 1 79  LEU 79  79  79  LEU LEU A . n 
A 1 80  ILE 80  80  80  ILE ILE A . n 
A 1 81  ALA 81  81  81  ALA ALA A . n 
A 1 82  GLU 82  82  82  GLU GLU A . n 
A 1 83  LEU 83  83  83  LEU LEU A . n 
A 1 84  LYS 84  84  84  LYS LYS A . n 
A 1 85  ALA 85  85  85  ALA ALA A . n 
A 1 86  HIS 86  86  86  HIS HIS A . n 
A 1 87  ASP 87  87  87  ASP ASP A . n 
A 1 88  VAL 88  88  88  VAL VAL A . n 
A 1 89  ILE 89  89  89  ILE ILE A . n 
A 1 90  VAL 90  90  90  VAL VAL A . n 
A 1 91  ILE 91  91  91  ILE ILE A . n 
A 1 92  ALA 92  92  92  ALA ALA A . n 
A 1 93  ALA 93  93  93  ALA ALA A . n 
A 1 94  PRO 94  94  94  PRO PRO A . n 
A 1 95  MET 95  95  95  MET MET A . n 
A 1 96  TYR 96  96  96  TYR TYR A . n 
A 1 97  ASN 97  97  97  ASN ASN A . n 
A 1 98  PHE 98  98  98  PHE PHE A . n 
A 1 99  ASN 99  99  99  ASN ASN A . n 
A 1 100 ILE 100 100 100 ILE ILE A . n 
A 1 101 SER 101 101 101 SER SER A . n 
A 1 102 THR 102 102 102 THR THR A . n 
A 1 103 GLN 103 103 103 GLN GLN A . n 
A 1 104 LEU 104 104 104 LEU LEU A . n 
A 1 105 LYS 105 105 105 LYS LYS A . n 
A 1 106 ASN 106 106 106 ASN ASN A . n 
A 1 107 TYR 107 107 107 TYR TYR A . n 
A 1 108 PHE 108 108 108 PHE PHE A . n 
A 1 109 ASP 109 109 109 ASP ASP A . n 
A 1 110 LEU 110 110 110 LEU LEU A . n 
A 1 111 VAL 111 111 111 VAL VAL A . n 
A 1 112 ALA 112 112 112 ALA ALA A . n 
A 1 113 ARG 113 113 113 ARG ARG A . n 
A 1 114 ALA 114 114 114 ALA ALA A . n 
A 1 115 GLY 115 115 115 GLY GLY A . n 
A 1 116 VAL 116 116 116 VAL VAL A . n 
A 1 117 THR 117 117 117 THR THR A . n 
A 1 118 PHE 118 118 118 PHE PHE A . n 
A 1 119 ARG 119 119 119 ARG ARG A . n 
A 1 120 TYR 120 120 120 TYR TYR A . n 
A 1 121 THR 121 121 121 THR THR A . n 
A 1 122 GLU 122 122 122 GLU GLU A . n 
A 1 123 ASN 123 123 123 ASN ASN A . n 
A 1 124 GLY 124 124 124 GLY GLY A . n 
A 1 125 PRO 125 125 125 PRO PRO A . n 
A 1 126 GLU 126 126 126 GLU GLU A . n 
A 1 127 GLY 127 127 127 GLY GLY A . n 
A 1 128 LEU 128 128 128 LEU LEU A . n 
A 1 129 VAL 129 129 129 VAL VAL A . n 
A 1 130 THR 130 130 130 THR THR A . n 
A 1 131 GLY 131 131 131 GLY GLY A . n 
A 1 132 LYS 132 132 132 LYS LYS A . n 
A 1 133 LYS 133 133 133 LYS LYS A . n 
A 1 134 ALA 134 134 134 ALA ALA A . n 
A 1 135 ILE 135 135 135 ILE ILE A . n 
A 1 136 VAL 136 136 136 VAL VAL A . n 
A 1 137 ILE 137 137 137 ILE ILE A . n 
A 1 138 THR 138 138 138 THR THR A . n 
A 1 139 SER 139 139 139 SER SER A . n 
A 1 140 ARG 140 140 140 ARG ARG A . n 
A 1 141 GLY 141 141 141 GLY GLY A . n 
A 1 142 GLY 142 142 142 GLY GLY A . n 
A 1 143 ILE 143 143 143 ILE ILE A . n 
A 1 144 HIS 144 144 144 HIS HIS A . n 
A 1 145 LYS 145 145 145 LYS LYS A . n 
A 1 146 ASP 146 146 146 ASP ASP A . n 
A 1 147 GLY 147 147 147 GLY GLY A . n 
A 1 148 PRO 148 148 148 PRO PRO A . n 
A 1 149 THR 149 149 149 THR THR A . n 
A 1 150 ASP 150 150 150 ASP ASP A . n 
A 1 151 LEU 151 151 151 LEU LEU A . n 
A 1 152 VAL 152 152 152 VAL VAL A . n 
A 1 153 THR 153 153 153 THR THR A . n 
A 1 154 PRO 154 154 154 PRO PRO A . n 
A 1 155 TYR 155 155 155 TYR TYR A . n 
A 1 156 LEU 156 156 156 LEU LEU A . n 
A 1 157 SER 157 157 157 SER SER A . n 
A 1 158 THR 158 158 158 THR THR A . n 
A 1 159 PHE 159 159 159 PHE PHE A . n 
A 1 160 LEU 160 160 160 LEU LEU A . n 
A 1 161 GLY 161 161 161 GLY GLY A . n 
A 1 162 PHE 162 162 162 PHE PHE A . n 
A 1 163 ILE 163 163 163 ILE ILE A . n 
A 1 164 GLY 164 164 164 GLY GLY A . n 
A 1 165 ILE 165 165 165 ILE ILE A . n 
A 1 166 THR 166 166 166 THR THR A . n 
A 1 167 ASP 167 167 167 ASP ASP A . n 
A 1 168 VAL 168 168 168 VAL VAL A . n 
A 1 169 LYS 169 169 169 LYS LYS A . n 
A 1 170 PHE 170 170 170 PHE PHE A . n 
A 1 171 VAL 171 171 171 VAL VAL A . n 
A 1 172 PHE 172 172 172 PHE PHE A . n 
A 1 173 ALA 173 173 173 ALA ALA A . n 
A 1 174 GLU 174 174 174 GLU GLU A . n 
A 1 175 GLY 175 175 175 GLY GLY A . n 
A 1 176 ILE 176 176 176 ILE ILE A . n 
A 1 177 ALA 177 177 177 ALA ALA A . n 
A 1 178 TYR 178 178 178 TYR TYR A . n 
A 1 179 GLY 179 179 179 GLY GLY A . n 
A 1 180 PRO 180 180 180 PRO PRO A . n 
A 1 181 GLU 181 181 181 GLU GLU A . n 
A 1 182 MET 182 182 182 MET MET A . n 
A 1 183 ALA 183 183 183 ALA ALA A . n 
A 1 184 ALA 184 184 184 ALA ALA A . n 
A 1 185 LYS 185 185 185 LYS LYS A . n 
A 1 186 ALA 186 186 186 ALA ALA A . n 
A 1 187 GLN 187 187 187 GLN GLN A . n 
A 1 188 SER 188 188 188 SER SER A . n 
A 1 189 ASP 189 189 189 ASP ASP A . n 
A 1 190 ALA 190 190 190 ALA ALA A . n 
A 1 191 LYS 191 191 191 LYS LYS A . n 
A 1 192 ALA 192 192 192 ALA ALA A . n 
A 1 193 ALA 193 193 193 ALA ALA A . n 
A 1 194 ILE 194 194 194 ILE ILE A . n 
A 1 195 ASP 195 195 195 ASP ASP A . n 
A 1 196 SER 196 196 196 SER SER A . n 
A 1 197 ILE 197 197 197 ILE ILE A . n 
A 1 198 VAL 198 198 198 VAL VAL A . n 
A 1 199 SER 199 199 199 SER SER A . n 
A 1 200 ALA 200 200 200 ALA ALA A . n 
# 
loop_
_pdbx_nonpoly_scheme.asym_id 
_pdbx_nonpoly_scheme.entity_id 
_pdbx_nonpoly_scheme.mon_id 
_pdbx_nonpoly_scheme.ndb_seq_num 
_pdbx_nonpoly_scheme.pdb_seq_num 
_pdbx_nonpoly_scheme.auth_seq_num 
_pdbx_nonpoly_scheme.pdb_mon_id 
_pdbx_nonpoly_scheme.auth_mon_id 
_pdbx_nonpoly_scheme.pdb_strand_id 
_pdbx_nonpoly_scheme.pdb_ins_code 
B 2 FMN 1  201 201 FMN FMN A . 
C 3 DTC 1  202 202 DTC DTC A . 
D 4 GOL 1  203 203 GOL GOL A . 
E 5 HOH 1  204 1   HOH HOH A . 
E 5 HOH 2  205 2   HOH HOH A . 
E 5 HOH 3  206 3   HOH HOH A . 
E 5 HOH 4  207 4   HOH HOH A . 
E 5 HOH 5  208 5   HOH HOH A . 
E 5 HOH 6  209 6   HOH HOH A . 
E 5 HOH 7  210 7   HOH HOH A . 
E 5 HOH 8  211 8   HOH HOH A . 
E 5 HOH 9  212 9   HOH HOH A . 
E 5 HOH 10 213 10  HOH HOH A . 
E 5 HOH 11 214 11  HOH HOH A . 
E 5 HOH 12 215 12  HOH HOH A . 
E 5 HOH 13 216 13  HOH HOH A . 
E 5 HOH 14 217 14  HOH HOH A . 
E 5 HOH 15 218 15  HOH HOH A . 
E 5 HOH 16 219 16  HOH HOH A . 
E 5 HOH 17 220 17  HOH HOH A . 
E 5 HOH 18 221 18  HOH HOH A . 
E 5 HOH 19 222 19  HOH HOH A . 
E 5 HOH 20 223 20  HOH HOH A . 
E 5 HOH 21 224 21  HOH HOH A . 
E 5 HOH 22 225 22  HOH HOH A . 
E 5 HOH 23 226 23  HOH HOH A . 
E 5 HOH 24 227 24  HOH HOH A . 
E 5 HOH 25 228 25  HOH HOH A . 
E 5 HOH 26 229 26  HOH HOH A . 
E 5 HOH 27 230 27  HOH HOH A . 
E 5 HOH 28 231 28  HOH HOH A . 
E 5 HOH 29 232 29  HOH HOH A . 
E 5 HOH 30 233 30  HOH HOH A . 
E 5 HOH 31 234 31  HOH HOH A . 
E 5 HOH 32 235 32  HOH HOH A . 
E 5 HOH 33 236 33  HOH HOH A . 
E 5 HOH 34 237 34  HOH HOH A . 
E 5 HOH 35 238 35  HOH HOH A . 
E 5 HOH 36 239 36  HOH HOH A . 
E 5 HOH 37 240 37  HOH HOH A . 
E 5 HOH 38 241 38  HOH HOH A . 
E 5 HOH 39 242 39  HOH HOH A . 
E 5 HOH 40 243 40  HOH HOH A . 
E 5 HOH 41 244 41  HOH HOH A . 
E 5 HOH 42 245 42  HOH HOH A . 
E 5 HOH 43 246 43  HOH HOH A . 
E 5 HOH 44 247 44  HOH HOH A . 
E 5 HOH 45 248 45  HOH HOH A . 
E 5 HOH 46 249 46  HOH HOH A . 
E 5 HOH 47 250 47  HOH HOH A . 
E 5 HOH 48 251 48  HOH HOH A . 
E 5 HOH 49 252 49  HOH HOH A . 
E 5 HOH 50 253 50  HOH HOH A . 
E 5 HOH 51 254 51  HOH HOH A . 
E 5 HOH 52 255 52  HOH HOH A . 
E 5 HOH 53 256 53  HOH HOH A . 
E 5 HOH 54 257 54  HOH HOH A . 
E 5 HOH 55 258 55  HOH HOH A . 
E 5 HOH 56 259 56  HOH HOH A . 
E 5 HOH 57 260 57  HOH HOH A . 
E 5 HOH 58 261 58  HOH HOH A . 
E 5 HOH 59 262 59  HOH HOH A . 
E 5 HOH 60 263 60  HOH HOH A . 
E 5 HOH 61 264 61  HOH HOH A . 
E 5 HOH 62 265 62  HOH HOH A . 
E 5 HOH 63 266 63  HOH HOH A . 
E 5 HOH 64 267 64  HOH HOH A . 
E 5 HOH 65 268 65  HOH HOH A . 
E 5 HOH 66 269 66  HOH HOH A . 
E 5 HOH 67 270 67  HOH HOH A . 
E 5 HOH 68 271 68  HOH HOH A . 
# 
_pdbx_struct_assembly.id                   1 
_pdbx_struct_assembly.details              author_and_software_defined_assembly 
_pdbx_struct_assembly.method_details       PISA 
_pdbx_struct_assembly.oligomeric_details   dimeric 
_pdbx_struct_assembly.oligomeric_count     2 
# 
_pdbx_struct_assembly_gen.assembly_id       1 
_pdbx_struct_assembly_gen.oper_expression   1,2 
_pdbx_struct_assembly_gen.asym_id_list      A,B,C,D,E 
# 
loop_
_pdbx_struct_assembly_prop.biol_id 
_pdbx_struct_assembly_prop.type 
_pdbx_struct_assembly_prop.value 
_pdbx_struct_assembly_prop.details 
1 'ABSA (A^2)' 6200  ? 
1 MORE         -35.4 ? 
1 'SSA (A^2)'  16680 ? 
# 
loop_
_pdbx_struct_oper_list.id 
_pdbx_struct_oper_list.type 
_pdbx_struct_oper_list.name 
_pdbx_struct_oper_list.symmetry_operation 
_pdbx_struct_oper_list.matrix[1][1] 
_pdbx_struct_oper_list.matrix[1][2] 
_pdbx_struct_oper_list.matrix[1][3] 
_pdbx_struct_oper_list.vector[1] 
_pdbx_struct_oper_list.matrix[2][1] 
_pdbx_struct_oper_list.matrix[2][2] 
_pdbx_struct_oper_list.matrix[2][3] 
_pdbx_struct_oper_list.vector[2] 
_pdbx_struct_oper_list.matrix[3][1] 
_pdbx_struct_oper_list.matrix[3][2] 
_pdbx_struct_oper_list.matrix[3][3] 
_pdbx_struct_oper_list.vector[3] 
1 'identity operation'         1_555 x,y,z        1.0000000000  0.0000000000 0.0000000000  0.0000000000  0.0000000000 1.0000000000  0.0000000000  0.0000000000  0.0000000000  0.0000000000  1.0000000000 0.0000000000 
2 'crystal symmetry operation' 8_665 -y+1,-x+1,-z -0.9154888285 0.1178719497 -0.3846900159 24.4826838846 0.1178719497 -0.8355981075 -0.5365463690 -7.6771556095 -0.3846900159 -0.5365463690 0.7510869361 3.0261741871 
# 
loop_
_pdbx_audit_revision_history.ordinal 
_pdbx_audit_revision_history.data_content_type 
_pdbx_audit_revision_history.major_revision 
_pdbx_audit_revision_history.minor_revision 
_pdbx_audit_revision_history.revision_date 
1 'Structure model' 1 0 2008-03-11 
2 'Structure model' 1 1 2011-07-13 
3 'Structure model' 1 2 2023-11-01 
# 
_pdbx_audit_revision_details.ordinal             1 
_pdbx_audit_revision_details.revision_ordinal    1 
_pdbx_audit_revision_details.data_content_type   'Structure model' 
_pdbx_audit_revision_details.provider            repository 
_pdbx_audit_revision_details.type                'Initial release' 
_pdbx_audit_revision_details.description         ? 
_pdbx_audit_revision_details.details             ? 
# 
loop_
_pdbx_audit_revision_group.ordinal 
_pdbx_audit_revision_group.revision_ordinal 
_pdbx_audit_revision_group.data_content_type 
_pdbx_audit_revision_group.group 
1 2 'Structure model' 'Non-polymer description'   
2 2 'Structure model' 'Version format compliance' 
3 3 'Structure model' 'Data collection'           
4 3 'Structure model' 'Database references'       
5 3 'Structure model' 'Derived calculations'      
6 3 'Structure model' 'Refinement description'    
# 
loop_
_pdbx_audit_revision_category.ordinal 
_pdbx_audit_revision_category.revision_ordinal 
_pdbx_audit_revision_category.data_content_type 
_pdbx_audit_revision_category.category 
1 3 'Structure model' chem_comp_atom                
2 3 'Structure model' chem_comp_bond                
3 3 'Structure model' database_2                    
4 3 'Structure model' pdbx_initial_refinement_model 
5 3 'Structure model' struct_site                   
# 
loop_
_pdbx_audit_revision_item.ordinal 
_pdbx_audit_revision_item.revision_ordinal 
_pdbx_audit_revision_item.data_content_type 
_pdbx_audit_revision_item.item 
1 3 'Structure model' '_database_2.pdbx_DOI'                
2 3 'Structure model' '_database_2.pdbx_database_accession' 
3 3 'Structure model' '_struct_site.pdbx_auth_asym_id'      
4 3 'Structure model' '_struct_site.pdbx_auth_comp_id'      
5 3 'Structure model' '_struct_site.pdbx_auth_seq_id'       
# 
_software.name             REFMAC 
_software.classification   refinement 
_software.version          5.2.0019 
_software.citation_id      ? 
_software.pdbx_ordinal     1 
# 
loop_
_pdbx_validate_torsion.id 
_pdbx_validate_torsion.PDB_model_num 
_pdbx_validate_torsion.auth_comp_id 
_pdbx_validate_torsion.auth_asym_id 
_pdbx_validate_torsion.auth_seq_id 
_pdbx_validate_torsion.PDB_ins_code 
_pdbx_validate_torsion.label_alt_id 
_pdbx_validate_torsion.phi 
_pdbx_validate_torsion.psi 
1 1 ALA A 12  ? ? 54.98   -121.57 
2 1 VAL A 116 ? ? -135.31 -56.46  
# 
loop_
_pdbx_validate_chiral.id 
_pdbx_validate_chiral.PDB_model_num 
_pdbx_validate_chiral.auth_atom_id 
_pdbx_validate_chiral.label_alt_id 
_pdbx_validate_chiral.auth_asym_id 
_pdbx_validate_chiral.auth_comp_id 
_pdbx_validate_chiral.auth_seq_id 
_pdbx_validate_chiral.PDB_ins_code 
_pdbx_validate_chiral.details 
_pdbx_validate_chiral.omega 
1 1 C7  ? A DTC 202 ? PLANAR . 
2 1 C13 ? A DTC 202 ? PLANAR . 
# 
loop_
_pdbx_unobs_or_zero_occ_residues.id 
_pdbx_unobs_or_zero_occ_residues.PDB_model_num 
_pdbx_unobs_or_zero_occ_residues.polymer_flag 
_pdbx_unobs_or_zero_occ_residues.occupancy_flag 
_pdbx_unobs_or_zero_occ_residues.auth_asym_id 
_pdbx_unobs_or_zero_occ_residues.auth_comp_id 
_pdbx_unobs_or_zero_occ_residues.auth_seq_id 
_pdbx_unobs_or_zero_occ_residues.PDB_ins_code 
_pdbx_unobs_or_zero_occ_residues.label_asym_id 
_pdbx_unobs_or_zero_occ_residues.label_comp_id 
_pdbx_unobs_or_zero_occ_residues.label_seq_id 
1 1 Y 1 A PRO 60 ? A PRO 60 
2 1 Y 1 A SER 61 ? A SER 61 
3 1 Y 1 A ASP 62 ? A ASP 62 
# 
loop_
_chem_comp_atom.comp_id 
_chem_comp_atom.atom_id 
_chem_comp_atom.type_symbol 
_chem_comp_atom.pdbx_aromatic_flag 
_chem_comp_atom.pdbx_stereo_config 
_chem_comp_atom.pdbx_ordinal 
ALA N      N N N 1   
ALA CA     C N S 2   
ALA C      C N N 3   
ALA O      O N N 4   
ALA CB     C N N 5   
ALA OXT    O N N 6   
ALA H      H N N 7   
ALA H2     H N N 8   
ALA HA     H N N 9   
ALA HB1    H N N 10  
ALA HB2    H N N 11  
ALA HB3    H N N 12  
ALA HXT    H N N 13  
ARG N      N N N 14  
ARG CA     C N S 15  
ARG C      C N N 16  
ARG O      O N N 17  
ARG CB     C N N 18  
ARG CG     C N N 19  
ARG CD     C N N 20  
ARG NE     N N N 21  
ARG CZ     C N N 22  
ARG NH1    N N N 23  
ARG NH2    N N N 24  
ARG OXT    O N N 25  
ARG H      H N N 26  
ARG H2     H N N 27  
ARG HA     H N N 28  
ARG HB2    H N N 29  
ARG HB3    H N N 30  
ARG HG2    H N N 31  
ARG HG3    H N N 32  
ARG HD2    H N N 33  
ARG HD3    H N N 34  
ARG HE     H N N 35  
ARG HH11   H N N 36  
ARG HH12   H N N 37  
ARG HH21   H N N 38  
ARG HH22   H N N 39  
ARG HXT    H N N 40  
ASN N      N N N 41  
ASN CA     C N S 42  
ASN C      C N N 43  
ASN O      O N N 44  
ASN CB     C N N 45  
ASN CG     C N N 46  
ASN OD1    O N N 47  
ASN ND2    N N N 48  
ASN OXT    O N N 49  
ASN H      H N N 50  
ASN H2     H N N 51  
ASN HA     H N N 52  
ASN HB2    H N N 53  
ASN HB3    H N N 54  
ASN HD21   H N N 55  
ASN HD22   H N N 56  
ASN HXT    H N N 57  
ASP N      N N N 58  
ASP CA     C N S 59  
ASP C      C N N 60  
ASP O      O N N 61  
ASP CB     C N N 62  
ASP CG     C N N 63  
ASP OD1    O N N 64  
ASP OD2    O N N 65  
ASP OXT    O N N 66  
ASP H      H N N 67  
ASP H2     H N N 68  
ASP HA     H N N 69  
ASP HB2    H N N 70  
ASP HB3    H N N 71  
ASP HD2    H N N 72  
ASP HXT    H N N 73  
DTC O5     O N N 74  
DTC C10    C Y N 75  
DTC C9     C Y N 76  
DTC C8     C N N 77  
DTC O17    O N N 78  
DTC C7     C N R 79  
DTC C15    C N N 80  
DTC C6     C N N 81  
DTC O16    O N N 82  
DTC C1     C Y N 83  
DTC C2     C Y N 84  
DTC C3     C Y N 85  
DTC C4     C Y N 86  
DTC C5     C Y N 87  
DTC C20    C Y N 88  
DTC C19    C Y N 89  
DTC C18    C Y N 90  
DTC C17    C Y N 91  
DTC C16    C Y N 92  
DTC O21    O N N 93  
DTC C12    C N N 94  
DTC O32    O N N 95  
DTC C13    C N S 96  
DTC C14    C N N 97  
DTC O38    O N N 98  
DTC HC7    H N N 99  
DTC H151   H N N 100 
DTC H152   H N N 101 
DTC HC1    H N N 102 
DTC HC2    H N N 103 
DTC HC3    H N N 104 
DTC HC4    H N N 105 
DTC HC5    H N N 106 
DTC H18    H N N 107 
DTC H17    H N N 108 
DTC H16    H N N 109 
DTC H13    H N N 110 
FMN N1     N N N 111 
FMN C2     C N N 112 
FMN O2     O N N 113 
FMN N3     N N N 114 
FMN C4     C N N 115 
FMN O4     O N N 116 
FMN C4A    C N N 117 
FMN N5     N N N 118 
FMN C5A    C Y N 119 
FMN C6     C Y N 120 
FMN C7     C Y N 121 
FMN C7M    C N N 122 
FMN C8     C Y N 123 
FMN C8M    C N N 124 
FMN C9     C Y N 125 
FMN C9A    C Y N 126 
FMN N10    N N N 127 
FMN C10    C N N 128 
FMN "C1'"  C N N 129 
FMN "C2'"  C N S 130 
FMN "O2'"  O N N 131 
FMN "C3'"  C N S 132 
FMN "O3'"  O N N 133 
FMN "C4'"  C N R 134 
FMN "O4'"  O N N 135 
FMN "C5'"  C N N 136 
FMN "O5'"  O N N 137 
FMN P      P N N 138 
FMN O1P    O N N 139 
FMN O2P    O N N 140 
FMN O3P    O N N 141 
FMN HN3    H N N 142 
FMN H6     H N N 143 
FMN HM71   H N N 144 
FMN HM72   H N N 145 
FMN HM73   H N N 146 
FMN HM81   H N N 147 
FMN HM82   H N N 148 
FMN HM83   H N N 149 
FMN H9     H N N 150 
FMN "H1'1" H N N 151 
FMN "H1'2" H N N 152 
FMN "H2'"  H N N 153 
FMN "HO2'" H N N 154 
FMN "H3'"  H N N 155 
FMN "HO3'" H N N 156 
FMN "H4'"  H N N 157 
FMN "HO4'" H N N 158 
FMN "H5'1" H N N 159 
FMN "H5'2" H N N 160 
FMN HOP2   H N N 161 
FMN HOP3   H N N 162 
GLN N      N N N 163 
GLN CA     C N S 164 
GLN C      C N N 165 
GLN O      O N N 166 
GLN CB     C N N 167 
GLN CG     C N N 168 
GLN CD     C N N 169 
GLN OE1    O N N 170 
GLN NE2    N N N 171 
GLN OXT    O N N 172 
GLN H      H N N 173 
GLN H2     H N N 174 
GLN HA     H N N 175 
GLN HB2    H N N 176 
GLN HB3    H N N 177 
GLN HG2    H N N 178 
GLN HG3    H N N 179 
GLN HE21   H N N 180 
GLN HE22   H N N 181 
GLN HXT    H N N 182 
GLU N      N N N 183 
GLU CA     C N S 184 
GLU C      C N N 185 
GLU O      O N N 186 
GLU CB     C N N 187 
GLU CG     C N N 188 
GLU CD     C N N 189 
GLU OE1    O N N 190 
GLU OE2    O N N 191 
GLU OXT    O N N 192 
GLU H      H N N 193 
GLU H2     H N N 194 
GLU HA     H N N 195 
GLU HB2    H N N 196 
GLU HB3    H N N 197 
GLU HG2    H N N 198 
GLU HG3    H N N 199 
GLU HE2    H N N 200 
GLU HXT    H N N 201 
GLY N      N N N 202 
GLY CA     C N N 203 
GLY C      C N N 204 
GLY O      O N N 205 
GLY OXT    O N N 206 
GLY H      H N N 207 
GLY H2     H N N 208 
GLY HA2    H N N 209 
GLY HA3    H N N 210 
GLY HXT    H N N 211 
GOL C1     C N N 212 
GOL O1     O N N 213 
GOL C2     C N N 214 
GOL O2     O N N 215 
GOL C3     C N N 216 
GOL O3     O N N 217 
GOL H11    H N N 218 
GOL H12    H N N 219 
GOL HO1    H N N 220 
GOL H2     H N N 221 
GOL HO2    H N N 222 
GOL H31    H N N 223 
GOL H32    H N N 224 
GOL HO3    H N N 225 
HIS N      N N N 226 
HIS CA     C N S 227 
HIS C      C N N 228 
HIS O      O N N 229 
HIS CB     C N N 230 
HIS CG     C Y N 231 
HIS ND1    N Y N 232 
HIS CD2    C Y N 233 
HIS CE1    C Y N 234 
HIS NE2    N Y N 235 
HIS OXT    O N N 236 
HIS H      H N N 237 
HIS H2     H N N 238 
HIS HA     H N N 239 
HIS HB2    H N N 240 
HIS HB3    H N N 241 
HIS HD1    H N N 242 
HIS HD2    H N N 243 
HIS HE1    H N N 244 
HIS HE2    H N N 245 
HIS HXT    H N N 246 
HOH O      O N N 247 
HOH H1     H N N 248 
HOH H2     H N N 249 
ILE N      N N N 250 
ILE CA     C N S 251 
ILE C      C N N 252 
ILE O      O N N 253 
ILE CB     C N S 254 
ILE CG1    C N N 255 
ILE CG2    C N N 256 
ILE CD1    C N N 257 
ILE OXT    O N N 258 
ILE H      H N N 259 
ILE H2     H N N 260 
ILE HA     H N N 261 
ILE HB     H N N 262 
ILE HG12   H N N 263 
ILE HG13   H N N 264 
ILE HG21   H N N 265 
ILE HG22   H N N 266 
ILE HG23   H N N 267 
ILE HD11   H N N 268 
ILE HD12   H N N 269 
ILE HD13   H N N 270 
ILE HXT    H N N 271 
LEU N      N N N 272 
LEU CA     C N S 273 
LEU C      C N N 274 
LEU O      O N N 275 
LEU CB     C N N 276 
LEU CG     C N N 277 
LEU CD1    C N N 278 
LEU CD2    C N N 279 
LEU OXT    O N N 280 
LEU H      H N N 281 
LEU H2     H N N 282 
LEU HA     H N N 283 
LEU HB2    H N N 284 
LEU HB3    H N N 285 
LEU HG     H N N 286 
LEU HD11   H N N 287 
LEU HD12   H N N 288 
LEU HD13   H N N 289 
LEU HD21   H N N 290 
LEU HD22   H N N 291 
LEU HD23   H N N 292 
LEU HXT    H N N 293 
LYS N      N N N 294 
LYS CA     C N S 295 
LYS C      C N N 296 
LYS O      O N N 297 
LYS CB     C N N 298 
LYS CG     C N N 299 
LYS CD     C N N 300 
LYS CE     C N N 301 
LYS NZ     N N N 302 
LYS OXT    O N N 303 
LYS H      H N N 304 
LYS H2     H N N 305 
LYS HA     H N N 306 
LYS HB2    H N N 307 
LYS HB3    H N N 308 
LYS HG2    H N N 309 
LYS HG3    H N N 310 
LYS HD2    H N N 311 
LYS HD3    H N N 312 
LYS HE2    H N N 313 
LYS HE3    H N N 314 
LYS HZ1    H N N 315 
LYS HZ2    H N N 316 
LYS HZ3    H N N 317 
LYS HXT    H N N 318 
MET N      N N N 319 
MET CA     C N S 320 
MET C      C N N 321 
MET O      O N N 322 
MET CB     C N N 323 
MET CG     C N N 324 
MET SD     S N N 325 
MET CE     C N N 326 
MET OXT    O N N 327 
MET H      H N N 328 
MET H2     H N N 329 
MET HA     H N N 330 
MET HB2    H N N 331 
MET HB3    H N N 332 
MET HG2    H N N 333 
MET HG3    H N N 334 
MET HE1    H N N 335 
MET HE2    H N N 336 
MET HE3    H N N 337 
MET HXT    H N N 338 
PHE N      N N N 339 
PHE CA     C N S 340 
PHE C      C N N 341 
PHE O      O N N 342 
PHE CB     C N N 343 
PHE CG     C Y N 344 
PHE CD1    C Y N 345 
PHE CD2    C Y N 346 
PHE CE1    C Y N 347 
PHE CE2    C Y N 348 
PHE CZ     C Y N 349 
PHE OXT    O N N 350 
PHE H      H N N 351 
PHE H2     H N N 352 
PHE HA     H N N 353 
PHE HB2    H N N 354 
PHE HB3    H N N 355 
PHE HD1    H N N 356 
PHE HD2    H N N 357 
PHE HE1    H N N 358 
PHE HE2    H N N 359 
PHE HZ     H N N 360 
PHE HXT    H N N 361 
PRO N      N N N 362 
PRO CA     C N S 363 
PRO C      C N N 364 
PRO O      O N N 365 
PRO CB     C N N 366 
PRO CG     C N N 367 
PRO CD     C N N 368 
PRO OXT    O N N 369 
PRO H      H N N 370 
PRO HA     H N N 371 
PRO HB2    H N N 372 
PRO HB3    H N N 373 
PRO HG2    H N N 374 
PRO HG3    H N N 375 
PRO HD2    H N N 376 
PRO HD3    H N N 377 
PRO HXT    H N N 378 
SER N      N N N 379 
SER CA     C N S 380 
SER C      C N N 381 
SER O      O N N 382 
SER CB     C N N 383 
SER OG     O N N 384 
SER OXT    O N N 385 
SER H      H N N 386 
SER H2     H N N 387 
SER HA     H N N 388 
SER HB2    H N N 389 
SER HB3    H N N 390 
SER HG     H N N 391 
SER HXT    H N N 392 
THR N      N N N 393 
THR CA     C N S 394 
THR C      C N N 395 
THR O      O N N 396 
THR CB     C N R 397 
THR OG1    O N N 398 
THR CG2    C N N 399 
THR OXT    O N N 400 
THR H      H N N 401 
THR H2     H N N 402 
THR HA     H N N 403 
THR HB     H N N 404 
THR HG1    H N N 405 
THR HG21   H N N 406 
THR HG22   H N N 407 
THR HG23   H N N 408 
THR HXT    H N N 409 
TRP N      N N N 410 
TRP CA     C N S 411 
TRP C      C N N 412 
TRP O      O N N 413 
TRP CB     C N N 414 
TRP CG     C Y N 415 
TRP CD1    C Y N 416 
TRP CD2    C Y N 417 
TRP NE1    N Y N 418 
TRP CE2    C Y N 419 
TRP CE3    C Y N 420 
TRP CZ2    C Y N 421 
TRP CZ3    C Y N 422 
TRP CH2    C Y N 423 
TRP OXT    O N N 424 
TRP H      H N N 425 
TRP H2     H N N 426 
TRP HA     H N N 427 
TRP HB2    H N N 428 
TRP HB3    H N N 429 
TRP HD1    H N N 430 
TRP HE1    H N N 431 
TRP HE3    H N N 432 
TRP HZ2    H N N 433 
TRP HZ3    H N N 434 
TRP HH2    H N N 435 
TRP HXT    H N N 436 
TYR N      N N N 437 
TYR CA     C N S 438 
TYR C      C N N 439 
TYR O      O N N 440 
TYR CB     C N N 441 
TYR CG     C Y N 442 
TYR CD1    C Y N 443 
TYR CD2    C Y N 444 
TYR CE1    C Y N 445 
TYR CE2    C Y N 446 
TYR CZ     C Y N 447 
TYR OH     O N N 448 
TYR OXT    O N N 449 
TYR H      H N N 450 
TYR H2     H N N 451 
TYR HA     H N N 452 
TYR HB2    H N N 453 
TYR HB3    H N N 454 
TYR HD1    H N N 455 
TYR HD2    H N N 456 
TYR HE1    H N N 457 
TYR HE2    H N N 458 
TYR HH     H N N 459 
TYR HXT    H N N 460 
VAL N      N N N 461 
VAL CA     C N S 462 
VAL C      C N N 463 
VAL O      O N N 464 
VAL CB     C N N 465 
VAL CG1    C N N 466 
VAL CG2    C N N 467 
VAL OXT    O N N 468 
VAL H      H N N 469 
VAL H2     H N N 470 
VAL HA     H N N 471 
VAL HB     H N N 472 
VAL HG11   H N N 473 
VAL HG12   H N N 474 
VAL HG13   H N N 475 
VAL HG21   H N N 476 
VAL HG22   H N N 477 
VAL HG23   H N N 478 
VAL HXT    H N N 479 
# 
loop_
_chem_comp_bond.comp_id 
_chem_comp_bond.atom_id_1 
_chem_comp_bond.atom_id_2 
_chem_comp_bond.value_order 
_chem_comp_bond.pdbx_aromatic_flag 
_chem_comp_bond.pdbx_stereo_config 
_chem_comp_bond.pdbx_ordinal 
ALA N     CA     sing N N 1   
ALA N     H      sing N N 2   
ALA N     H2     sing N N 3   
ALA CA    C      sing N N 4   
ALA CA    CB     sing N N 5   
ALA CA    HA     sing N N 6   
ALA C     O      doub N N 7   
ALA C     OXT    sing N N 8   
ALA CB    HB1    sing N N 9   
ALA CB    HB2    sing N N 10  
ALA CB    HB3    sing N N 11  
ALA OXT   HXT    sing N N 12  
ARG N     CA     sing N N 13  
ARG N     H      sing N N 14  
ARG N     H2     sing N N 15  
ARG CA    C      sing N N 16  
ARG CA    CB     sing N N 17  
ARG CA    HA     sing N N 18  
ARG C     O      doub N N 19  
ARG C     OXT    sing N N 20  
ARG CB    CG     sing N N 21  
ARG CB    HB2    sing N N 22  
ARG CB    HB3    sing N N 23  
ARG CG    CD     sing N N 24  
ARG CG    HG2    sing N N 25  
ARG CG    HG3    sing N N 26  
ARG CD    NE     sing N N 27  
ARG CD    HD2    sing N N 28  
ARG CD    HD3    sing N N 29  
ARG NE    CZ     sing N N 30  
ARG NE    HE     sing N N 31  
ARG CZ    NH1    sing N N 32  
ARG CZ    NH2    doub N N 33  
ARG NH1   HH11   sing N N 34  
ARG NH1   HH12   sing N N 35  
ARG NH2   HH21   sing N N 36  
ARG NH2   HH22   sing N N 37  
ARG OXT   HXT    sing N N 38  
ASN N     CA     sing N N 39  
ASN N     H      sing N N 40  
ASN N     H2     sing N N 41  
ASN CA    C      sing N N 42  
ASN CA    CB     sing N N 43  
ASN CA    HA     sing N N 44  
ASN C     O      doub N N 45  
ASN C     OXT    sing N N 46  
ASN CB    CG     sing N N 47  
ASN CB    HB2    sing N N 48  
ASN CB    HB3    sing N N 49  
ASN CG    OD1    doub N N 50  
ASN CG    ND2    sing N N 51  
ASN ND2   HD21   sing N N 52  
ASN ND2   HD22   sing N N 53  
ASN OXT   HXT    sing N N 54  
ASP N     CA     sing N N 55  
ASP N     H      sing N N 56  
ASP N     H2     sing N N 57  
ASP CA    C      sing N N 58  
ASP CA    CB     sing N N 59  
ASP CA    HA     sing N N 60  
ASP C     O      doub N N 61  
ASP C     OXT    sing N N 62  
ASP CB    CG     sing N N 63  
ASP CB    HB2    sing N N 64  
ASP CB    HB3    sing N N 65  
ASP CG    OD1    doub N N 66  
ASP CG    OD2    sing N N 67  
ASP OD2   HD2    sing N N 68  
ASP OXT   HXT    sing N N 69  
DTC O5    C10    sing N N 70  
DTC O5    C6     sing N N 71  
DTC C10   C9     doub Y N 72  
DTC C10   C4     sing Y N 73  
DTC C9    C8     sing N N 74  
DTC C9    C1     sing Y N 75  
DTC C8    O17    doub N N 76  
DTC C8    C7     sing N N 77  
DTC C7    C15    sing N N 78  
DTC C7    C6     sing N N 79  
DTC C7    HC7    sing N N 80  
DTC C15   C13    sing N N 81  
DTC C15   H151   sing N N 82  
DTC C15   H152   sing N N 83  
DTC C6    O16    doub N N 84  
DTC C1    C2     doub Y N 85  
DTC C1    HC1    sing N N 86  
DTC C2    C3     sing Y N 87  
DTC C2    HC2    sing N N 88  
DTC C3    C4     doub Y N 89  
DTC C3    HC3    sing N N 90  
DTC C4    HC4    sing N N 91  
DTC C5    C20    doub Y N 92  
DTC C5    C16    sing Y N 93  
DTC C5    HC5    sing N N 94  
DTC C20   C19    sing Y N 95  
DTC C20   C14    sing N N 96  
DTC C19   C18    doub Y N 97  
DTC C19   O21    sing N N 98  
DTC C18   C17    sing Y N 99  
DTC C18   H18    sing N N 100 
DTC C17   C16    doub Y N 101 
DTC C17   H17    sing N N 102 
DTC C16   H16    sing N N 103 
DTC O21   C12    sing N N 104 
DTC C12   O32    doub N N 105 
DTC C12   C13    sing N N 106 
DTC C13   C14    sing N N 107 
DTC C13   H13    sing N N 108 
DTC C14   O38    doub N N 109 
FMN N1    C2     sing N N 110 
FMN N1    C10    doub N N 111 
FMN C2    O2     doub N N 112 
FMN C2    N3     sing N N 113 
FMN N3    C4     sing N N 114 
FMN N3    HN3    sing N N 115 
FMN C4    O4     doub N N 116 
FMN C4    C4A    sing N N 117 
FMN C4A   N5     doub N N 118 
FMN C4A   C10    sing N N 119 
FMN N5    C5A    sing N N 120 
FMN C5A   C6     doub Y N 121 
FMN C5A   C9A    sing Y N 122 
FMN C6    C7     sing Y N 123 
FMN C6    H6     sing N N 124 
FMN C7    C7M    sing N N 125 
FMN C7    C8     doub Y N 126 
FMN C7M   HM71   sing N N 127 
FMN C7M   HM72   sing N N 128 
FMN C7M   HM73   sing N N 129 
FMN C8    C8M    sing N N 130 
FMN C8    C9     sing Y N 131 
FMN C8M   HM81   sing N N 132 
FMN C8M   HM82   sing N N 133 
FMN C8M   HM83   sing N N 134 
FMN C9    C9A    doub Y N 135 
FMN C9    H9     sing N N 136 
FMN C9A   N10    sing N N 137 
FMN N10   C10    sing N N 138 
FMN N10   "C1'"  sing N N 139 
FMN "C1'" "C2'"  sing N N 140 
FMN "C1'" "H1'1" sing N N 141 
FMN "C1'" "H1'2" sing N N 142 
FMN "C2'" "O2'"  sing N N 143 
FMN "C2'" "C3'"  sing N N 144 
FMN "C2'" "H2'"  sing N N 145 
FMN "O2'" "HO2'" sing N N 146 
FMN "C3'" "O3'"  sing N N 147 
FMN "C3'" "C4'"  sing N N 148 
FMN "C3'" "H3'"  sing N N 149 
FMN "O3'" "HO3'" sing N N 150 
FMN "C4'" "O4'"  sing N N 151 
FMN "C4'" "C5'"  sing N N 152 
FMN "C4'" "H4'"  sing N N 153 
FMN "O4'" "HO4'" sing N N 154 
FMN "C5'" "O5'"  sing N N 155 
FMN "C5'" "H5'1" sing N N 156 
FMN "C5'" "H5'2" sing N N 157 
FMN "O5'" P      sing N N 158 
FMN P     O1P    doub N N 159 
FMN P     O2P    sing N N 160 
FMN P     O3P    sing N N 161 
FMN O2P   HOP2   sing N N 162 
FMN O3P   HOP3   sing N N 163 
GLN N     CA     sing N N 164 
GLN N     H      sing N N 165 
GLN N     H2     sing N N 166 
GLN CA    C      sing N N 167 
GLN CA    CB     sing N N 168 
GLN CA    HA     sing N N 169 
GLN C     O      doub N N 170 
GLN C     OXT    sing N N 171 
GLN CB    CG     sing N N 172 
GLN CB    HB2    sing N N 173 
GLN CB    HB3    sing N N 174 
GLN CG    CD     sing N N 175 
GLN CG    HG2    sing N N 176 
GLN CG    HG3    sing N N 177 
GLN CD    OE1    doub N N 178 
GLN CD    NE2    sing N N 179 
GLN NE2   HE21   sing N N 180 
GLN NE2   HE22   sing N N 181 
GLN OXT   HXT    sing N N 182 
GLU N     CA     sing N N 183 
GLU N     H      sing N N 184 
GLU N     H2     sing N N 185 
GLU CA    C      sing N N 186 
GLU CA    CB     sing N N 187 
GLU CA    HA     sing N N 188 
GLU C     O      doub N N 189 
GLU C     OXT    sing N N 190 
GLU CB    CG     sing N N 191 
GLU CB    HB2    sing N N 192 
GLU CB    HB3    sing N N 193 
GLU CG    CD     sing N N 194 
GLU CG    HG2    sing N N 195 
GLU CG    HG3    sing N N 196 
GLU CD    OE1    doub N N 197 
GLU CD    OE2    sing N N 198 
GLU OE2   HE2    sing N N 199 
GLU OXT   HXT    sing N N 200 
GLY N     CA     sing N N 201 
GLY N     H      sing N N 202 
GLY N     H2     sing N N 203 
GLY CA    C      sing N N 204 
GLY CA    HA2    sing N N 205 
GLY CA    HA3    sing N N 206 
GLY C     O      doub N N 207 
GLY C     OXT    sing N N 208 
GLY OXT   HXT    sing N N 209 
GOL C1    O1     sing N N 210 
GOL C1    C2     sing N N 211 
GOL C1    H11    sing N N 212 
GOL C1    H12    sing N N 213 
GOL O1    HO1    sing N N 214 
GOL C2    O2     sing N N 215 
GOL C2    C3     sing N N 216 
GOL C2    H2     sing N N 217 
GOL O2    HO2    sing N N 218 
GOL C3    O3     sing N N 219 
GOL C3    H31    sing N N 220 
GOL C3    H32    sing N N 221 
GOL O3    HO3    sing N N 222 
HIS N     CA     sing N N 223 
HIS N     H      sing N N 224 
HIS N     H2     sing N N 225 
HIS CA    C      sing N N 226 
HIS CA    CB     sing N N 227 
HIS CA    HA     sing N N 228 
HIS C     O      doub N N 229 
HIS C     OXT    sing N N 230 
HIS CB    CG     sing N N 231 
HIS CB    HB2    sing N N 232 
HIS CB    HB3    sing N N 233 
HIS CG    ND1    sing Y N 234 
HIS CG    CD2    doub Y N 235 
HIS ND1   CE1    doub Y N 236 
HIS ND1   HD1    sing N N 237 
HIS CD2   NE2    sing Y N 238 
HIS CD2   HD2    sing N N 239 
HIS CE1   NE2    sing Y N 240 
HIS CE1   HE1    sing N N 241 
HIS NE2   HE2    sing N N 242 
HIS OXT   HXT    sing N N 243 
HOH O     H1     sing N N 244 
HOH O     H2     sing N N 245 
ILE N     CA     sing N N 246 
ILE N     H      sing N N 247 
ILE N     H2     sing N N 248 
ILE CA    C      sing N N 249 
ILE CA    CB     sing N N 250 
ILE CA    HA     sing N N 251 
ILE C     O      doub N N 252 
ILE C     OXT    sing N N 253 
ILE CB    CG1    sing N N 254 
ILE CB    CG2    sing N N 255 
ILE CB    HB     sing N N 256 
ILE CG1   CD1    sing N N 257 
ILE CG1   HG12   sing N N 258 
ILE CG1   HG13   sing N N 259 
ILE CG2   HG21   sing N N 260 
ILE CG2   HG22   sing N N 261 
ILE CG2   HG23   sing N N 262 
ILE CD1   HD11   sing N N 263 
ILE CD1   HD12   sing N N 264 
ILE CD1   HD13   sing N N 265 
ILE OXT   HXT    sing N N 266 
LEU N     CA     sing N N 267 
LEU N     H      sing N N 268 
LEU N     H2     sing N N 269 
LEU CA    C      sing N N 270 
LEU CA    CB     sing N N 271 
LEU CA    HA     sing N N 272 
LEU C     O      doub N N 273 
LEU C     OXT    sing N N 274 
LEU CB    CG     sing N N 275 
LEU CB    HB2    sing N N 276 
LEU CB    HB3    sing N N 277 
LEU CG    CD1    sing N N 278 
LEU CG    CD2    sing N N 279 
LEU CG    HG     sing N N 280 
LEU CD1   HD11   sing N N 281 
LEU CD1   HD12   sing N N 282 
LEU CD1   HD13   sing N N 283 
LEU CD2   HD21   sing N N 284 
LEU CD2   HD22   sing N N 285 
LEU CD2   HD23   sing N N 286 
LEU OXT   HXT    sing N N 287 
LYS N     CA     sing N N 288 
LYS N     H      sing N N 289 
LYS N     H2     sing N N 290 
LYS CA    C      sing N N 291 
LYS CA    CB     sing N N 292 
LYS CA    HA     sing N N 293 
LYS C     O      doub N N 294 
LYS C     OXT    sing N N 295 
LYS CB    CG     sing N N 296 
LYS CB    HB2    sing N N 297 
LYS CB    HB3    sing N N 298 
LYS CG    CD     sing N N 299 
LYS CG    HG2    sing N N 300 
LYS CG    HG3    sing N N 301 
LYS CD    CE     sing N N 302 
LYS CD    HD2    sing N N 303 
LYS CD    HD3    sing N N 304 
LYS CE    NZ     sing N N 305 
LYS CE    HE2    sing N N 306 
LYS CE    HE3    sing N N 307 
LYS NZ    HZ1    sing N N 308 
LYS NZ    HZ2    sing N N 309 
LYS NZ    HZ3    sing N N 310 
LYS OXT   HXT    sing N N 311 
MET N     CA     sing N N 312 
MET N     H      sing N N 313 
MET N     H2     sing N N 314 
MET CA    C      sing N N 315 
MET CA    CB     sing N N 316 
MET CA    HA     sing N N 317 
MET C     O      doub N N 318 
MET C     OXT    sing N N 319 
MET CB    CG     sing N N 320 
MET CB    HB2    sing N N 321 
MET CB    HB3    sing N N 322 
MET CG    SD     sing N N 323 
MET CG    HG2    sing N N 324 
MET CG    HG3    sing N N 325 
MET SD    CE     sing N N 326 
MET CE    HE1    sing N N 327 
MET CE    HE2    sing N N 328 
MET CE    HE3    sing N N 329 
MET OXT   HXT    sing N N 330 
PHE N     CA     sing N N 331 
PHE N     H      sing N N 332 
PHE N     H2     sing N N 333 
PHE CA    C      sing N N 334 
PHE CA    CB     sing N N 335 
PHE CA    HA     sing N N 336 
PHE C     O      doub N N 337 
PHE C     OXT    sing N N 338 
PHE CB    CG     sing N N 339 
PHE CB    HB2    sing N N 340 
PHE CB    HB3    sing N N 341 
PHE CG    CD1    doub Y N 342 
PHE CG    CD2    sing Y N 343 
PHE CD1   CE1    sing Y N 344 
PHE CD1   HD1    sing N N 345 
PHE CD2   CE2    doub Y N 346 
PHE CD2   HD2    sing N N 347 
PHE CE1   CZ     doub Y N 348 
PHE CE1   HE1    sing N N 349 
PHE CE2   CZ     sing Y N 350 
PHE CE2   HE2    sing N N 351 
PHE CZ    HZ     sing N N 352 
PHE OXT   HXT    sing N N 353 
PRO N     CA     sing N N 354 
PRO N     CD     sing N N 355 
PRO N     H      sing N N 356 
PRO CA    C      sing N N 357 
PRO CA    CB     sing N N 358 
PRO CA    HA     sing N N 359 
PRO C     O      doub N N 360 
PRO C     OXT    sing N N 361 
PRO CB    CG     sing N N 362 
PRO CB    HB2    sing N N 363 
PRO CB    HB3    sing N N 364 
PRO CG    CD     sing N N 365 
PRO CG    HG2    sing N N 366 
PRO CG    HG3    sing N N 367 
PRO CD    HD2    sing N N 368 
PRO CD    HD3    sing N N 369 
PRO OXT   HXT    sing N N 370 
SER N     CA     sing N N 371 
SER N     H      sing N N 372 
SER N     H2     sing N N 373 
SER CA    C      sing N N 374 
SER CA    CB     sing N N 375 
SER CA    HA     sing N N 376 
SER C     O      doub N N 377 
SER C     OXT    sing N N 378 
SER CB    OG     sing N N 379 
SER CB    HB2    sing N N 380 
SER CB    HB3    sing N N 381 
SER OG    HG     sing N N 382 
SER OXT   HXT    sing N N 383 
THR N     CA     sing N N 384 
THR N     H      sing N N 385 
THR N     H2     sing N N 386 
THR CA    C      sing N N 387 
THR CA    CB     sing N N 388 
THR CA    HA     sing N N 389 
THR C     O      doub N N 390 
THR C     OXT    sing N N 391 
THR CB    OG1    sing N N 392 
THR CB    CG2    sing N N 393 
THR CB    HB     sing N N 394 
THR OG1   HG1    sing N N 395 
THR CG2   HG21   sing N N 396 
THR CG2   HG22   sing N N 397 
THR CG2   HG23   sing N N 398 
THR OXT   HXT    sing N N 399 
TRP N     CA     sing N N 400 
TRP N     H      sing N N 401 
TRP N     H2     sing N N 402 
TRP CA    C      sing N N 403 
TRP CA    CB     sing N N 404 
TRP CA    HA     sing N N 405 
TRP C     O      doub N N 406 
TRP C     OXT    sing N N 407 
TRP CB    CG     sing N N 408 
TRP CB    HB2    sing N N 409 
TRP CB    HB3    sing N N 410 
TRP CG    CD1    doub Y N 411 
TRP CG    CD2    sing Y N 412 
TRP CD1   NE1    sing Y N 413 
TRP CD1   HD1    sing N N 414 
TRP CD2   CE2    doub Y N 415 
TRP CD2   CE3    sing Y N 416 
TRP NE1   CE2    sing Y N 417 
TRP NE1   HE1    sing N N 418 
TRP CE2   CZ2    sing Y N 419 
TRP CE3   CZ3    doub Y N 420 
TRP CE3   HE3    sing N N 421 
TRP CZ2   CH2    doub Y N 422 
TRP CZ2   HZ2    sing N N 423 
TRP CZ3   CH2    sing Y N 424 
TRP CZ3   HZ3    sing N N 425 
TRP CH2   HH2    sing N N 426 
TRP OXT   HXT    sing N N 427 
TYR N     CA     sing N N 428 
TYR N     H      sing N N 429 
TYR N     H2     sing N N 430 
TYR CA    C      sing N N 431 
TYR CA    CB     sing N N 432 
TYR CA    HA     sing N N 433 
TYR C     O      doub N N 434 
TYR C     OXT    sing N N 435 
TYR CB    CG     sing N N 436 
TYR CB    HB2    sing N N 437 
TYR CB    HB3    sing N N 438 
TYR CG    CD1    doub Y N 439 
TYR CG    CD2    sing Y N 440 
TYR CD1   CE1    sing Y N 441 
TYR CD1   HD1    sing N N 442 
TYR CD2   CE2    doub Y N 443 
TYR CD2   HD2    sing N N 444 
TYR CE1   CZ     doub Y N 445 
TYR CE1   HE1    sing N N 446 
TYR CE2   CZ     sing Y N 447 
TYR CE2   HE2    sing N N 448 
TYR CZ    OH     sing N N 449 
TYR OH    HH     sing N N 450 
TYR OXT   HXT    sing N N 451 
VAL N     CA     sing N N 452 
VAL N     H      sing N N 453 
VAL N     H2     sing N N 454 
VAL CA    C      sing N N 455 
VAL CA    CB     sing N N 456 
VAL CA    HA     sing N N 457 
VAL C     O      doub N N 458 
VAL C     OXT    sing N N 459 
VAL CB    CG1    sing N N 460 
VAL CB    CG2    sing N N 461 
VAL CB    HB     sing N N 462 
VAL CG1   HG11   sing N N 463 
VAL CG1   HG12   sing N N 464 
VAL CG1   HG13   sing N N 465 
VAL CG2   HG21   sing N N 466 
VAL CG2   HG22   sing N N 467 
VAL CG2   HG23   sing N N 468 
VAL OXT   HXT    sing N N 469 
# 
loop_
_pdbx_entity_nonpoly.entity_id 
_pdbx_entity_nonpoly.name 
_pdbx_entity_nonpoly.comp_id 
2 'FLAVIN MONONUCLEOTIDE'                             FMN 
3 'BISHYDROXY[2H-1-BENZOPYRAN-2-ONE,1,2-BENZOPYRONE]' DTC 
4 GLYCEROL                                            GOL 
5 water                                               HOH 
# 
_pdbx_initial_refinement_model.id               1 
_pdbx_initial_refinement_model.entity_id_list   ? 
_pdbx_initial_refinement_model.type             'experimental model' 
_pdbx_initial_refinement_model.source_name      PDB 
_pdbx_initial_refinement_model.accession_code   1V4B 
_pdbx_initial_refinement_model.details          'PDB ID 1V4B' 
# 
